data_1HBG
# 
_entry.id   1HBG 
# 
_audit_conform.dict_name       mmcif_pdbx.dic 
_audit_conform.dict_version    5.386 
_audit_conform.dict_location   http://mmcif.pdb.org/dictionaries/ascii/mmcif_pdbx.dic 
# 
loop_
_database_2.database_id 
_database_2.database_code 
_database_2.pdbx_database_accession 
_database_2.pdbx_DOI 
PDB   1HBG         pdb_00001hbg 10.2210/pdb1hbg/pdb 
WWPDB D_1000173756 ?            ?                   
# 
loop_
_pdbx_audit_revision_history.ordinal 
_pdbx_audit_revision_history.data_content_type 
_pdbx_audit_revision_history.major_revision 
_pdbx_audit_revision_history.minor_revision 
_pdbx_audit_revision_history.revision_date 
1 'Structure model' 1 0 1992-07-15 
2 'Structure model' 1 1 2008-03-03 
3 'Structure model' 1 2 2011-07-13 
4 'Structure model' 1 3 2017-11-29 
5 'Structure model' 1 4 2024-02-07 
# 
_pdbx_audit_revision_details.ordinal             1 
_pdbx_audit_revision_details.revision_ordinal    1 
_pdbx_audit_revision_details.data_content_type   'Structure model' 
_pdbx_audit_revision_details.provider            repository 
_pdbx_audit_revision_details.type                'Initial release' 
_pdbx_audit_revision_details.description         ? 
_pdbx_audit_revision_details.details             ? 
# 
loop_
_pdbx_audit_revision_group.ordinal 
_pdbx_audit_revision_group.revision_ordinal 
_pdbx_audit_revision_group.data_content_type 
_pdbx_audit_revision_group.group 
1 2 'Structure model' 'Version format compliance' 
2 3 'Structure model' 'Version format compliance' 
3 4 'Structure model' 'Derived calculations'      
4 4 'Structure model' Other                       
5 5 'Structure model' 'Data collection'           
6 5 'Structure model' 'Database references'       
7 5 'Structure model' 'Derived calculations'      
# 
loop_
_pdbx_audit_revision_category.ordinal 
_pdbx_audit_revision_category.revision_ordinal 
_pdbx_audit_revision_category.data_content_type 
_pdbx_audit_revision_category.category 
1  4 'Structure model' pdbx_database_status   
2  4 'Structure model' struct_conf            
3  4 'Structure model' struct_conf_type       
4  5 'Structure model' chem_comp_atom         
5  5 'Structure model' chem_comp_bond         
6  5 'Structure model' database_2             
7  5 'Structure model' pdbx_struct_conn_angle 
8  5 'Structure model' struct_conn            
9  5 'Structure model' struct_ref_seq_dif     
10 5 'Structure model' struct_site            
# 
loop_
_pdbx_audit_revision_item.ordinal 
_pdbx_audit_revision_item.revision_ordinal 
_pdbx_audit_revision_item.data_content_type 
_pdbx_audit_revision_item.item 
1  4 'Structure model' '_pdbx_database_status.process_site'          
2  5 'Structure model' '_database_2.pdbx_DOI'                        
3  5 'Structure model' '_database_2.pdbx_database_accession'         
4  5 'Structure model' '_pdbx_struct_conn_angle.ptnr1_auth_comp_id'  
5  5 'Structure model' '_pdbx_struct_conn_angle.ptnr1_auth_seq_id'   
6  5 'Structure model' '_pdbx_struct_conn_angle.ptnr1_label_asym_id' 
7  5 'Structure model' '_pdbx_struct_conn_angle.ptnr1_label_atom_id' 
8  5 'Structure model' '_pdbx_struct_conn_angle.ptnr1_label_comp_id' 
9  5 'Structure model' '_pdbx_struct_conn_angle.ptnr1_label_seq_id'  
10 5 'Structure model' '_pdbx_struct_conn_angle.ptnr3_auth_comp_id'  
11 5 'Structure model' '_pdbx_struct_conn_angle.ptnr3_auth_seq_id'   
12 5 'Structure model' '_pdbx_struct_conn_angle.ptnr3_label_asym_id' 
13 5 'Structure model' '_pdbx_struct_conn_angle.ptnr3_label_atom_id' 
14 5 'Structure model' '_pdbx_struct_conn_angle.ptnr3_label_comp_id' 
15 5 'Structure model' '_pdbx_struct_conn_angle.ptnr3_label_seq_id'  
16 5 'Structure model' '_pdbx_struct_conn_angle.value'               
17 5 'Structure model' '_struct_conn.pdbx_dist_value'                
18 5 'Structure model' '_struct_conn.ptnr1_auth_comp_id'             
19 5 'Structure model' '_struct_conn.ptnr1_auth_seq_id'              
20 5 'Structure model' '_struct_conn.ptnr1_label_asym_id'            
21 5 'Structure model' '_struct_conn.ptnr1_label_atom_id'            
22 5 'Structure model' '_struct_conn.ptnr1_label_comp_id'            
23 5 'Structure model' '_struct_conn.ptnr1_label_seq_id'             
24 5 'Structure model' '_struct_conn.ptnr2_auth_comp_id'             
25 5 'Structure model' '_struct_conn.ptnr2_auth_seq_id'              
26 5 'Structure model' '_struct_conn.ptnr2_label_asym_id'            
27 5 'Structure model' '_struct_conn.ptnr2_label_atom_id'            
28 5 'Structure model' '_struct_conn.ptnr2_label_comp_id'            
29 5 'Structure model' '_struct_conn.ptnr2_label_seq_id'             
30 5 'Structure model' '_struct_ref_seq_dif.details'                 
31 5 'Structure model' '_struct_site.pdbx_auth_asym_id'              
32 5 'Structure model' '_struct_site.pdbx_auth_comp_id'              
33 5 'Structure model' '_struct_site.pdbx_auth_seq_id'               
# 
_pdbx_database_status.status_code                     REL 
_pdbx_database_status.entry_id                        1HBG 
_pdbx_database_status.recvd_initial_deposition_date   1991-02-11 
_pdbx_database_status.deposit_site                    ? 
_pdbx_database_status.process_site                    BNL 
_pdbx_database_status.SG_entry                        . 
_pdbx_database_status.pdb_format_compatible           Y 
_pdbx_database_status.status_code_mr                  ? 
_pdbx_database_status.status_code_sf                  REL 
_pdbx_database_status.status_code_cs                  ? 
_pdbx_database_status.methods_development_category    ? 
_pdbx_database_status.status_code_nmr_data            ? 
# 
loop_
_audit_author.name 
_audit_author.pdbx_ordinal 
'Arents, G.A.' 1 
'Braden, B.C.' 2 
'Padlan, E.A.' 3 
'Love, W.E.'   4 
# 
_citation.id                        primary 
_citation.title                     'Glycera dibranchiata hemoglobin. Structure and refinement at 1.5 A resolution.' 
_citation.journal_abbrev            J.Mol.Biol. 
_citation.journal_volume            210 
_citation.page_first                149 
_citation.page_last                 161 
_citation.year                      1989 
_citation.journal_id_ASTM           JMOBAK 
_citation.country                   UK 
_citation.journal_id_ISSN           0022-2836 
_citation.journal_id_CSD            0070 
_citation.book_publisher            ? 
_citation.pdbx_database_id_PubMed   2585515 
_citation.pdbx_database_id_DOI      '10.1016/0022-2836(89)90297-0' 
# 
loop_
_citation_author.citation_id 
_citation_author.name 
_citation_author.ordinal 
_citation_author.identifier_ORCID 
primary 'Arents, G.' 1 ? 
primary 'Love, W.E.' 2 ? 
# 
loop_
_entity.id 
_entity.type 
_entity.src_method 
_entity.pdbx_description 
_entity.formula_weight 
_entity.pdbx_number_of_molecules 
_entity.pdbx_ec 
_entity.pdbx_mutation 
_entity.pdbx_fragment 
_entity.details 
1 polymer     man 'HEMOGLOBIN (CARBONMONOXY)'       14935.230 1   ? ? ? ? 
2 non-polymer syn 'PROTOPORPHYRIN IX CONTAINING FE' 616.487   1   ? ? ? ? 
3 non-polymer syn 'CARBON MONOXIDE'                 28.010    1   ? ? ? ? 
4 water       nat water                             18.015    155 ? ? ? ? 
# 
_entity_poly.entity_id                      1 
_entity_poly.type                           'polypeptide(L)' 
_entity_poly.nstd_linkage                   no 
_entity_poly.nstd_monomer                   no 
_entity_poly.pdbx_seq_one_letter_code       
;GLSAAQRQVIAATWKDIAGADNGAGVGKKCLIKFLSAHPQMAAVFGFSGASDPGVAALGAKVLAQIGVAVSHLGDEGKMV
AQMKAVGVRHKGYGNKHIKAQYFEPLGASLLSAMEHRIGGKMNAAAKDAWAAAYADISGALISGLQS
;
_entity_poly.pdbx_seq_one_letter_code_can   
;GLSAAQRQVIAATWKDIAGADNGAGVGKKCLIKFLSAHPQMAAVFGFSGASDPGVAALGAKVLAQIGVAVSHLGDEGKMV
AQMKAVGVRHKGYGNKHIKAQYFEPLGASLLSAMEHRIGGKMNAAAKDAWAAAYADISGALISGLQS
;
_entity_poly.pdbx_strand_id                 A 
_entity_poly.pdbx_target_identifier         ? 
# 
loop_
_pdbx_entity_nonpoly.entity_id 
_pdbx_entity_nonpoly.name 
_pdbx_entity_nonpoly.comp_id 
2 'PROTOPORPHYRIN IX CONTAINING FE' HEM 
3 'CARBON MONOXIDE'                 CMO 
4 water                             HOH 
# 
loop_
_entity_poly_seq.entity_id 
_entity_poly_seq.num 
_entity_poly_seq.mon_id 
_entity_poly_seq.hetero 
1 1   GLY n 
1 2   LEU n 
1 3   SER n 
1 4   ALA n 
1 5   ALA n 
1 6   GLN n 
1 7   ARG n 
1 8   GLN n 
1 9   VAL n 
1 10  ILE n 
1 11  ALA n 
1 12  ALA n 
1 13  THR n 
1 14  TRP n 
1 15  LYS n 
1 16  ASP n 
1 17  ILE n 
1 18  ALA n 
1 19  GLY n 
1 20  ALA n 
1 21  ASP n 
1 22  ASN n 
1 23  GLY n 
1 24  ALA n 
1 25  GLY n 
1 26  VAL n 
1 27  GLY n 
1 28  LYS n 
1 29  LYS n 
1 30  CYS n 
1 31  LEU n 
1 32  ILE n 
1 33  LYS n 
1 34  PHE n 
1 35  LEU n 
1 36  SER n 
1 37  ALA n 
1 38  HIS n 
1 39  PRO n 
1 40  GLN n 
1 41  MET n 
1 42  ALA n 
1 43  ALA n 
1 44  VAL n 
1 45  PHE n 
1 46  GLY n 
1 47  PHE n 
1 48  SER n 
1 49  GLY n 
1 50  ALA n 
1 51  SER n 
1 52  ASP n 
1 53  PRO n 
1 54  GLY n 
1 55  VAL n 
1 56  ALA n 
1 57  ALA n 
1 58  LEU n 
1 59  GLY n 
1 60  ALA n 
1 61  LYS n 
1 62  VAL n 
1 63  LEU n 
1 64  ALA n 
1 65  GLN n 
1 66  ILE n 
1 67  GLY n 
1 68  VAL n 
1 69  ALA n 
1 70  VAL n 
1 71  SER n 
1 72  HIS n 
1 73  LEU n 
1 74  GLY n 
1 75  ASP n 
1 76  GLU n 
1 77  GLY n 
1 78  LYS n 
1 79  MET n 
1 80  VAL n 
1 81  ALA n 
1 82  GLN n 
1 83  MET n 
1 84  LYS n 
1 85  ALA n 
1 86  VAL n 
1 87  GLY n 
1 88  VAL n 
1 89  ARG n 
1 90  HIS n 
1 91  LYS n 
1 92  GLY n 
1 93  TYR n 
1 94  GLY n 
1 95  ASN n 
1 96  LYS n 
1 97  HIS n 
1 98  ILE n 
1 99  LYS n 
1 100 ALA n 
1 101 GLN n 
1 102 TYR n 
1 103 PHE n 
1 104 GLU n 
1 105 PRO n 
1 106 LEU n 
1 107 GLY n 
1 108 ALA n 
1 109 SER n 
1 110 LEU n 
1 111 LEU n 
1 112 SER n 
1 113 ALA n 
1 114 MET n 
1 115 GLU n 
1 116 HIS n 
1 117 ARG n 
1 118 ILE n 
1 119 GLY n 
1 120 GLY n 
1 121 LYS n 
1 122 MET n 
1 123 ASN n 
1 124 ALA n 
1 125 ALA n 
1 126 ALA n 
1 127 LYS n 
1 128 ASP n 
1 129 ALA n 
1 130 TRP n 
1 131 ALA n 
1 132 ALA n 
1 133 ALA n 
1 134 TYR n 
1 135 ALA n 
1 136 ASP n 
1 137 ILE n 
1 138 SER n 
1 139 GLY n 
1 140 ALA n 
1 141 LEU n 
1 142 ILE n 
1 143 SER n 
1 144 GLY n 
1 145 LEU n 
1 146 GLN n 
1 147 SER n 
# 
_entity_src_gen.entity_id                          1 
_entity_src_gen.pdbx_src_id                        1 
_entity_src_gen.pdbx_alt_source_flag               sample 
_entity_src_gen.pdbx_seq_type                      ? 
_entity_src_gen.pdbx_beg_seq_num                   ? 
_entity_src_gen.pdbx_end_seq_num                   ? 
_entity_src_gen.gene_src_common_name               ? 
_entity_src_gen.gene_src_genus                     Glycera 
_entity_src_gen.pdbx_gene_src_gene                 ? 
_entity_src_gen.gene_src_species                   ? 
_entity_src_gen.gene_src_strain                    ? 
_entity_src_gen.gene_src_tissue                    ? 
_entity_src_gen.gene_src_tissue_fraction           ? 
_entity_src_gen.gene_src_details                   ? 
_entity_src_gen.pdbx_gene_src_fragment             ? 
_entity_src_gen.pdbx_gene_src_scientific_name      'Glycera dibranchiata' 
_entity_src_gen.pdbx_gene_src_ncbi_taxonomy_id     6350 
_entity_src_gen.pdbx_gene_src_variant              ? 
_entity_src_gen.pdbx_gene_src_cell_line            ? 
_entity_src_gen.pdbx_gene_src_atcc                 ? 
_entity_src_gen.pdbx_gene_src_organ                ? 
_entity_src_gen.pdbx_gene_src_organelle            ? 
_entity_src_gen.pdbx_gene_src_cell                 ? 
_entity_src_gen.pdbx_gene_src_cellular_location    ? 
_entity_src_gen.host_org_common_name               ? 
_entity_src_gen.pdbx_host_org_scientific_name      ? 
_entity_src_gen.pdbx_host_org_ncbi_taxonomy_id     ? 
_entity_src_gen.host_org_genus                     ? 
_entity_src_gen.pdbx_host_org_gene                 ? 
_entity_src_gen.pdbx_host_org_organ                ? 
_entity_src_gen.host_org_species                   ? 
_entity_src_gen.pdbx_host_org_tissue               ? 
_entity_src_gen.pdbx_host_org_tissue_fraction      ? 
_entity_src_gen.pdbx_host_org_strain               ? 
_entity_src_gen.pdbx_host_org_variant              ? 
_entity_src_gen.pdbx_host_org_cell_line            ? 
_entity_src_gen.pdbx_host_org_atcc                 ? 
_entity_src_gen.pdbx_host_org_culture_collection   ? 
_entity_src_gen.pdbx_host_org_cell                 ? 
_entity_src_gen.pdbx_host_org_organelle            ? 
_entity_src_gen.pdbx_host_org_cellular_location    ? 
_entity_src_gen.pdbx_host_org_vector_type          ? 
_entity_src_gen.pdbx_host_org_vector               ? 
_entity_src_gen.host_org_details                   ? 
_entity_src_gen.expression_system_id               ? 
_entity_src_gen.plasmid_name                       ? 
_entity_src_gen.plasmid_details                    ? 
_entity_src_gen.pdbx_description                   ? 
# 
loop_
_chem_comp.id 
_chem_comp.type 
_chem_comp.mon_nstd_flag 
_chem_comp.name 
_chem_comp.pdbx_synonyms 
_chem_comp.formula 
_chem_comp.formula_weight 
ALA 'L-peptide linking' y ALANINE                           ?    'C3 H7 N O2'       89.093  
ARG 'L-peptide linking' y ARGININE                          ?    'C6 H15 N4 O2 1'   175.209 
ASN 'L-peptide linking' y ASPARAGINE                        ?    'C4 H8 N2 O3'      132.118 
ASP 'L-peptide linking' y 'ASPARTIC ACID'                   ?    'C4 H7 N O4'       133.103 
CMO non-polymer         . 'CARBON MONOXIDE'                 ?    'C O'              28.010  
CYS 'L-peptide linking' y CYSTEINE                          ?    'C3 H7 N O2 S'     121.158 
GLN 'L-peptide linking' y GLUTAMINE                         ?    'C5 H10 N2 O3'     146.144 
GLU 'L-peptide linking' y 'GLUTAMIC ACID'                   ?    'C5 H9 N O4'       147.129 
GLY 'peptide linking'   y GLYCINE                           ?    'C2 H5 N O2'       75.067  
HEM non-polymer         . 'PROTOPORPHYRIN IX CONTAINING FE' HEME 'C34 H32 Fe N4 O4' 616.487 
HIS 'L-peptide linking' y HISTIDINE                         ?    'C6 H10 N3 O2 1'   156.162 
HOH non-polymer         . WATER                             ?    'H2 O'             18.015  
ILE 'L-peptide linking' y ISOLEUCINE                        ?    'C6 H13 N O2'      131.173 
LEU 'L-peptide linking' y LEUCINE                           ?    'C6 H13 N O2'      131.173 
LYS 'L-peptide linking' y LYSINE                            ?    'C6 H15 N2 O2 1'   147.195 
MET 'L-peptide linking' y METHIONINE                        ?    'C5 H11 N O2 S'    149.211 
PHE 'L-peptide linking' y PHENYLALANINE                     ?    'C9 H11 N O2'      165.189 
PRO 'L-peptide linking' y PROLINE                           ?    'C5 H9 N O2'       115.130 
SER 'L-peptide linking' y SERINE                            ?    'C3 H7 N O3'       105.093 
THR 'L-peptide linking' y THREONINE                         ?    'C4 H9 N O3'       119.119 
TRP 'L-peptide linking' y TRYPTOPHAN                        ?    'C11 H12 N2 O2'    204.225 
TYR 'L-peptide linking' y TYROSINE                          ?    'C9 H11 N O3'      181.189 
VAL 'L-peptide linking' y VALINE                            ?    'C5 H11 N O2'      117.146 
# 
loop_
_pdbx_poly_seq_scheme.asym_id 
_pdbx_poly_seq_scheme.entity_id 
_pdbx_poly_seq_scheme.seq_id 
_pdbx_poly_seq_scheme.mon_id 
_pdbx_poly_seq_scheme.ndb_seq_num 
_pdbx_poly_seq_scheme.pdb_seq_num 
_pdbx_poly_seq_scheme.auth_seq_num 
_pdbx_poly_seq_scheme.pdb_mon_id 
_pdbx_poly_seq_scheme.auth_mon_id 
_pdbx_poly_seq_scheme.pdb_strand_id 
_pdbx_poly_seq_scheme.pdb_ins_code 
_pdbx_poly_seq_scheme.hetero 
A 1 1   GLY 1   1   1   GLY GLY A . n 
A 1 2   LEU 2   2   2   LEU LEU A . n 
A 1 3   SER 3   3   3   SER SER A . n 
A 1 4   ALA 4   4   4   ALA ALA A . n 
A 1 5   ALA 5   5   5   ALA ALA A . n 
A 1 6   GLN 6   6   6   GLN GLN A . n 
A 1 7   ARG 7   7   7   ARG ARG A . n 
A 1 8   GLN 8   8   8   GLN GLN A . n 
A 1 9   VAL 9   9   9   VAL VAL A . n 
A 1 10  ILE 10  10  10  ILE ILE A . n 
A 1 11  ALA 11  11  11  ALA ALA A . n 
A 1 12  ALA 12  12  12  ALA ALA A . n 
A 1 13  THR 13  13  13  THR THR A . n 
A 1 14  TRP 14  14  14  TRP TRP A . n 
A 1 15  LYS 15  15  15  LYS LYS A . n 
A 1 16  ASP 16  16  16  ASP ASP A . n 
A 1 17  ILE 17  17  17  ILE ILE A . n 
A 1 18  ALA 18  18  18  ALA ALA A . n 
A 1 19  GLY 19  19  19  GLY GLY A . n 
A 1 20  ALA 20  20  20  ALA ALA A . n 
A 1 21  ASP 21  21  21  ASP ASP A . n 
A 1 22  ASN 22  22  22  ASN ASN A . n 
A 1 23  GLY 23  23  23  GLY GLY A . n 
A 1 24  ALA 24  24  24  ALA ALA A . n 
A 1 25  GLY 25  25  25  GLY GLY A . n 
A 1 26  VAL 26  26  26  VAL VAL A . n 
A 1 27  GLY 27  27  27  GLY GLY A . n 
A 1 28  LYS 28  28  28  LYS LYS A . n 
A 1 29  LYS 29  29  29  LYS LYS A . n 
A 1 30  CYS 30  30  30  CYS CYS A . n 
A 1 31  LEU 31  31  31  LEU LEU A . n 
A 1 32  ILE 32  32  32  ILE ILE A . n 
A 1 33  LYS 33  33  33  LYS LYS A . n 
A 1 34  PHE 34  34  34  PHE PHE A . n 
A 1 35  LEU 35  35  35  LEU LEU A . n 
A 1 36  SER 36  36  36  SER SER A . n 
A 1 37  ALA 37  37  37  ALA ALA A . n 
A 1 38  HIS 38  38  38  HIS HIS A . n 
A 1 39  PRO 39  39  39  PRO PRO A . n 
A 1 40  GLN 40  40  40  GLN GLN A . n 
A 1 41  MET 41  41  41  MET MET A . n 
A 1 42  ALA 42  42  42  ALA ALA A . n 
A 1 43  ALA 43  43  43  ALA ALA A . n 
A 1 44  VAL 44  44  44  VAL VAL A . n 
A 1 45  PHE 45  45  45  PHE PHE A . n 
A 1 46  GLY 46  46  46  GLY GLY A . n 
A 1 47  PHE 47  47  47  PHE PHE A . n 
A 1 48  SER 48  48  48  SER SER A . n 
A 1 49  GLY 49  49  49  GLY GLY A . n 
A 1 50  ALA 50  50  50  ALA ALA A . n 
A 1 51  SER 51  51  51  SER SER A . n 
A 1 52  ASP 52  52  52  ASP ASP A . n 
A 1 53  PRO 53  53  53  PRO PRO A . n 
A 1 54  GLY 54  54  54  GLY GLY A . n 
A 1 55  VAL 55  55  55  VAL VAL A . n 
A 1 56  ALA 56  56  56  ALA ALA A . n 
A 1 57  ALA 57  57  57  ALA ALA A . n 
A 1 58  LEU 58  58  58  LEU LEU A . n 
A 1 59  GLY 59  59  59  GLY GLY A . n 
A 1 60  ALA 60  60  60  ALA ALA A . n 
A 1 61  LYS 61  61  61  LYS LYS A . n 
A 1 62  VAL 62  62  62  VAL VAL A . n 
A 1 63  LEU 63  63  63  LEU LEU A . n 
A 1 64  ALA 64  64  64  ALA ALA A . n 
A 1 65  GLN 65  65  65  GLN GLN A . n 
A 1 66  ILE 66  66  66  ILE ILE A . n 
A 1 67  GLY 67  67  67  GLY GLY A . n 
A 1 68  VAL 68  68  68  VAL VAL A . n 
A 1 69  ALA 69  69  69  ALA ALA A . n 
A 1 70  VAL 70  70  70  VAL VAL A . n 
A 1 71  SER 71  71  71  SER SER A . n 
A 1 72  HIS 72  72  72  HIS HIS A . n 
A 1 73  LEU 73  73  73  LEU LEU A . n 
A 1 74  GLY 74  74  74  GLY GLY A . n 
A 1 75  ASP 75  75  75  ASP ASP A . n 
A 1 76  GLU 76  76  76  GLU GLU A . n 
A 1 77  GLY 77  77  77  GLY GLY A . n 
A 1 78  LYS 78  78  78  LYS LYS A . n 
A 1 79  MET 79  79  79  MET MET A . n 
A 1 80  VAL 80  80  80  VAL VAL A . n 
A 1 81  ALA 81  81  81  ALA ALA A . n 
A 1 82  GLN 82  82  82  GLN GLN A . n 
A 1 83  MET 83  83  83  MET MET A . n 
A 1 84  LYS 84  84  84  LYS LYS A . n 
A 1 85  ALA 85  85  85  ALA ALA A . n 
A 1 86  VAL 86  86  86  VAL VAL A . n 
A 1 87  GLY 87  87  87  GLY GLY A . n 
A 1 88  VAL 88  88  88  VAL VAL A . n 
A 1 89  ARG 89  89  89  ARG ARG A . n 
A 1 90  HIS 90  90  90  HIS HIS A . n 
A 1 91  LYS 91  91  91  LYS LYS A . n 
A 1 92  GLY 92  92  92  GLY GLY A . n 
A 1 93  TYR 93  93  93  TYR TYR A . n 
A 1 94  GLY 94  94  94  GLY GLY A . n 
A 1 95  ASN 95  95  95  ASN ASN A . n 
A 1 96  LYS 96  96  96  LYS LYS A . n 
A 1 97  HIS 97  97  97  HIS HIS A . n 
A 1 98  ILE 98  98  98  ILE ILE A . n 
A 1 99  LYS 99  99  99  LYS LYS A . n 
A 1 100 ALA 100 100 100 ALA ALA A . n 
A 1 101 GLN 101 101 101 GLN GLN A . n 
A 1 102 TYR 102 102 102 TYR TYR A . n 
A 1 103 PHE 103 103 103 PHE PHE A . n 
A 1 104 GLU 104 104 104 GLU GLU A . n 
A 1 105 PRO 105 105 105 PRO PRO A . n 
A 1 106 LEU 106 106 106 LEU LEU A . n 
A 1 107 GLY 107 107 107 GLY GLY A . n 
A 1 108 ALA 108 108 108 ALA ALA A . n 
A 1 109 SER 109 109 109 SER SER A . n 
A 1 110 LEU 110 110 110 LEU LEU A . n 
A 1 111 LEU 111 111 111 LEU LEU A . n 
A 1 112 SER 112 112 112 SER SER A . n 
A 1 113 ALA 113 113 113 ALA ALA A . n 
A 1 114 MET 114 114 114 MET MET A . n 
A 1 115 GLU 115 115 115 GLU GLU A . n 
A 1 116 HIS 116 116 116 HIS HIS A . n 
A 1 117 ARG 117 117 117 ARG ARG A . n 
A 1 118 ILE 118 118 118 ILE ILE A . n 
A 1 119 GLY 119 119 119 GLY GLY A . n 
A 1 120 GLY 120 120 120 GLY GLY A . n 
A 1 121 LYS 121 121 121 LYS LYS A . n 
A 1 122 MET 122 122 122 MET MET A . n 
A 1 123 ASN 123 123 123 ASN ASN A . n 
A 1 124 ALA 124 124 124 ALA ALA A . n 
A 1 125 ALA 125 125 125 ALA ALA A . n 
A 1 126 ALA 126 126 126 ALA ALA A . n 
A 1 127 LYS 127 127 127 LYS LYS A . n 
A 1 128 ASP 128 128 128 ASP ASP A . n 
A 1 129 ALA 129 129 129 ALA ALA A . n 
A 1 130 TRP 130 130 130 TRP TRP A . n 
A 1 131 ALA 131 131 131 ALA ALA A . n 
A 1 132 ALA 132 132 132 ALA ALA A . n 
A 1 133 ALA 133 133 133 ALA ALA A . n 
A 1 134 TYR 134 134 134 TYR TYR A . n 
A 1 135 ALA 135 135 135 ALA ALA A . n 
A 1 136 ASP 136 136 136 ASP ASP A . n 
A 1 137 ILE 137 137 137 ILE ILE A . n 
A 1 138 SER 138 138 138 SER SER A . n 
A 1 139 GLY 139 139 139 GLY GLY A . n 
A 1 140 ALA 140 140 140 ALA ALA A . n 
A 1 141 LEU 141 141 141 LEU LEU A . n 
A 1 142 ILE 142 142 142 ILE ILE A . n 
A 1 143 SER 143 143 143 SER SER A . n 
A 1 144 GLY 144 144 144 GLY GLY A . n 
A 1 145 LEU 145 145 145 LEU LEU A . n 
A 1 146 GLN 146 146 146 GLN GLN A . n 
A 1 147 SER 147 147 147 SER SER A . n 
# 
loop_
_pdbx_nonpoly_scheme.asym_id 
_pdbx_nonpoly_scheme.entity_id 
_pdbx_nonpoly_scheme.mon_id 
_pdbx_nonpoly_scheme.ndb_seq_num 
_pdbx_nonpoly_scheme.pdb_seq_num 
_pdbx_nonpoly_scheme.auth_seq_num 
_pdbx_nonpoly_scheme.pdb_mon_id 
_pdbx_nonpoly_scheme.auth_mon_id 
_pdbx_nonpoly_scheme.pdb_strand_id 
_pdbx_nonpoly_scheme.pdb_ins_code 
B 2 HEM 1   148 148 HEM HEM A . 
C 3 CMO 1   201 148 CMO HEM A . 
D 4 HOH 1   202 152 HOH HOH A . 
D 4 HOH 2   203 1   HOH HOH A . 
D 4 HOH 3   204 153 HOH HOH A . 
D 4 HOH 4   205 2   HOH HOH A . 
D 4 HOH 5   206 154 HOH HOH A . 
D 4 HOH 6   207 3   HOH HOH A . 
D 4 HOH 7   208 4   HOH HOH A . 
D 4 HOH 8   209 5   HOH HOH A . 
D 4 HOH 9   210 6   HOH HOH A . 
D 4 HOH 10  211 7   HOH HOH A . 
D 4 HOH 11  212 8   HOH HOH A . 
D 4 HOH 12  213 9   HOH HOH A . 
D 4 HOH 13  214 10  HOH HOH A . 
D 4 HOH 14  215 11  HOH HOH A . 
D 4 HOH 15  216 12  HOH HOH A . 
D 4 HOH 16  217 13  HOH HOH A . 
D 4 HOH 17  218 14  HOH HOH A . 
D 4 HOH 18  219 15  HOH HOH A . 
D 4 HOH 19  220 16  HOH HOH A . 
D 4 HOH 20  221 17  HOH HOH A . 
D 4 HOH 21  222 18  HOH HOH A . 
D 4 HOH 22  223 19  HOH HOH A . 
D 4 HOH 23  224 20  HOH HOH A . 
D 4 HOH 24  225 21  HOH HOH A . 
D 4 HOH 25  226 22  HOH HOH A . 
D 4 HOH 26  227 23  HOH HOH A . 
D 4 HOH 27  228 24  HOH HOH A . 
D 4 HOH 28  229 25  HOH HOH A . 
D 4 HOH 29  230 26  HOH HOH A . 
D 4 HOH 30  231 27  HOH HOH A . 
D 4 HOH 31  232 28  HOH HOH A . 
D 4 HOH 32  233 29  HOH HOH A . 
D 4 HOH 33  234 30  HOH HOH A . 
D 4 HOH 34  235 31  HOH HOH A . 
D 4 HOH 35  236 32  HOH HOH A . 
D 4 HOH 36  237 33  HOH HOH A . 
D 4 HOH 37  238 34  HOH HOH A . 
D 4 HOH 38  239 35  HOH HOH A . 
D 4 HOH 39  240 36  HOH HOH A . 
D 4 HOH 40  241 37  HOH HOH A . 
D 4 HOH 41  242 38  HOH HOH A . 
D 4 HOH 42  243 39  HOH HOH A . 
D 4 HOH 43  244 40  HOH HOH A . 
D 4 HOH 44  245 41  HOH HOH A . 
D 4 HOH 45  246 42  HOH HOH A . 
D 4 HOH 46  247 43  HOH HOH A . 
D 4 HOH 47  248 44  HOH HOH A . 
D 4 HOH 48  249 45  HOH HOH A . 
D 4 HOH 49  250 46  HOH HOH A . 
D 4 HOH 50  251 47  HOH HOH A . 
D 4 HOH 51  252 48  HOH HOH A . 
D 4 HOH 52  253 49  HOH HOH A . 
D 4 HOH 53  254 50  HOH HOH A . 
D 4 HOH 54  255 51  HOH HOH A . 
D 4 HOH 55  256 52  HOH HOH A . 
D 4 HOH 56  257 53  HOH HOH A . 
D 4 HOH 57  258 54  HOH HOH A . 
D 4 HOH 58  259 55  HOH HOH A . 
D 4 HOH 59  260 56  HOH HOH A . 
D 4 HOH 60  261 57  HOH HOH A . 
D 4 HOH 61  262 58  HOH HOH A . 
D 4 HOH 62  263 59  HOH HOH A . 
D 4 HOH 63  264 60  HOH HOH A . 
D 4 HOH 64  265 61  HOH HOH A . 
D 4 HOH 65  266 62  HOH HOH A . 
D 4 HOH 66  267 63  HOH HOH A . 
D 4 HOH 67  268 64  HOH HOH A . 
D 4 HOH 68  269 65  HOH HOH A . 
D 4 HOH 69  270 66  HOH HOH A . 
D 4 HOH 70  271 67  HOH HOH A . 
D 4 HOH 71  272 68  HOH HOH A . 
D 4 HOH 72  273 69  HOH HOH A . 
D 4 HOH 73  274 70  HOH HOH A . 
D 4 HOH 74  275 71  HOH HOH A . 
D 4 HOH 75  276 72  HOH HOH A . 
D 4 HOH 76  277 73  HOH HOH A . 
D 4 HOH 77  278 74  HOH HOH A . 
D 4 HOH 78  279 75  HOH HOH A . 
D 4 HOH 79  280 76  HOH HOH A . 
D 4 HOH 80  281 77  HOH HOH A . 
D 4 HOH 81  282 78  HOH HOH A . 
D 4 HOH 82  283 79  HOH HOH A . 
D 4 HOH 83  284 80  HOH HOH A . 
D 4 HOH 84  285 81  HOH HOH A . 
D 4 HOH 85  286 82  HOH HOH A . 
D 4 HOH 86  287 83  HOH HOH A . 
D 4 HOH 87  288 84  HOH HOH A . 
D 4 HOH 88  289 85  HOH HOH A . 
D 4 HOH 89  290 86  HOH HOH A . 
D 4 HOH 90  291 87  HOH HOH A . 
D 4 HOH 91  292 88  HOH HOH A . 
D 4 HOH 92  293 89  HOH HOH A . 
D 4 HOH 93  294 90  HOH HOH A . 
D 4 HOH 94  295 91  HOH HOH A . 
D 4 HOH 95  296 92  HOH HOH A . 
D 4 HOH 96  297 93  HOH HOH A . 
D 4 HOH 97  298 94  HOH HOH A . 
D 4 HOH 98  299 95  HOH HOH A . 
D 4 HOH 99  300 96  HOH HOH A . 
D 4 HOH 100 301 97  HOH HOH A . 
D 4 HOH 101 302 98  HOH HOH A . 
D 4 HOH 102 303 99  HOH HOH A . 
D 4 HOH 103 304 100 HOH HOH A . 
D 4 HOH 104 305 101 HOH HOH A . 
D 4 HOH 105 306 102 HOH HOH A . 
D 4 HOH 106 307 103 HOH HOH A . 
D 4 HOH 107 308 104 HOH HOH A . 
D 4 HOH 108 309 105 HOH HOH A . 
D 4 HOH 109 310 106 HOH HOH A . 
D 4 HOH 110 311 107 HOH HOH A . 
D 4 HOH 111 312 108 HOH HOH A . 
D 4 HOH 112 313 109 HOH HOH A . 
D 4 HOH 113 314 110 HOH HOH A . 
D 4 HOH 114 315 111 HOH HOH A . 
D 4 HOH 115 316 112 HOH HOH A . 
D 4 HOH 116 317 113 HOH HOH A . 
D 4 HOH 117 318 114 HOH HOH A . 
D 4 HOH 118 319 115 HOH HOH A . 
D 4 HOH 119 320 116 HOH HOH A . 
D 4 HOH 120 321 117 HOH HOH A . 
D 4 HOH 121 322 118 HOH HOH A . 
D 4 HOH 122 323 119 HOH HOH A . 
D 4 HOH 123 324 120 HOH HOH A . 
D 4 HOH 124 325 121 HOH HOH A . 
D 4 HOH 125 326 122 HOH HOH A . 
D 4 HOH 126 327 123 HOH HOH A . 
D 4 HOH 127 328 124 HOH HOH A . 
D 4 HOH 128 329 125 HOH HOH A . 
D 4 HOH 129 330 126 HOH HOH A . 
D 4 HOH 130 331 127 HOH HOH A . 
D 4 HOH 131 332 128 HOH HOH A . 
D 4 HOH 132 333 129 HOH HOH A . 
D 4 HOH 133 334 130 HOH HOH A . 
D 4 HOH 134 335 131 HOH HOH A . 
D 4 HOH 135 336 132 HOH HOH A . 
D 4 HOH 136 337 133 HOH HOH A . 
D 4 HOH 137 338 134 HOH HOH A . 
D 4 HOH 138 339 135 HOH HOH A . 
D 4 HOH 139 340 136 HOH HOH A . 
D 4 HOH 140 341 137 HOH HOH A . 
D 4 HOH 141 342 138 HOH HOH A . 
D 4 HOH 142 343 139 HOH HOH A . 
D 4 HOH 143 344 140 HOH HOH A . 
D 4 HOH 144 345 141 HOH HOH A . 
D 4 HOH 145 346 142 HOH HOH A . 
D 4 HOH 146 347 143 HOH HOH A . 
D 4 HOH 147 348 144 HOH HOH A . 
D 4 HOH 148 349 145 HOH HOH A . 
D 4 HOH 149 350 146 HOH HOH A . 
D 4 HOH 150 351 147 HOH HOH A . 
D 4 HOH 151 352 148 HOH HOH A . 
D 4 HOH 152 353 149 HOH HOH A . 
D 4 HOH 153 354 150 HOH HOH A . 
D 4 HOH 154 355 151 HOH HOH A . 
D 4 HOH 155 356 155 HOH HOH A . 
# 
_software.name             PROLSQ 
_software.classification   refinement 
_software.version          . 
_software.citation_id      ? 
_software.pdbx_ordinal     1 
# 
_cell.entry_id           1HBG 
_cell.length_a           42.750 
_cell.length_b           83.150 
_cell.length_c           38.660 
_cell.angle_alpha        90.00 
_cell.angle_beta         90.00 
_cell.angle_gamma        90.00 
_cell.Z_PDB              4 
_cell.pdbx_unique_axis   ? 
# 
_symmetry.entry_id                         1HBG 
_symmetry.space_group_name_H-M             'P 21 21 21' 
_symmetry.pdbx_full_space_group_name_H-M   ? 
_symmetry.cell_setting                     ? 
_symmetry.Int_Tables_number                19 
# 
_exptl.entry_id          1HBG 
_exptl.method            'X-RAY DIFFRACTION' 
_exptl.crystals_number   ? 
# 
_exptl_crystal.id                    1 
_exptl_crystal.density_meas          ? 
_exptl_crystal.density_Matthews      2.30 
_exptl_crystal.density_percent_sol   46.52 
_exptl_crystal.description           ? 
# 
_diffrn.id                     1 
_diffrn.ambient_temp           ? 
_diffrn.ambient_temp_details   ? 
_diffrn.crystal_id             1 
# 
_diffrn_radiation.diffrn_id                        1 
_diffrn_radiation.wavelength_id                    1 
_diffrn_radiation.pdbx_monochromatic_or_laue_m_l   ? 
_diffrn_radiation.monochromator                    ? 
_diffrn_radiation.pdbx_diffrn_protocol             ? 
_diffrn_radiation.pdbx_scattering_type             x-ray 
# 
_diffrn_radiation_wavelength.id           1 
_diffrn_radiation_wavelength.wavelength   . 
_diffrn_radiation_wavelength.wt           1.0 
# 
_refine.entry_id                                 1HBG 
_refine.ls_number_reflns_obs                     ? 
_refine.ls_number_reflns_all                     ? 
_refine.pdbx_ls_sigma_I                          ? 
_refine.pdbx_ls_sigma_F                          ? 
_refine.pdbx_data_cutoff_high_absF               ? 
_refine.pdbx_data_cutoff_low_absF                ? 
_refine.pdbx_data_cutoff_high_rms_absF           ? 
_refine.ls_d_res_low                             ? 
_refine.ls_d_res_high                            1.5 
_refine.ls_percent_reflns_obs                    ? 
_refine.ls_R_factor_obs                          0.1460000 
_refine.ls_R_factor_all                          ? 
_refine.ls_R_factor_R_work                       ? 
_refine.ls_R_factor_R_free                       ? 
_refine.ls_R_factor_R_free_error                 ? 
_refine.ls_R_factor_R_free_error_details         ? 
_refine.ls_percent_reflns_R_free                 ? 
_refine.ls_number_reflns_R_free                  ? 
_refine.ls_number_parameters                     ? 
_refine.ls_number_restraints                     ? 
_refine.occupancy_min                            ? 
_refine.occupancy_max                            ? 
_refine.B_iso_mean                               ? 
_refine.aniso_B[1][1]                            ? 
_refine.aniso_B[2][2]                            ? 
_refine.aniso_B[3][3]                            ? 
_refine.aniso_B[1][2]                            ? 
_refine.aniso_B[1][3]                            ? 
_refine.aniso_B[2][3]                            ? 
_refine.solvent_model_details                    ? 
_refine.solvent_model_param_ksol                 ? 
_refine.solvent_model_param_bsol                 ? 
_refine.pdbx_ls_cross_valid_method               ? 
_refine.details                                  
;LEUCINE 31 SHOWS EQUAL WEIGHT FOR EACH OF THE THREE
POSSIBLE GAUCHE CONFORMATIONS OF ATOMS CD1 AND CD2.  THESE
ARE PRESENTED AS THREE ALTERNATE CONFORMATIONS WITH AN
OCCUPANCY OF 0.33 EACH.  NOTE THAT ONLY THREE SETS OF
COORDINATES WERE USED TO MODEL THIS DISORDER AND,
THEREFORE, THE SIX ATOMS APPEAR AS THREE ATOMS IN A
GRAPHICAL VIEW OF THE ENTRY.
;
_refine.pdbx_starting_model                      ? 
_refine.pdbx_method_to_determine_struct          ? 
_refine.pdbx_isotropic_thermal_model             ? 
_refine.pdbx_stereochemistry_target_values       ? 
_refine.pdbx_stereochem_target_val_spec_case     ? 
_refine.pdbx_R_Free_selection_details            ? 
_refine.pdbx_overall_ESU_R                       ? 
_refine.pdbx_overall_ESU_R_Free                  ? 
_refine.overall_SU_ML                            ? 
_refine.overall_SU_B                             ? 
_refine.pdbx_refine_id                           'X-RAY DIFFRACTION' 
_refine.pdbx_diffrn_id                           1 
_refine.pdbx_TLS_residual_ADP_flag               ? 
_refine.correlation_coeff_Fo_to_Fc               ? 
_refine.correlation_coeff_Fo_to_Fc_free          ? 
_refine.pdbx_solvent_vdw_probe_radii             ? 
_refine.pdbx_solvent_ion_probe_radii             ? 
_refine.pdbx_solvent_shrinkage_radii             ? 
_refine.pdbx_overall_phase_error                 ? 
_refine.overall_SU_R_Cruickshank_DPI             ? 
_refine.pdbx_overall_SU_R_free_Cruickshank_DPI   ? 
_refine.pdbx_overall_SU_R_Blow_DPI               ? 
_refine.pdbx_overall_SU_R_free_Blow_DPI          ? 
# 
_refine_hist.pdbx_refine_id                   'X-RAY DIFFRACTION' 
_refine_hist.cycle_id                         LAST 
_refine_hist.pdbx_number_atoms_protein        1062 
_refine_hist.pdbx_number_atoms_nucleic_acid   0 
_refine_hist.pdbx_number_atoms_ligand         45 
_refine_hist.number_atoms_solvent             155 
_refine_hist.number_atoms_total               1262 
_refine_hist.d_res_high                       1.5 
_refine_hist.d_res_low                        . 
# 
loop_
_refine_ls_restr.type 
_refine_ls_restr.dev_ideal 
_refine_ls_restr.dev_ideal_target 
_refine_ls_restr.weight 
_refine_ls_restr.number 
_refine_ls_restr.pdbx_refine_id 
_refine_ls_restr.pdbx_restraint_function 
p_bond_d            0.027 ? ? ? 'X-RAY DIFFRACTION' ? 
p_angle_d           0.038 ? ? ? 'X-RAY DIFFRACTION' ? 
p_angle_deg         ?     ? ? ? 'X-RAY DIFFRACTION' ? 
p_planar_d          0.012 ? ? ? 'X-RAY DIFFRACTION' ? 
p_hb_or_metal_coord ?     ? ? ? 'X-RAY DIFFRACTION' ? 
p_mcbond_it         ?     ? ? ? 'X-RAY DIFFRACTION' ? 
p_mcangle_it        ?     ? ? ? 'X-RAY DIFFRACTION' ? 
p_scbond_it         ?     ? ? ? 'X-RAY DIFFRACTION' ? 
p_scangle_it        ?     ? ? ? 'X-RAY DIFFRACTION' ? 
p_plane_restr       ?     ? ? ? 'X-RAY DIFFRACTION' ? 
p_chiral_restr      ?     ? ? ? 'X-RAY DIFFRACTION' ? 
p_singtor_nbd       ?     ? ? ? 'X-RAY DIFFRACTION' ? 
p_multtor_nbd       ?     ? ? ? 'X-RAY DIFFRACTION' ? 
p_xhyhbond_nbd      ?     ? ? ? 'X-RAY DIFFRACTION' ? 
p_xyhbond_nbd       ?     ? ? ? 'X-RAY DIFFRACTION' ? 
p_planar_tor        ?     ? ? ? 'X-RAY DIFFRACTION' ? 
p_staggered_tor     ?     ? ? ? 'X-RAY DIFFRACTION' ? 
p_orthonormal_tor   ?     ? ? ? 'X-RAY DIFFRACTION' ? 
p_transverse_tor    ?     ? ? ? 'X-RAY DIFFRACTION' ? 
p_special_tor       ?     ? ? ? 'X-RAY DIFFRACTION' ? 
# 
_struct.entry_id                  1HBG 
_struct.title                     'GLYCERA DIBRANCHIATA HEMOGLOBIN. STRUCTURE AND REFINEMENT AT 1.5 ANGSTROMS RESOLUTION' 
_struct.pdbx_model_details        ? 
_struct.pdbx_CASP_flag            ? 
_struct.pdbx_model_type_details   ? 
# 
_struct_keywords.entry_id        1HBG 
_struct_keywords.pdbx_keywords   'OXYGEN TRANSPORT' 
_struct_keywords.text            'OXYGEN TRANSPORT' 
# 
loop_
_struct_asym.id 
_struct_asym.pdbx_blank_PDB_chainid_flag 
_struct_asym.pdbx_modified 
_struct_asym.entity_id 
_struct_asym.details 
A N N 1 ? 
B N N 2 ? 
C N N 3 ? 
D N N 4 ? 
# 
_struct_ref.id                         1 
_struct_ref.db_name                    UNP 
_struct_ref.db_code                    GLB1_GLYDI 
_struct_ref.entity_id                  1 
_struct_ref.pdbx_db_accession          P02216 
_struct_ref.pdbx_align_begin           1 
_struct_ref.pdbx_seq_one_letter_code   
;GLSAAQRQVIAATWKDIAGADNGAGVGKDCLIKFLSAHPQMAAVFGFSGASDPGVAALGAKVLAQIGVAVSHLGDEGKMV
AQMKAVGVRHKGYGNKHIKAQYFEPLGASLLSAMEHRIGGKMNAAAKDAWAAAYADISGALISGLQS
;
_struct_ref.pdbx_db_isoform            ? 
# 
_struct_ref_seq.align_id                      1 
_struct_ref_seq.ref_id                        1 
_struct_ref_seq.pdbx_PDB_id_code              1HBG 
_struct_ref_seq.pdbx_strand_id                A 
_struct_ref_seq.seq_align_beg                 1 
_struct_ref_seq.pdbx_seq_align_beg_ins_code   ? 
_struct_ref_seq.seq_align_end                 147 
_struct_ref_seq.pdbx_seq_align_end_ins_code   ? 
_struct_ref_seq.pdbx_db_accession             P02216 
_struct_ref_seq.db_align_beg                  1 
_struct_ref_seq.pdbx_db_align_beg_ins_code    ? 
_struct_ref_seq.db_align_end                  147 
_struct_ref_seq.pdbx_db_align_end_ins_code    ? 
_struct_ref_seq.pdbx_auth_seq_align_beg       1 
_struct_ref_seq.pdbx_auth_seq_align_end       147 
# 
_struct_ref_seq_dif.align_id                     1 
_struct_ref_seq_dif.pdbx_pdb_id_code             1HBG 
_struct_ref_seq_dif.mon_id                       LYS 
_struct_ref_seq_dif.pdbx_pdb_strand_id           A 
_struct_ref_seq_dif.seq_num                      29 
_struct_ref_seq_dif.pdbx_pdb_ins_code            ? 
_struct_ref_seq_dif.pdbx_seq_db_name             UNP 
_struct_ref_seq_dif.pdbx_seq_db_accession_code   P02216 
_struct_ref_seq_dif.db_mon_id                    ASP 
_struct_ref_seq_dif.pdbx_seq_db_seq_num          29 
_struct_ref_seq_dif.details                      conflict 
_struct_ref_seq_dif.pdbx_auth_seq_num            29 
_struct_ref_seq_dif.pdbx_ordinal                 1 
# 
_pdbx_struct_assembly.id                   1 
_pdbx_struct_assembly.details              author_defined_assembly 
_pdbx_struct_assembly.method_details       ? 
_pdbx_struct_assembly.oligomeric_details   monomeric 
_pdbx_struct_assembly.oligomeric_count     1 
# 
_pdbx_struct_assembly_gen.assembly_id       1 
_pdbx_struct_assembly_gen.oper_expression   1 
_pdbx_struct_assembly_gen.asym_id_list      A,B,C,D 
# 
_pdbx_struct_oper_list.id                   1 
_pdbx_struct_oper_list.type                 'identity operation' 
_pdbx_struct_oper_list.name                 1_555 
_pdbx_struct_oper_list.symmetry_operation   x,y,z 
_pdbx_struct_oper_list.matrix[1][1]         1.0000000000 
_pdbx_struct_oper_list.matrix[1][2]         0.0000000000 
_pdbx_struct_oper_list.matrix[1][3]         0.0000000000 
_pdbx_struct_oper_list.vector[1]            0.0000000000 
_pdbx_struct_oper_list.matrix[2][1]         0.0000000000 
_pdbx_struct_oper_list.matrix[2][2]         1.0000000000 
_pdbx_struct_oper_list.matrix[2][3]         0.0000000000 
_pdbx_struct_oper_list.vector[2]            0.0000000000 
_pdbx_struct_oper_list.matrix[3][1]         0.0000000000 
_pdbx_struct_oper_list.matrix[3][2]         0.0000000000 
_pdbx_struct_oper_list.matrix[3][3]         1.0000000000 
_pdbx_struct_oper_list.vector[3]            0.0000000000 
# 
_struct_biol.id   1 
# 
loop_
_struct_conf.conf_type_id 
_struct_conf.id 
_struct_conf.pdbx_PDB_helix_id 
_struct_conf.beg_label_comp_id 
_struct_conf.beg_label_asym_id 
_struct_conf.beg_label_seq_id 
_struct_conf.pdbx_beg_PDB_ins_code 
_struct_conf.end_label_comp_id 
_struct_conf.end_label_asym_id 
_struct_conf.end_label_seq_id 
_struct_conf.pdbx_end_PDB_ins_code 
_struct_conf.beg_auth_comp_id 
_struct_conf.beg_auth_asym_id 
_struct_conf.beg_auth_seq_id 
_struct_conf.end_auth_comp_id 
_struct_conf.end_auth_asym_id 
_struct_conf.end_auth_seq_id 
_struct_conf.pdbx_PDB_helix_class 
_struct_conf.details 
_struct_conf.pdbx_PDB_helix_length 
HELX_P HELX_P1 HA SER A 3   ? ALA A 18  ? SER A 3   ALA A 18  1 ?                 16 
HELX_P HELX_P2 HB GLY A 23  ? ALA A 37  ? GLY A 23  ALA A 37  1 ?                 15 
HELX_P HELX_P3 HC PRO A 39  ? GLY A 46  ? PRO A 39  GLY A 46  1 IRREGULAR         8  
HELX_P HELX_P4 HE PRO A 53  ? HIS A 72  ? PRO A 53  HIS A 72  1 ?                 20 
HELX_P HELX_P5 HF GLU A 76  ? GLY A 92  ? GLU A 76  GLY A 92  1 '89-92 DISTORTED' 17 
HELX_P HELX_P6 HG ALA A 100 ? GLY A 119 ? ALA A 100 GLY A 119 1 ?                 20 
HELX_P HELX_P7 HH ALA A 124 ? SER A 147 ? ALA A 124 SER A 147 1 ?                 24 
# 
_struct_conf_type.id          HELX_P 
_struct_conf_type.criteria    ? 
_struct_conf_type.reference   ? 
# 
loop_
_struct_conn.id 
_struct_conn.conn_type_id 
_struct_conn.pdbx_leaving_atom_flag 
_struct_conn.pdbx_PDB_id 
_struct_conn.ptnr1_label_asym_id 
_struct_conn.ptnr1_label_comp_id 
_struct_conn.ptnr1_label_seq_id 
_struct_conn.ptnr1_label_atom_id 
_struct_conn.pdbx_ptnr1_label_alt_id 
_struct_conn.pdbx_ptnr1_PDB_ins_code 
_struct_conn.pdbx_ptnr1_standard_comp_id 
_struct_conn.ptnr1_symmetry 
_struct_conn.ptnr2_label_asym_id 
_struct_conn.ptnr2_label_comp_id 
_struct_conn.ptnr2_label_seq_id 
_struct_conn.ptnr2_label_atom_id 
_struct_conn.pdbx_ptnr2_label_alt_id 
_struct_conn.pdbx_ptnr2_PDB_ins_code 
_struct_conn.ptnr1_auth_asym_id 
_struct_conn.ptnr1_auth_comp_id 
_struct_conn.ptnr1_auth_seq_id 
_struct_conn.ptnr2_auth_asym_id 
_struct_conn.ptnr2_auth_comp_id 
_struct_conn.ptnr2_auth_seq_id 
_struct_conn.ptnr2_symmetry 
_struct_conn.pdbx_ptnr3_label_atom_id 
_struct_conn.pdbx_ptnr3_label_seq_id 
_struct_conn.pdbx_ptnr3_label_comp_id 
_struct_conn.pdbx_ptnr3_label_asym_id 
_struct_conn.pdbx_ptnr3_label_alt_id 
_struct_conn.pdbx_ptnr3_PDB_ins_code 
_struct_conn.details 
_struct_conn.pdbx_dist_value 
_struct_conn.pdbx_value_order 
_struct_conn.pdbx_role 
metalc1 metalc ? ? A HIS 90 NE2 ? ? ? 1_555 B HEM . FE ? ? A HIS 90  A HEM 148 1_555 ? ? ? ? ? ? ? 2.130 ? ? 
metalc2 metalc ? ? B HEM .  FE  ? ? ? 1_555 C CMO . C  ? ? A HEM 148 A CMO 201 1_555 ? ? ? ? ? ? ? 1.806 ? ? 
metalc3 metalc ? ? B HEM .  FE  ? ? ? 1_555 C CMO . O  ? ? A HEM 148 A CMO 201 1_555 ? ? ? ? ? ? ? 2.860 ? ? 
# 
_struct_conn_type.id          metalc 
_struct_conn_type.criteria    ? 
_struct_conn_type.reference   ? 
# 
loop_
_pdbx_struct_conn_angle.id 
_pdbx_struct_conn_angle.ptnr1_label_atom_id 
_pdbx_struct_conn_angle.ptnr1_label_alt_id 
_pdbx_struct_conn_angle.ptnr1_label_asym_id 
_pdbx_struct_conn_angle.ptnr1_label_comp_id 
_pdbx_struct_conn_angle.ptnr1_label_seq_id 
_pdbx_struct_conn_angle.ptnr1_auth_atom_id 
_pdbx_struct_conn_angle.ptnr1_auth_asym_id 
_pdbx_struct_conn_angle.ptnr1_auth_comp_id 
_pdbx_struct_conn_angle.ptnr1_auth_seq_id 
_pdbx_struct_conn_angle.ptnr1_PDB_ins_code 
_pdbx_struct_conn_angle.ptnr1_symmetry 
_pdbx_struct_conn_angle.ptnr2_label_atom_id 
_pdbx_struct_conn_angle.ptnr2_label_alt_id 
_pdbx_struct_conn_angle.ptnr2_label_asym_id 
_pdbx_struct_conn_angle.ptnr2_label_comp_id 
_pdbx_struct_conn_angle.ptnr2_label_seq_id 
_pdbx_struct_conn_angle.ptnr2_auth_atom_id 
_pdbx_struct_conn_angle.ptnr2_auth_asym_id 
_pdbx_struct_conn_angle.ptnr2_auth_comp_id 
_pdbx_struct_conn_angle.ptnr2_auth_seq_id 
_pdbx_struct_conn_angle.ptnr2_PDB_ins_code 
_pdbx_struct_conn_angle.ptnr2_symmetry 
_pdbx_struct_conn_angle.ptnr3_label_atom_id 
_pdbx_struct_conn_angle.ptnr3_label_alt_id 
_pdbx_struct_conn_angle.ptnr3_label_asym_id 
_pdbx_struct_conn_angle.ptnr3_label_comp_id 
_pdbx_struct_conn_angle.ptnr3_label_seq_id 
_pdbx_struct_conn_angle.ptnr3_auth_atom_id 
_pdbx_struct_conn_angle.ptnr3_auth_asym_id 
_pdbx_struct_conn_angle.ptnr3_auth_comp_id 
_pdbx_struct_conn_angle.ptnr3_auth_seq_id 
_pdbx_struct_conn_angle.ptnr3_PDB_ins_code 
_pdbx_struct_conn_angle.ptnr3_symmetry 
_pdbx_struct_conn_angle.value 
_pdbx_struct_conn_angle.value_esd 
1  NE2 ? A HIS 90 ? A HIS 90  ? 1_555 FE ? B HEM . ? A HEM 148 ? 1_555 NA ? B HEM . ? A HEM 148 ? 1_555 89.9  ? 
2  NE2 ? A HIS 90 ? A HIS 90  ? 1_555 FE ? B HEM . ? A HEM 148 ? 1_555 NB ? B HEM . ? A HEM 148 ? 1_555 92.1  ? 
3  NA  ? B HEM .  ? A HEM 148 ? 1_555 FE ? B HEM . ? A HEM 148 ? 1_555 NB ? B HEM . ? A HEM 148 ? 1_555 90.0  ? 
4  NE2 ? A HIS 90 ? A HIS 90  ? 1_555 FE ? B HEM . ? A HEM 148 ? 1_555 NC ? B HEM . ? A HEM 148 ? 1_555 88.7  ? 
5  NA  ? B HEM .  ? A HEM 148 ? 1_555 FE ? B HEM . ? A HEM 148 ? 1_555 NC ? B HEM . ? A HEM 148 ? 1_555 178.2 ? 
6  NB  ? B HEM .  ? A HEM 148 ? 1_555 FE ? B HEM . ? A HEM 148 ? 1_555 NC ? B HEM . ? A HEM 148 ? 1_555 88.9  ? 
7  NE2 ? A HIS 90 ? A HIS 90  ? 1_555 FE ? B HEM . ? A HEM 148 ? 1_555 ND ? B HEM . ? A HEM 148 ? 1_555 89.4  ? 
8  NA  ? B HEM .  ? A HEM 148 ? 1_555 FE ? B HEM . ? A HEM 148 ? 1_555 ND ? B HEM . ? A HEM 148 ? 1_555 89.8  ? 
9  NB  ? B HEM .  ? A HEM 148 ? 1_555 FE ? B HEM . ? A HEM 148 ? 1_555 ND ? B HEM . ? A HEM 148 ? 1_555 178.6 ? 
10 NC  ? B HEM .  ? A HEM 148 ? 1_555 FE ? B HEM . ? A HEM 148 ? 1_555 ND ? B HEM . ? A HEM 148 ? 1_555 91.3  ? 
11 NE2 ? A HIS 90 ? A HIS 90  ? 1_555 FE ? B HEM . ? A HEM 148 ? 1_555 C  ? C CMO . ? A CMO 201 ? 1_555 172.5 ? 
12 NA  ? B HEM .  ? A HEM 148 ? 1_555 FE ? B HEM . ? A HEM 148 ? 1_555 C  ? C CMO . ? A CMO 201 ? 1_555 91.7  ? 
13 NB  ? B HEM .  ? A HEM 148 ? 1_555 FE ? B HEM . ? A HEM 148 ? 1_555 C  ? C CMO . ? A CMO 201 ? 1_555 80.6  ? 
14 NC  ? B HEM .  ? A HEM 148 ? 1_555 FE ? B HEM . ? A HEM 148 ? 1_555 C  ? C CMO . ? A CMO 201 ? 1_555 89.6  ? 
15 ND  ? B HEM .  ? A HEM 148 ? 1_555 FE ? B HEM . ? A HEM 148 ? 1_555 C  ? C CMO . ? A CMO 201 ? 1_555 97.9  ? 
16 NE2 ? A HIS 90 ? A HIS 90  ? 1_555 FE ? B HEM . ? A HEM 148 ? 1_555 O  ? C CMO . ? A CMO 201 ? 1_555 175.0 ? 
17 NA  ? B HEM .  ? A HEM 148 ? 1_555 FE ? B HEM . ? A HEM 148 ? 1_555 O  ? C CMO . ? A CMO 201 ? 1_555 88.5  ? 
18 NB  ? B HEM .  ? A HEM 148 ? 1_555 FE ? B HEM . ? A HEM 148 ? 1_555 O  ? C CMO . ? A CMO 201 ? 1_555 83.2  ? 
19 NC  ? B HEM .  ? A HEM 148 ? 1_555 FE ? B HEM . ? A HEM 148 ? 1_555 O  ? C CMO . ? A CMO 201 ? 1_555 92.8  ? 
20 ND  ? B HEM .  ? A HEM 148 ? 1_555 FE ? B HEM . ? A HEM 148 ? 1_555 O  ? C CMO . ? A CMO 201 ? 1_555 95.3  ? 
21 C   ? C CMO .  ? A CMO 201 ? 1_555 FE ? B HEM . ? A HEM 148 ? 1_555 O  ? C CMO . ? A CMO 201 ? 1_555 4.1   ? 
# 
loop_
_struct_site.id 
_struct_site.pdbx_evidence_code 
_struct_site.pdbx_auth_asym_id 
_struct_site.pdbx_auth_comp_id 
_struct_site.pdbx_auth_seq_id 
_struct_site.pdbx_auth_ins_code 
_struct_site.pdbx_num_residues 
_struct_site.details 
AC1 Software A HEM 148 ? 12 'BINDING SITE FOR RESIDUE HEM A 148' 
AC2 Software A CMO 201 ? 4  'BINDING SITE FOR RESIDUE CMO A 201' 
# 
loop_
_struct_site_gen.id 
_struct_site_gen.site_id 
_struct_site_gen.pdbx_num_res 
_struct_site_gen.label_comp_id 
_struct_site_gen.label_asym_id 
_struct_site_gen.label_seq_id 
_struct_site_gen.pdbx_auth_ins_code 
_struct_site_gen.auth_comp_id 
_struct_site_gen.auth_asym_id 
_struct_site_gen.auth_seq_id 
_struct_site_gen.label_atom_id 
_struct_site_gen.label_alt_id 
_struct_site_gen.symmetry 
_struct_site_gen.details 
1  AC1 12 PHE A 45  ? PHE A 45  . ? 1_555 ? 
2  AC1 12 LEU A 58  ? LEU A 58  . ? 1_555 ? 
3  AC1 12 ARG A 89  ? ARG A 89  . ? 1_555 ? 
4  AC1 12 HIS A 90  ? HIS A 90  . ? 1_555 ? 
5  AC1 12 TYR A 93  ? TYR A 93  . ? 1_555 ? 
6  AC1 12 GLY A 94  ? GLY A 94  . ? 1_555 ? 
7  AC1 12 TYR A 102 ? TYR A 102 . ? 1_555 ? 
8  AC1 12 PHE A 103 ? PHE A 103 . ? 1_555 ? 
9  AC1 12 LEU A 141 ? LEU A 141 . ? 1_555 ? 
10 AC1 12 CMO C .   ? CMO A 201 . ? 1_555 ? 
11 AC1 12 HOH D .   ? HOH A 279 . ? 1_555 ? 
12 AC1 12 HOH D .   ? HOH A 343 . ? 1_555 ? 
13 AC2 4  PHE A 45  ? PHE A 45  . ? 1_555 ? 
14 AC2 4  LEU A 58  ? LEU A 58  . ? 1_555 ? 
15 AC2 4  VAL A 62  ? VAL A 62  . ? 1_555 ? 
16 AC2 4  HEM B .   ? HEM A 148 . ? 1_555 ? 
# 
loop_
_pdbx_validate_rmsd_bond.id 
_pdbx_validate_rmsd_bond.PDB_model_num 
_pdbx_validate_rmsd_bond.auth_atom_id_1 
_pdbx_validate_rmsd_bond.auth_asym_id_1 
_pdbx_validate_rmsd_bond.auth_comp_id_1 
_pdbx_validate_rmsd_bond.auth_seq_id_1 
_pdbx_validate_rmsd_bond.PDB_ins_code_1 
_pdbx_validate_rmsd_bond.label_alt_id_1 
_pdbx_validate_rmsd_bond.auth_atom_id_2 
_pdbx_validate_rmsd_bond.auth_asym_id_2 
_pdbx_validate_rmsd_bond.auth_comp_id_2 
_pdbx_validate_rmsd_bond.auth_seq_id_2 
_pdbx_validate_rmsd_bond.PDB_ins_code_2 
_pdbx_validate_rmsd_bond.label_alt_id_2 
_pdbx_validate_rmsd_bond.bond_value 
_pdbx_validate_rmsd_bond.bond_target_value 
_pdbx_validate_rmsd_bond.bond_deviation 
_pdbx_validate_rmsd_bond.bond_standard_deviation 
_pdbx_validate_rmsd_bond.linker_flag 
1 1 CG A LEU 31  ? ? CD1 A LEU 31  ? C 1.845 1.514 0.331  0.037 N 
2 1 CG A LEU 31  ? ? CD2 A LEU 31  ? B 1.845 1.514 0.331  0.037 N 
3 1 CD A LYS 84  ? B CE  A LYS 84  ? B 1.238 1.508 -0.270 0.025 N 
4 1 CG A ASN 95  ? ? OD1 A ASN 95  ? B 1.367 1.235 0.132  0.022 N 
5 1 CG A ASN 95  ? ? ND2 A ASN 95  ? B 1.688 1.324 0.364  0.025 N 
6 1 CB A SER 109 ? ? OG  A SER 109 ? B 1.231 1.418 -0.187 0.013 N 
7 1 CD A GLU 115 ? ? OE1 A GLU 115 ? ? 1.135 1.252 -0.117 0.011 N 
8 1 CG A HIS 116 ? ? CD2 A HIS 116 ? ? 1.419 1.354 0.065  0.009 N 
9 1 CB A SER 143 ? ? OG  A SER 143 ? B 1.231 1.418 -0.187 0.013 N 
# 
loop_
_pdbx_validate_rmsd_angle.id 
_pdbx_validate_rmsd_angle.PDB_model_num 
_pdbx_validate_rmsd_angle.auth_atom_id_1 
_pdbx_validate_rmsd_angle.auth_asym_id_1 
_pdbx_validate_rmsd_angle.auth_comp_id_1 
_pdbx_validate_rmsd_angle.auth_seq_id_1 
_pdbx_validate_rmsd_angle.PDB_ins_code_1 
_pdbx_validate_rmsd_angle.label_alt_id_1 
_pdbx_validate_rmsd_angle.auth_atom_id_2 
_pdbx_validate_rmsd_angle.auth_asym_id_2 
_pdbx_validate_rmsd_angle.auth_comp_id_2 
_pdbx_validate_rmsd_angle.auth_seq_id_2 
_pdbx_validate_rmsd_angle.PDB_ins_code_2 
_pdbx_validate_rmsd_angle.label_alt_id_2 
_pdbx_validate_rmsd_angle.auth_atom_id_3 
_pdbx_validate_rmsd_angle.auth_asym_id_3 
_pdbx_validate_rmsd_angle.auth_comp_id_3 
_pdbx_validate_rmsd_angle.auth_seq_id_3 
_pdbx_validate_rmsd_angle.PDB_ins_code_3 
_pdbx_validate_rmsd_angle.label_alt_id_3 
_pdbx_validate_rmsd_angle.angle_value 
_pdbx_validate_rmsd_angle.angle_target_value 
_pdbx_validate_rmsd_angle.angle_deviation 
_pdbx_validate_rmsd_angle.angle_standard_deviation 
_pdbx_validate_rmsd_angle.linker_flag 
1  1 NE  A ARG 7   ? ? CZ  A ARG 7   ? ? NH1 A ARG 7   ? ? 114.79 120.30 -5.51  0.50 N 
2  1 CD1 A LEU 31  ? B CG  A LEU 31  ? ? CD2 A LEU 31  ? B 89.64  110.50 -20.86 3.00 N 
3  1 CD1 A LEU 31  ? C CG  A LEU 31  ? ? CD2 A LEU 31  ? C 90.37  110.50 -20.13 3.00 N 
4  1 CB  A LEU 31  ? ? CG  A LEU 31  ? ? CD1 A LEU 31  ? C 143.17 111.00 32.17  1.70 N 
5  1 CB  A LEU 31  ? ? CG  A LEU 31  ? ? CD2 A LEU 31  ? B 143.17 111.00 32.17  1.70 N 
6  1 CB  A ASP 52  ? ? CG  A ASP 52  ? ? OD1 A ASP 52  ? ? 125.74 118.30 7.44   0.90 N 
7  1 CB  A ASP 75  ? ? CG  A ASP 75  ? ? OD1 A ASP 75  ? ? 126.67 118.30 8.37   0.90 N 
8  1 CB  A ASP 75  ? ? CG  A ASP 75  ? ? OD2 A ASP 75  ? ? 109.88 118.30 -8.42  0.90 N 
9  1 CB  A LYS 84  ? ? CG  A LYS 84  ? ? CD  A LYS 84  ? B 129.92 111.60 18.32  2.60 N 
10 1 CG  A LYS 84  ? ? CD  A LYS 84  ? B CE  A LYS 84  ? B 73.74  111.90 -38.16 3.00 N 
11 1 NE  A ARG 89  ? ? CZ  A ARG 89  ? ? NH2 A ARG 89  ? ? 115.04 120.30 -5.26  0.50 N 
12 1 CB  A ASN 95  ? ? CG  A ASN 95  ? ? OD1 A ASN 95  ? B 86.89  121.60 -34.71 2.00 N 
13 1 CB  A ASN 95  ? ? CG  A ASN 95  ? ? ND2 A ASN 95  ? B 86.19  116.70 -30.51 2.40 N 
14 1 CB  A TYR 102 ? ? CG  A TYR 102 ? ? CD2 A TYR 102 ? ? 116.69 121.00 -4.31  0.60 N 
15 1 OE1 A GLU 115 ? ? CD  A GLU 115 ? ? OE2 A GLU 115 ? ? 134.81 123.30 11.51  1.20 N 
16 1 CG  A GLU 115 ? ? CD  A GLU 115 ? ? OE2 A GLU 115 ? ? 104.58 118.30 -13.72 2.00 N 
17 1 CG  A HIS 116 ? ? ND1 A HIS 116 ? ? CE1 A HIS 116 ? ? 115.07 109.00 6.07   1.00 N 
18 1 CE1 A HIS 116 ? ? NE2 A HIS 116 ? ? CD2 A HIS 116 ? ? 113.47 109.00 4.47   0.70 N 
19 1 NE  A ARG 117 ? ? CZ  A ARG 117 ? ? NH1 A ARG 117 ? ? 124.02 120.30 3.72   0.50 N 
20 1 CB  A ASP 128 ? ? CG  A ASP 128 ? ? OD2 A ASP 128 ? ? 124.02 118.30 5.72   0.90 N 
21 1 CB  A ASP 136 ? ? CG  A ASP 136 ? ? OD1 A ASP 136 ? ? 125.09 118.30 6.79   0.90 N 
22 1 CB  A ASP 136 ? ? CG  A ASP 136 ? ? OD2 A ASP 136 ? ? 109.74 118.30 -8.56  0.90 N 
# 
_pdbx_validate_torsion.id              1 
_pdbx_validate_torsion.PDB_model_num   1 
_pdbx_validate_torsion.auth_comp_id    ASP 
_pdbx_validate_torsion.auth_asym_id    A 
_pdbx_validate_torsion.auth_seq_id     21 
_pdbx_validate_torsion.PDB_ins_code    ? 
_pdbx_validate_torsion.label_alt_id    ? 
_pdbx_validate_torsion.phi             -144.81 
_pdbx_validate_torsion.psi             23.52 
# 
_pdbx_validate_planes.id              1 
_pdbx_validate_planes.PDB_model_num   1 
_pdbx_validate_planes.auth_comp_id    ASN 
_pdbx_validate_planes.auth_asym_id    A 
_pdbx_validate_planes.auth_seq_id     95 
_pdbx_validate_planes.PDB_ins_code    ? 
_pdbx_validate_planes.label_alt_id    ? 
_pdbx_validate_planes.rmsd            0.248 
_pdbx_validate_planes.type            'SIDE CHAIN' 
# 
_pdbx_entry_details.entry_id                 1HBG 
_pdbx_entry_details.compound_details         ? 
_pdbx_entry_details.source_details           ? 
_pdbx_entry_details.nonpolymer_details       ? 
_pdbx_entry_details.sequence_details         
;THERE ARE A NUMBER OF SEQUENCE DIFFERENCES BETWEEN THE
SEQUENCE PRESENTED IN THIS ENTRY AND THAT IN PROTEIN
IDENTIFICATION RESOURCE (PIR) ENTRY GGNW1B WHICH IS BASED
ON THE SEQUENCE OF T.IMAMURA,T.O.BALDWIN,A.RIGGS,
J.BIOL.CHEM., V. 247, P. 2785 (1972).  THE SUBSTITUTION OF
ALA FOR ASP AT RESIDUE 20 AND PHE FOR HIS AT RESIDUE 34
AGREE WITH THE PARTIAL SEQUENCE OF S.L.LI,A.F.RIGGS,
BIOCHIM.BIOPHYS.ACTA, V. 236, P. 208 (1971)).  RESIDUE 29
IS ASP IN THE SEQUENCE OF IMAMURA ET AL. AND GLU IN THE
SEQUENCE OF LI AND RIGGS.  RESIDUE 29 HAS BEEN MODELED AS
LYS IN THIS ENTRY DUE TO THE ABSENCE OF SIDE CHAIN
BRANCHING IN THE ELECTRON DENSITY MAP.  RESIDUE 54 WAS
CHANGED FROM ALA TO GLY AND RESIDUE 100 WAS CHANGED FROM
GLY TO ALA; THE CORRESPONDING NEGATIVE AND POSITIVE
DIFFERENCE ELECTRON DENSITY PEAKS IMMEDIATELY DISAPPEARED.
THE SUBSTITUTION OF ALA FOR ASP AT RESIDUE 57 AGREES WELL
WITH THE X-RAY DATA BUT MAY NOT REPRESENT THE TRUTH.  THE
SIDE-CHAIN OF RESIDUE 57 IS COMPLETELY EXPOSED TO THE
SOLVENT; THEREFORE IT IS POSSIBLE THAT THE CG AND OD ATOMS
ARE PRESENT BUT EXIST IN TOO MANY CONFORMATIONS IN THE
CRYSTAL FOR ANY CORRESPONDING ELECTRON DENSITY TO BE
VISIBLE.  NEVERTHELESS, ALA WAS SUBSTITUTED AT RESIDUE 57
BECAUSE THERE IS NO ELECTRON DENSITY TO WHICH THE
ASPARTATE ATOMS COULD BE FITTED.
;
_pdbx_entry_details.has_ligand_of_interest   ? 
# 
loop_
_chem_comp_atom.comp_id 
_chem_comp_atom.atom_id 
_chem_comp_atom.type_symbol 
_chem_comp_atom.pdbx_aromatic_flag 
_chem_comp_atom.pdbx_stereo_config 
_chem_comp_atom.pdbx_ordinal 
ALA N    N  N N 1   
ALA CA   C  N S 2   
ALA C    C  N N 3   
ALA O    O  N N 4   
ALA CB   C  N N 5   
ALA OXT  O  N N 6   
ALA H    H  N N 7   
ALA H2   H  N N 8   
ALA HA   H  N N 9   
ALA HB1  H  N N 10  
ALA HB2  H  N N 11  
ALA HB3  H  N N 12  
ALA HXT  H  N N 13  
ARG N    N  N N 14  
ARG CA   C  N S 15  
ARG C    C  N N 16  
ARG O    O  N N 17  
ARG CB   C  N N 18  
ARG CG   C  N N 19  
ARG CD   C  N N 20  
ARG NE   N  N N 21  
ARG CZ   C  N N 22  
ARG NH1  N  N N 23  
ARG NH2  N  N N 24  
ARG OXT  O  N N 25  
ARG H    H  N N 26  
ARG H2   H  N N 27  
ARG HA   H  N N 28  
ARG HB2  H  N N 29  
ARG HB3  H  N N 30  
ARG HG2  H  N N 31  
ARG HG3  H  N N 32  
ARG HD2  H  N N 33  
ARG HD3  H  N N 34  
ARG HE   H  N N 35  
ARG HH11 H  N N 36  
ARG HH12 H  N N 37  
ARG HH21 H  N N 38  
ARG HH22 H  N N 39  
ARG HXT  H  N N 40  
ASN N    N  N N 41  
ASN CA   C  N S 42  
ASN C    C  N N 43  
ASN O    O  N N 44  
ASN CB   C  N N 45  
ASN CG   C  N N 46  
ASN OD1  O  N N 47  
ASN ND2  N  N N 48  
ASN OXT  O  N N 49  
ASN H    H  N N 50  
ASN H2   H  N N 51  
ASN HA   H  N N 52  
ASN HB2  H  N N 53  
ASN HB3  H  N N 54  
ASN HD21 H  N N 55  
ASN HD22 H  N N 56  
ASN HXT  H  N N 57  
ASP N    N  N N 58  
ASP CA   C  N S 59  
ASP C    C  N N 60  
ASP O    O  N N 61  
ASP CB   C  N N 62  
ASP CG   C  N N 63  
ASP OD1  O  N N 64  
ASP OD2  O  N N 65  
ASP OXT  O  N N 66  
ASP H    H  N N 67  
ASP H2   H  N N 68  
ASP HA   H  N N 69  
ASP HB2  H  N N 70  
ASP HB3  H  N N 71  
ASP HD2  H  N N 72  
ASP HXT  H  N N 73  
CMO C    C  N N 74  
CMO O    O  N N 75  
CYS N    N  N N 76  
CYS CA   C  N R 77  
CYS C    C  N N 78  
CYS O    O  N N 79  
CYS CB   C  N N 80  
CYS SG   S  N N 81  
CYS OXT  O  N N 82  
CYS H    H  N N 83  
CYS H2   H  N N 84  
CYS HA   H  N N 85  
CYS HB2  H  N N 86  
CYS HB3  H  N N 87  
CYS HG   H  N N 88  
CYS HXT  H  N N 89  
GLN N    N  N N 90  
GLN CA   C  N S 91  
GLN C    C  N N 92  
GLN O    O  N N 93  
GLN CB   C  N N 94  
GLN CG   C  N N 95  
GLN CD   C  N N 96  
GLN OE1  O  N N 97  
GLN NE2  N  N N 98  
GLN OXT  O  N N 99  
GLN H    H  N N 100 
GLN H2   H  N N 101 
GLN HA   H  N N 102 
GLN HB2  H  N N 103 
GLN HB3  H  N N 104 
GLN HG2  H  N N 105 
GLN HG3  H  N N 106 
GLN HE21 H  N N 107 
GLN HE22 H  N N 108 
GLN HXT  H  N N 109 
GLU N    N  N N 110 
GLU CA   C  N S 111 
GLU C    C  N N 112 
GLU O    O  N N 113 
GLU CB   C  N N 114 
GLU CG   C  N N 115 
GLU CD   C  N N 116 
GLU OE1  O  N N 117 
GLU OE2  O  N N 118 
GLU OXT  O  N N 119 
GLU H    H  N N 120 
GLU H2   H  N N 121 
GLU HA   H  N N 122 
GLU HB2  H  N N 123 
GLU HB3  H  N N 124 
GLU HG2  H  N N 125 
GLU HG3  H  N N 126 
GLU HE2  H  N N 127 
GLU HXT  H  N N 128 
GLY N    N  N N 129 
GLY CA   C  N N 130 
GLY C    C  N N 131 
GLY O    O  N N 132 
GLY OXT  O  N N 133 
GLY H    H  N N 134 
GLY H2   H  N N 135 
GLY HA2  H  N N 136 
GLY HA3  H  N N 137 
GLY HXT  H  N N 138 
HEM CHA  C  N N 139 
HEM CHB  C  N N 140 
HEM CHC  C  N N 141 
HEM CHD  C  N N 142 
HEM C1A  C  Y N 143 
HEM C2A  C  Y N 144 
HEM C3A  C  Y N 145 
HEM C4A  C  Y N 146 
HEM CMA  C  N N 147 
HEM CAA  C  N N 148 
HEM CBA  C  N N 149 
HEM CGA  C  N N 150 
HEM O1A  O  N N 151 
HEM O2A  O  N N 152 
HEM C1B  C  N N 153 
HEM C2B  C  N N 154 
HEM C3B  C  N N 155 
HEM C4B  C  N N 156 
HEM CMB  C  N N 157 
HEM CAB  C  N N 158 
HEM CBB  C  N N 159 
HEM C1C  C  Y N 160 
HEM C2C  C  Y N 161 
HEM C3C  C  Y N 162 
HEM C4C  C  Y N 163 
HEM CMC  C  N N 164 
HEM CAC  C  N N 165 
HEM CBC  C  N N 166 
HEM C1D  C  N N 167 
HEM C2D  C  N N 168 
HEM C3D  C  N N 169 
HEM C4D  C  N N 170 
HEM CMD  C  N N 171 
HEM CAD  C  N N 172 
HEM CBD  C  N N 173 
HEM CGD  C  N N 174 
HEM O1D  O  N N 175 
HEM O2D  O  N N 176 
HEM NA   N  Y N 177 
HEM NB   N  N N 178 
HEM NC   N  Y N 179 
HEM ND   N  N N 180 
HEM FE   FE N N 181 
HEM HHB  H  N N 182 
HEM HHC  H  N N 183 
HEM HHD  H  N N 184 
HEM HMA  H  N N 185 
HEM HMAA H  N N 186 
HEM HMAB H  N N 187 
HEM HAA  H  N N 188 
HEM HAAA H  N N 189 
HEM HBA  H  N N 190 
HEM HBAA H  N N 191 
HEM HMB  H  N N 192 
HEM HMBA H  N N 193 
HEM HMBB H  N N 194 
HEM HAB  H  N N 195 
HEM HBB  H  N N 196 
HEM HBBA H  N N 197 
HEM HMC  H  N N 198 
HEM HMCA H  N N 199 
HEM HMCB H  N N 200 
HEM HAC  H  N N 201 
HEM HBC  H  N N 202 
HEM HBCA H  N N 203 
HEM HMD  H  N N 204 
HEM HMDA H  N N 205 
HEM HMDB H  N N 206 
HEM HAD  H  N N 207 
HEM HADA H  N N 208 
HEM HBD  H  N N 209 
HEM HBDA H  N N 210 
HEM H2A  H  N N 211 
HEM H2D  H  N N 212 
HEM HHA  H  N N 213 
HIS N    N  N N 214 
HIS CA   C  N S 215 
HIS C    C  N N 216 
HIS O    O  N N 217 
HIS CB   C  N N 218 
HIS CG   C  Y N 219 
HIS ND1  N  Y N 220 
HIS CD2  C  Y N 221 
HIS CE1  C  Y N 222 
HIS NE2  N  Y N 223 
HIS OXT  O  N N 224 
HIS H    H  N N 225 
HIS H2   H  N N 226 
HIS HA   H  N N 227 
HIS HB2  H  N N 228 
HIS HB3  H  N N 229 
HIS HD1  H  N N 230 
HIS HD2  H  N N 231 
HIS HE1  H  N N 232 
HIS HE2  H  N N 233 
HIS HXT  H  N N 234 
HOH O    O  N N 235 
HOH H1   H  N N 236 
HOH H2   H  N N 237 
ILE N    N  N N 238 
ILE CA   C  N S 239 
ILE C    C  N N 240 
ILE O    O  N N 241 
ILE CB   C  N S 242 
ILE CG1  C  N N 243 
ILE CG2  C  N N 244 
ILE CD1  C  N N 245 
ILE OXT  O  N N 246 
ILE H    H  N N 247 
ILE H2   H  N N 248 
ILE HA   H  N N 249 
ILE HB   H  N N 250 
ILE HG12 H  N N 251 
ILE HG13 H  N N 252 
ILE HG21 H  N N 253 
ILE HG22 H  N N 254 
ILE HG23 H  N N 255 
ILE HD11 H  N N 256 
ILE HD12 H  N N 257 
ILE HD13 H  N N 258 
ILE HXT  H  N N 259 
LEU N    N  N N 260 
LEU CA   C  N S 261 
LEU C    C  N N 262 
LEU O    O  N N 263 
LEU CB   C  N N 264 
LEU CG   C  N N 265 
LEU CD1  C  N N 266 
LEU CD2  C  N N 267 
LEU OXT  O  N N 268 
LEU H    H  N N 269 
LEU H2   H  N N 270 
LEU HA   H  N N 271 
LEU HB2  H  N N 272 
LEU HB3  H  N N 273 
LEU HG   H  N N 274 
LEU HD11 H  N N 275 
LEU HD12 H  N N 276 
LEU HD13 H  N N 277 
LEU HD21 H  N N 278 
LEU HD22 H  N N 279 
LEU HD23 H  N N 280 
LEU HXT  H  N N 281 
LYS N    N  N N 282 
LYS CA   C  N S 283 
LYS C    C  N N 284 
LYS O    O  N N 285 
LYS CB   C  N N 286 
LYS CG   C  N N 287 
LYS CD   C  N N 288 
LYS CE   C  N N 289 
LYS NZ   N  N N 290 
LYS OXT  O  N N 291 
LYS H    H  N N 292 
LYS H2   H  N N 293 
LYS HA   H  N N 294 
LYS HB2  H  N N 295 
LYS HB3  H  N N 296 
LYS HG2  H  N N 297 
LYS HG3  H  N N 298 
LYS HD2  H  N N 299 
LYS HD3  H  N N 300 
LYS HE2  H  N N 301 
LYS HE3  H  N N 302 
LYS HZ1  H  N N 303 
LYS HZ2  H  N N 304 
LYS HZ3  H  N N 305 
LYS HXT  H  N N 306 
MET N    N  N N 307 
MET CA   C  N S 308 
MET C    C  N N 309 
MET O    O  N N 310 
MET CB   C  N N 311 
MET CG   C  N N 312 
MET SD   S  N N 313 
MET CE   C  N N 314 
MET OXT  O  N N 315 
MET H    H  N N 316 
MET H2   H  N N 317 
MET HA   H  N N 318 
MET HB2  H  N N 319 
MET HB3  H  N N 320 
MET HG2  H  N N 321 
MET HG3  H  N N 322 
MET HE1  H  N N 323 
MET HE2  H  N N 324 
MET HE3  H  N N 325 
MET HXT  H  N N 326 
PHE N    N  N N 327 
PHE CA   C  N S 328 
PHE C    C  N N 329 
PHE O    O  N N 330 
PHE CB   C  N N 331 
PHE CG   C  Y N 332 
PHE CD1  C  Y N 333 
PHE CD2  C  Y N 334 
PHE CE1  C  Y N 335 
PHE CE2  C  Y N 336 
PHE CZ   C  Y N 337 
PHE OXT  O  N N 338 
PHE H    H  N N 339 
PHE H2   H  N N 340 
PHE HA   H  N N 341 
PHE HB2  H  N N 342 
PHE HB3  H  N N 343 
PHE HD1  H  N N 344 
PHE HD2  H  N N 345 
PHE HE1  H  N N 346 
PHE HE2  H  N N 347 
PHE HZ   H  N N 348 
PHE HXT  H  N N 349 
PRO N    N  N N 350 
PRO CA   C  N S 351 
PRO C    C  N N 352 
PRO O    O  N N 353 
PRO CB   C  N N 354 
PRO CG   C  N N 355 
PRO CD   C  N N 356 
PRO OXT  O  N N 357 
PRO H    H  N N 358 
PRO HA   H  N N 359 
PRO HB2  H  N N 360 
PRO HB3  H  N N 361 
PRO HG2  H  N N 362 
PRO HG3  H  N N 363 
PRO HD2  H  N N 364 
PRO HD3  H  N N 365 
PRO HXT  H  N N 366 
SER N    N  N N 367 
SER CA   C  N S 368 
SER C    C  N N 369 
SER O    O  N N 370 
SER CB   C  N N 371 
SER OG   O  N N 372 
SER OXT  O  N N 373 
SER H    H  N N 374 
SER H2   H  N N 375 
SER HA   H  N N 376 
SER HB2  H  N N 377 
SER HB3  H  N N 378 
SER HG   H  N N 379 
SER HXT  H  N N 380 
THR N    N  N N 381 
THR CA   C  N S 382 
THR C    C  N N 383 
THR O    O  N N 384 
THR CB   C  N R 385 
THR OG1  O  N N 386 
THR CG2  C  N N 387 
THR OXT  O  N N 388 
THR H    H  N N 389 
THR H2   H  N N 390 
THR HA   H  N N 391 
THR HB   H  N N 392 
THR HG1  H  N N 393 
THR HG21 H  N N 394 
THR HG22 H  N N 395 
THR HG23 H  N N 396 
THR HXT  H  N N 397 
TRP N    N  N N 398 
TRP CA   C  N S 399 
TRP C    C  N N 400 
TRP O    O  N N 401 
TRP CB   C  N N 402 
TRP CG   C  Y N 403 
TRP CD1  C  Y N 404 
TRP CD2  C  Y N 405 
TRP NE1  N  Y N 406 
TRP CE2  C  Y N 407 
TRP CE3  C  Y N 408 
TRP CZ2  C  Y N 409 
TRP CZ3  C  Y N 410 
TRP CH2  C  Y N 411 
TRP OXT  O  N N 412 
TRP H    H  N N 413 
TRP H2   H  N N 414 
TRP HA   H  N N 415 
TRP HB2  H  N N 416 
TRP HB3  H  N N 417 
TRP HD1  H  N N 418 
TRP HE1  H  N N 419 
TRP HE3  H  N N 420 
TRP HZ2  H  N N 421 
TRP HZ3  H  N N 422 
TRP HH2  H  N N 423 
TRP HXT  H  N N 424 
TYR N    N  N N 425 
TYR CA   C  N S 426 
TYR C    C  N N 427 
TYR O    O  N N 428 
TYR CB   C  N N 429 
TYR CG   C  Y N 430 
TYR CD1  C  Y N 431 
TYR CD2  C  Y N 432 
TYR CE1  C  Y N 433 
TYR CE2  C  Y N 434 
TYR CZ   C  Y N 435 
TYR OH   O  N N 436 
TYR OXT  O  N N 437 
TYR H    H  N N 438 
TYR H2   H  N N 439 
TYR HA   H  N N 440 
TYR HB2  H  N N 441 
TYR HB3  H  N N 442 
TYR HD1  H  N N 443 
TYR HD2  H  N N 444 
TYR HE1  H  N N 445 
TYR HE2  H  N N 446 
TYR HH   H  N N 447 
TYR HXT  H  N N 448 
VAL N    N  N N 449 
VAL CA   C  N S 450 
VAL C    C  N N 451 
VAL O    O  N N 452 
VAL CB   C  N N 453 
VAL CG1  C  N N 454 
VAL CG2  C  N N 455 
VAL OXT  O  N N 456 
VAL H    H  N N 457 
VAL H2   H  N N 458 
VAL HA   H  N N 459 
VAL HB   H  N N 460 
VAL HG11 H  N N 461 
VAL HG12 H  N N 462 
VAL HG13 H  N N 463 
VAL HG21 H  N N 464 
VAL HG22 H  N N 465 
VAL HG23 H  N N 466 
VAL HXT  H  N N 467 
# 
loop_
_chem_comp_bond.comp_id 
_chem_comp_bond.atom_id_1 
_chem_comp_bond.atom_id_2 
_chem_comp_bond.value_order 
_chem_comp_bond.pdbx_aromatic_flag 
_chem_comp_bond.pdbx_stereo_config 
_chem_comp_bond.pdbx_ordinal 
ALA N   CA   sing N N 1   
ALA N   H    sing N N 2   
ALA N   H2   sing N N 3   
ALA CA  C    sing N N 4   
ALA CA  CB   sing N N 5   
ALA CA  HA   sing N N 6   
ALA C   O    doub N N 7   
ALA C   OXT  sing N N 8   
ALA CB  HB1  sing N N 9   
ALA CB  HB2  sing N N 10  
ALA CB  HB3  sing N N 11  
ALA OXT HXT  sing N N 12  
ARG N   CA   sing N N 13  
ARG N   H    sing N N 14  
ARG N   H2   sing N N 15  
ARG CA  C    sing N N 16  
ARG CA  CB   sing N N 17  
ARG CA  HA   sing N N 18  
ARG C   O    doub N N 19  
ARG C   OXT  sing N N 20  
ARG CB  CG   sing N N 21  
ARG CB  HB2  sing N N 22  
ARG CB  HB3  sing N N 23  
ARG CG  CD   sing N N 24  
ARG CG  HG2  sing N N 25  
ARG CG  HG3  sing N N 26  
ARG CD  NE   sing N N 27  
ARG CD  HD2  sing N N 28  
ARG CD  HD3  sing N N 29  
ARG NE  CZ   sing N N 30  
ARG NE  HE   sing N N 31  
ARG CZ  NH1  sing N N 32  
ARG CZ  NH2  doub N N 33  
ARG NH1 HH11 sing N N 34  
ARG NH1 HH12 sing N N 35  
ARG NH2 HH21 sing N N 36  
ARG NH2 HH22 sing N N 37  
ARG OXT HXT  sing N N 38  
ASN N   CA   sing N N 39  
ASN N   H    sing N N 40  
ASN N   H2   sing N N 41  
ASN CA  C    sing N N 42  
ASN CA  CB   sing N N 43  
ASN CA  HA   sing N N 44  
ASN C   O    doub N N 45  
ASN C   OXT  sing N N 46  
ASN CB  CG   sing N N 47  
ASN CB  HB2  sing N N 48  
ASN CB  HB3  sing N N 49  
ASN CG  OD1  doub N N 50  
ASN CG  ND2  sing N N 51  
ASN ND2 HD21 sing N N 52  
ASN ND2 HD22 sing N N 53  
ASN OXT HXT  sing N N 54  
ASP N   CA   sing N N 55  
ASP N   H    sing N N 56  
ASP N   H2   sing N N 57  
ASP CA  C    sing N N 58  
ASP CA  CB   sing N N 59  
ASP CA  HA   sing N N 60  
ASP C   O    doub N N 61  
ASP C   OXT  sing N N 62  
ASP CB  CG   sing N N 63  
ASP CB  HB2  sing N N 64  
ASP CB  HB3  sing N N 65  
ASP CG  OD1  doub N N 66  
ASP CG  OD2  sing N N 67  
ASP OD2 HD2  sing N N 68  
ASP OXT HXT  sing N N 69  
CMO C   O    trip N N 70  
CYS N   CA   sing N N 71  
CYS N   H    sing N N 72  
CYS N   H2   sing N N 73  
CYS CA  C    sing N N 74  
CYS CA  CB   sing N N 75  
CYS CA  HA   sing N N 76  
CYS C   O    doub N N 77  
CYS C   OXT  sing N N 78  
CYS CB  SG   sing N N 79  
CYS CB  HB2  sing N N 80  
CYS CB  HB3  sing N N 81  
CYS SG  HG   sing N N 82  
CYS OXT HXT  sing N N 83  
GLN N   CA   sing N N 84  
GLN N   H    sing N N 85  
GLN N   H2   sing N N 86  
GLN CA  C    sing N N 87  
GLN CA  CB   sing N N 88  
GLN CA  HA   sing N N 89  
GLN C   O    doub N N 90  
GLN C   OXT  sing N N 91  
GLN CB  CG   sing N N 92  
GLN CB  HB2  sing N N 93  
GLN CB  HB3  sing N N 94  
GLN CG  CD   sing N N 95  
GLN CG  HG2  sing N N 96  
GLN CG  HG3  sing N N 97  
GLN CD  OE1  doub N N 98  
GLN CD  NE2  sing N N 99  
GLN NE2 HE21 sing N N 100 
GLN NE2 HE22 sing N N 101 
GLN OXT HXT  sing N N 102 
GLU N   CA   sing N N 103 
GLU N   H    sing N N 104 
GLU N   H2   sing N N 105 
GLU CA  C    sing N N 106 
GLU CA  CB   sing N N 107 
GLU CA  HA   sing N N 108 
GLU C   O    doub N N 109 
GLU C   OXT  sing N N 110 
GLU CB  CG   sing N N 111 
GLU CB  HB2  sing N N 112 
GLU CB  HB3  sing N N 113 
GLU CG  CD   sing N N 114 
GLU CG  HG2  sing N N 115 
GLU CG  HG3  sing N N 116 
GLU CD  OE1  doub N N 117 
GLU CD  OE2  sing N N 118 
GLU OE2 HE2  sing N N 119 
GLU OXT HXT  sing N N 120 
GLY N   CA   sing N N 121 
GLY N   H    sing N N 122 
GLY N   H2   sing N N 123 
GLY CA  C    sing N N 124 
GLY CA  HA2  sing N N 125 
GLY CA  HA3  sing N N 126 
GLY C   O    doub N N 127 
GLY C   OXT  sing N N 128 
GLY OXT HXT  sing N N 129 
HEM CHA C1A  sing N N 130 
HEM CHA C4D  doub N N 131 
HEM CHA HHA  sing N N 132 
HEM CHB C4A  sing N N 133 
HEM CHB C1B  doub N N 134 
HEM CHB HHB  sing N N 135 
HEM CHC C4B  sing N N 136 
HEM CHC C1C  doub N N 137 
HEM CHC HHC  sing N N 138 
HEM CHD C4C  doub N N 139 
HEM CHD C1D  sing N N 140 
HEM CHD HHD  sing N N 141 
HEM C1A C2A  doub Y N 142 
HEM C1A NA   sing Y N 143 
HEM C2A C3A  sing Y N 144 
HEM C2A CAA  sing N N 145 
HEM C3A C4A  doub Y N 146 
HEM C3A CMA  sing N N 147 
HEM C4A NA   sing Y N 148 
HEM CMA HMA  sing N N 149 
HEM CMA HMAA sing N N 150 
HEM CMA HMAB sing N N 151 
HEM CAA CBA  sing N N 152 
HEM CAA HAA  sing N N 153 
HEM CAA HAAA sing N N 154 
HEM CBA CGA  sing N N 155 
HEM CBA HBA  sing N N 156 
HEM CBA HBAA sing N N 157 
HEM CGA O1A  doub N N 158 
HEM CGA O2A  sing N N 159 
HEM C1B C2B  sing N N 160 
HEM C1B NB   sing N N 161 
HEM C2B C3B  doub N N 162 
HEM C2B CMB  sing N N 163 
HEM C3B C4B  sing N N 164 
HEM C3B CAB  sing N N 165 
HEM C4B NB   doub N N 166 
HEM CMB HMB  sing N N 167 
HEM CMB HMBA sing N N 168 
HEM CMB HMBB sing N N 169 
HEM CAB CBB  doub N N 170 
HEM CAB HAB  sing N N 171 
HEM CBB HBB  sing N N 172 
HEM CBB HBBA sing N N 173 
HEM C1C C2C  sing Y N 174 
HEM C1C NC   sing Y N 175 
HEM C2C C3C  doub Y N 176 
HEM C2C CMC  sing N N 177 
HEM C3C C4C  sing Y N 178 
HEM C3C CAC  sing N N 179 
HEM C4C NC   sing Y N 180 
HEM CMC HMC  sing N N 181 
HEM CMC HMCA sing N N 182 
HEM CMC HMCB sing N N 183 
HEM CAC CBC  doub N N 184 
HEM CAC HAC  sing N N 185 
HEM CBC HBC  sing N N 186 
HEM CBC HBCA sing N N 187 
HEM C1D C2D  sing N N 188 
HEM C1D ND   doub N N 189 
HEM C2D C3D  doub N N 190 
HEM C2D CMD  sing N N 191 
HEM C3D C4D  sing N N 192 
HEM C3D CAD  sing N N 193 
HEM C4D ND   sing N N 194 
HEM CMD HMD  sing N N 195 
HEM CMD HMDA sing N N 196 
HEM CMD HMDB sing N N 197 
HEM CAD CBD  sing N N 198 
HEM CAD HAD  sing N N 199 
HEM CAD HADA sing N N 200 
HEM CBD CGD  sing N N 201 
HEM CBD HBD  sing N N 202 
HEM CBD HBDA sing N N 203 
HEM CGD O1D  doub N N 204 
HEM CGD O2D  sing N N 205 
HEM O2A H2A  sing N N 206 
HEM O2D H2D  sing N N 207 
HEM FE  NA   sing N N 208 
HEM FE  NB   sing N N 209 
HEM FE  NC   sing N N 210 
HEM FE  ND   sing N N 211 
HIS N   CA   sing N N 212 
HIS N   H    sing N N 213 
HIS N   H2   sing N N 214 
HIS CA  C    sing N N 215 
HIS CA  CB   sing N N 216 
HIS CA  HA   sing N N 217 
HIS C   O    doub N N 218 
HIS C   OXT  sing N N 219 
HIS CB  CG   sing N N 220 
HIS CB  HB2  sing N N 221 
HIS CB  HB3  sing N N 222 
HIS CG  ND1  sing Y N 223 
HIS CG  CD2  doub Y N 224 
HIS ND1 CE1  doub Y N 225 
HIS ND1 HD1  sing N N 226 
HIS CD2 NE2  sing Y N 227 
HIS CD2 HD2  sing N N 228 
HIS CE1 NE2  sing Y N 229 
HIS CE1 HE1  sing N N 230 
HIS NE2 HE2  sing N N 231 
HIS OXT HXT  sing N N 232 
HOH O   H1   sing N N 233 
HOH O   H2   sing N N 234 
ILE N   CA   sing N N 235 
ILE N   H    sing N N 236 
ILE N   H2   sing N N 237 
ILE CA  C    sing N N 238 
ILE CA  CB   sing N N 239 
ILE CA  HA   sing N N 240 
ILE C   O    doub N N 241 
ILE C   OXT  sing N N 242 
ILE CB  CG1  sing N N 243 
ILE CB  CG2  sing N N 244 
ILE CB  HB   sing N N 245 
ILE CG1 CD1  sing N N 246 
ILE CG1 HG12 sing N N 247 
ILE CG1 HG13 sing N N 248 
ILE CG2 HG21 sing N N 249 
ILE CG2 HG22 sing N N 250 
ILE CG2 HG23 sing N N 251 
ILE CD1 HD11 sing N N 252 
ILE CD1 HD12 sing N N 253 
ILE CD1 HD13 sing N N 254 
ILE OXT HXT  sing N N 255 
LEU N   CA   sing N N 256 
LEU N   H    sing N N 257 
LEU N   H2   sing N N 258 
LEU CA  C    sing N N 259 
LEU CA  CB   sing N N 260 
LEU CA  HA   sing N N 261 
LEU C   O    doub N N 262 
LEU C   OXT  sing N N 263 
LEU CB  CG   sing N N 264 
LEU CB  HB2  sing N N 265 
LEU CB  HB3  sing N N 266 
LEU CG  CD1  sing N N 267 
LEU CG  CD2  sing N N 268 
LEU CG  HG   sing N N 269 
LEU CD1 HD11 sing N N 270 
LEU CD1 HD12 sing N N 271 
LEU CD1 HD13 sing N N 272 
LEU CD2 HD21 sing N N 273 
LEU CD2 HD22 sing N N 274 
LEU CD2 HD23 sing N N 275 
LEU OXT HXT  sing N N 276 
LYS N   CA   sing N N 277 
LYS N   H    sing N N 278 
LYS N   H2   sing N N 279 
LYS CA  C    sing N N 280 
LYS CA  CB   sing N N 281 
LYS CA  HA   sing N N 282 
LYS C   O    doub N N 283 
LYS C   OXT  sing N N 284 
LYS CB  CG   sing N N 285 
LYS CB  HB2  sing N N 286 
LYS CB  HB3  sing N N 287 
LYS CG  CD   sing N N 288 
LYS CG  HG2  sing N N 289 
LYS CG  HG3  sing N N 290 
LYS CD  CE   sing N N 291 
LYS CD  HD2  sing N N 292 
LYS CD  HD3  sing N N 293 
LYS CE  NZ   sing N N 294 
LYS CE  HE2  sing N N 295 
LYS CE  HE3  sing N N 296 
LYS NZ  HZ1  sing N N 297 
LYS NZ  HZ2  sing N N 298 
LYS NZ  HZ3  sing N N 299 
LYS OXT HXT  sing N N 300 
MET N   CA   sing N N 301 
MET N   H    sing N N 302 
MET N   H2   sing N N 303 
MET CA  C    sing N N 304 
MET CA  CB   sing N N 305 
MET CA  HA   sing N N 306 
MET C   O    doub N N 307 
MET C   OXT  sing N N 308 
MET CB  CG   sing N N 309 
MET CB  HB2  sing N N 310 
MET CB  HB3  sing N N 311 
MET CG  SD   sing N N 312 
MET CG  HG2  sing N N 313 
MET CG  HG3  sing N N 314 
MET SD  CE   sing N N 315 
MET CE  HE1  sing N N 316 
MET CE  HE2  sing N N 317 
MET CE  HE3  sing N N 318 
MET OXT HXT  sing N N 319 
PHE N   CA   sing N N 320 
PHE N   H    sing N N 321 
PHE N   H2   sing N N 322 
PHE CA  C    sing N N 323 
PHE CA  CB   sing N N 324 
PHE CA  HA   sing N N 325 
PHE C   O    doub N N 326 
PHE C   OXT  sing N N 327 
PHE CB  CG   sing N N 328 
PHE CB  HB2  sing N N 329 
PHE CB  HB3  sing N N 330 
PHE CG  CD1  doub Y N 331 
PHE CG  CD2  sing Y N 332 
PHE CD1 CE1  sing Y N 333 
PHE CD1 HD1  sing N N 334 
PHE CD2 CE2  doub Y N 335 
PHE CD2 HD2  sing N N 336 
PHE CE1 CZ   doub Y N 337 
PHE CE1 HE1  sing N N 338 
PHE CE2 CZ   sing Y N 339 
PHE CE2 HE2  sing N N 340 
PHE CZ  HZ   sing N N 341 
PHE OXT HXT  sing N N 342 
PRO N   CA   sing N N 343 
PRO N   CD   sing N N 344 
PRO N   H    sing N N 345 
PRO CA  C    sing N N 346 
PRO CA  CB   sing N N 347 
PRO CA  HA   sing N N 348 
PRO C   O    doub N N 349 
PRO C   OXT  sing N N 350 
PRO CB  CG   sing N N 351 
PRO CB  HB2  sing N N 352 
PRO CB  HB3  sing N N 353 
PRO CG  CD   sing N N 354 
PRO CG  HG2  sing N N 355 
PRO CG  HG3  sing N N 356 
PRO CD  HD2  sing N N 357 
PRO CD  HD3  sing N N 358 
PRO OXT HXT  sing N N 359 
SER N   CA   sing N N 360 
SER N   H    sing N N 361 
SER N   H2   sing N N 362 
SER CA  C    sing N N 363 
SER CA  CB   sing N N 364 
SER CA  HA   sing N N 365 
SER C   O    doub N N 366 
SER C   OXT  sing N N 367 
SER CB  OG   sing N N 368 
SER CB  HB2  sing N N 369 
SER CB  HB3  sing N N 370 
SER OG  HG   sing N N 371 
SER OXT HXT  sing N N 372 
THR N   CA   sing N N 373 
THR N   H    sing N N 374 
THR N   H2   sing N N 375 
THR CA  C    sing N N 376 
THR CA  CB   sing N N 377 
THR CA  HA   sing N N 378 
THR C   O    doub N N 379 
THR C   OXT  sing N N 380 
THR CB  OG1  sing N N 381 
THR CB  CG2  sing N N 382 
THR CB  HB   sing N N 383 
THR OG1 HG1  sing N N 384 
THR CG2 HG21 sing N N 385 
THR CG2 HG22 sing N N 386 
THR CG2 HG23 sing N N 387 
THR OXT HXT  sing N N 388 
TRP N   CA   sing N N 389 
TRP N   H    sing N N 390 
TRP N   H2   sing N N 391 
TRP CA  C    sing N N 392 
TRP CA  CB   sing N N 393 
TRP CA  HA   sing N N 394 
TRP C   O    doub N N 395 
TRP C   OXT  sing N N 396 
TRP CB  CG   sing N N 397 
TRP CB  HB2  sing N N 398 
TRP CB  HB3  sing N N 399 
TRP CG  CD1  doub Y N 400 
TRP CG  CD2  sing Y N 401 
TRP CD1 NE1  sing Y N 402 
TRP CD1 HD1  sing N N 403 
TRP CD2 CE2  doub Y N 404 
TRP CD2 CE3  sing Y N 405 
TRP NE1 CE2  sing Y N 406 
TRP NE1 HE1  sing N N 407 
TRP CE2 CZ2  sing Y N 408 
TRP CE3 CZ3  doub Y N 409 
TRP CE3 HE3  sing N N 410 
TRP CZ2 CH2  doub Y N 411 
TRP CZ2 HZ2  sing N N 412 
TRP CZ3 CH2  sing Y N 413 
TRP CZ3 HZ3  sing N N 414 
TRP CH2 HH2  sing N N 415 
TRP OXT HXT  sing N N 416 
TYR N   CA   sing N N 417 
TYR N   H    sing N N 418 
TYR N   H2   sing N N 419 
TYR CA  C    sing N N 420 
TYR CA  CB   sing N N 421 
TYR CA  HA   sing N N 422 
TYR C   O    doub N N 423 
TYR C   OXT  sing N N 424 
TYR CB  CG   sing N N 425 
TYR CB  HB2  sing N N 426 
TYR CB  HB3  sing N N 427 
TYR CG  CD1  doub Y N 428 
TYR CG  CD2  sing Y N 429 
TYR CD1 CE1  sing Y N 430 
TYR CD1 HD1  sing N N 431 
TYR CD2 CE2  doub Y N 432 
TYR CD2 HD2  sing N N 433 
TYR CE1 CZ   doub Y N 434 
TYR CE1 HE1  sing N N 435 
TYR CE2 CZ   sing Y N 436 
TYR CE2 HE2  sing N N 437 
TYR CZ  OH   sing N N 438 
TYR OH  HH   sing N N 439 
TYR OXT HXT  sing N N 440 
VAL N   CA   sing N N 441 
VAL N   H    sing N N 442 
VAL N   H2   sing N N 443 
VAL CA  C    sing N N 444 
VAL CA  CB   sing N N 445 
VAL CA  HA   sing N N 446 
VAL C   O    doub N N 447 
VAL C   OXT  sing N N 448 
VAL CB  CG1  sing N N 449 
VAL CB  CG2  sing N N 450 
VAL CB  HB   sing N N 451 
VAL CG1 HG11 sing N N 452 
VAL CG1 HG12 sing N N 453 
VAL CG1 HG13 sing N N 454 
VAL CG2 HG21 sing N N 455 
VAL CG2 HG22 sing N N 456 
VAL CG2 HG23 sing N N 457 
VAL OXT HXT  sing N N 458 
# 
_atom_sites.entry_id                    1HBG 
_atom_sites.fract_transf_matrix[1][1]   -0.01025750 
_atom_sites.fract_transf_matrix[1][2]   -0.01912513 
_atom_sites.fract_transf_matrix[1][3]   -0.00872918 
_atom_sites.fract_transf_matrix[2][1]   -0.01038552 
_atom_sites.fract_transf_matrix[2][2]   0.00322716 
_atom_sites.fract_transf_matrix[2][3]   0.00513333 
_atom_sites.fract_transf_matrix[3][1]   -0.00643705 
_atom_sites.fract_transf_matrix[3][2]   0.01317773 
_atom_sites.fract_transf_matrix[3][3]   -0.02130759 
_atom_sites.fract_transf_vector[1]      0.204070 
_atom_sites.fract_transf_vector[2]      0.160449 
_atom_sites.fract_transf_vector[3]      0.226161 
# 
_atom_sites_footnote.id     1 
_atom_sites_footnote.text   
;SEVEN RESIDUES HAVE THEIR SIDE CHAINS MODELED IN MORE THAN ONE CONFORMATION.  THEY ARE LEU 31, MET 79, LYS 84, ASN 95, SER 109, SER 112, AND SER 143.  ALSO SEE REMARK 6 ABOVE.
;
# 
loop_
_atom_type.symbol 
C  
FE 
N  
O  
S  
# 
loop_
_atom_site.group_PDB 
_atom_site.id 
_atom_site.type_symbol 
_atom_site.label_atom_id 
_atom_site.label_alt_id 
_atom_site.label_comp_id 
_atom_site.label_asym_id 
_atom_site.label_entity_id 
_atom_site.label_seq_id 
_atom_site.pdbx_PDB_ins_code 
_atom_site.Cartn_x 
_atom_site.Cartn_y 
_atom_site.Cartn_z 
_atom_site.occupancy 
_atom_site.B_iso_or_equiv 
_atom_site.pdbx_formal_charge 
_atom_site.auth_seq_id 
_atom_site.auth_comp_id 
_atom_site.auth_asym_id 
_atom_site.auth_atom_id 
_atom_site.pdbx_PDB_model_num 
ATOM   1    N  N   . GLY A 1 1   ? -11.976 10.640  1.213   1.00 13.15 ? 1   GLY A N   1 
ATOM   2    C  CA  . GLY A 1 1   ? -13.151 9.785   1.375   1.00 13.77 ? 1   GLY A CA  1 
ATOM   3    C  C   . GLY A 1 1   ? -13.575 9.132   0.100   1.00 14.40 ? 1   GLY A C   1 
ATOM   4    O  O   . GLY A 1 1   ? -13.387 9.692   -0.987  1.00 15.64 ? 1   GLY A O   1 
ATOM   5    N  N   . LEU A 1 2   ? -14.184 7.939   0.173   1.00 14.82 ? 2   LEU A N   1 
ATOM   6    C  CA  . LEU A 1 2   ? -14.647 7.171   -0.961  1.00 14.60 ? 2   LEU A CA  1 
ATOM   7    C  C   . LEU A 1 2   ? -16.174 7.204   -1.079  1.00 14.98 ? 2   LEU A C   1 
ATOM   8    O  O   . LEU A 1 2   ? -16.736 7.244   0.021   1.00 15.10 ? 2   LEU A O   1 
ATOM   9    C  CB  . LEU A 1 2   ? -14.223 5.666   -0.789  1.00 15.73 ? 2   LEU A CB  1 
ATOM   10   C  CG  . LEU A 1 2   ? -12.740 5.384   -0.831  1.00 18.00 ? 2   LEU A CG  1 
ATOM   11   C  CD1 . LEU A 1 2   ? -12.510 3.856   -0.954  1.00 18.47 ? 2   LEU A CD1 1 
ATOM   12   C  CD2 . LEU A 1 2   ? -12.127 6.030   -2.042  1.00 18.22 ? 2   LEU A CD2 1 
ATOM   13   N  N   . SER A 1 3   ? -16.669 7.144   -2.279  1.00 15.87 ? 3   SER A N   1 
ATOM   14   C  CA  . SER A 1 3   ? -18.173 7.143   -2.388  1.00 16.09 ? 3   SER A CA  1 
ATOM   15   C  C   . SER A 1 3   ? -18.618 5.716   -2.099  1.00 16.31 ? 3   SER A C   1 
ATOM   16   O  O   . SER A 1 3   ? -17.763 4.773   -1.997  1.00 15.27 ? 3   SER A O   1 
ATOM   17   C  CB  . SER A 1 3   ? -18.546 7.534   -3.820  1.00 17.27 ? 3   SER A CB  1 
ATOM   18   O  OG  . SER A 1 3   ? -18.074 6.460   -4.663  1.00 17.66 ? 3   SER A OG  1 
ATOM   19   N  N   . ALA A 1 4   ? -19.932 5.474   -1.942  1.00 16.22 ? 4   ALA A N   1 
ATOM   20   C  CA  . ALA A 1 4   ? -20.374 4.102   -1.653  1.00 16.35 ? 4   ALA A CA  1 
ATOM   21   C  C   . ALA A 1 4   ? -20.027 3.162   -2.824  1.00 16.11 ? 4   ALA A C   1 
ATOM   22   O  O   . ALA A 1 4   ? -19.704 2.016   -2.478  1.00 16.87 ? 4   ALA A O   1 
ATOM   23   C  CB  . ALA A 1 4   ? -21.896 4.046   -1.392  1.00 17.22 ? 4   ALA A CB  1 
ATOM   24   N  N   . ALA A 1 5   ? -20.066 3.624   -4.052  1.00 15.73 ? 5   ALA A N   1 
ATOM   25   C  CA  . ALA A 1 5   ? -19.757 2.788   -5.209  1.00 15.20 ? 5   ALA A CA  1 
ATOM   26   C  C   . ALA A 1 5   ? -18.290 2.317   -5.118  1.00 14.46 ? 5   ALA A C   1 
ATOM   27   O  O   . ALA A 1 5   ? -18.006 1.136   -5.352  1.00 14.79 ? 5   ALA A O   1 
ATOM   28   C  CB  . ALA A 1 5   ? -20.022 3.419   -6.559  1.00 16.45 ? 5   ALA A CB  1 
ATOM   29   N  N   . GLN A 1 6   ? -17.425 3.253   -4.802  1.00 14.11 ? 6   GLN A N   1 
ATOM   30   C  CA  . GLN A 1 6   ? -15.993 2.945   -4.674  1.00 13.44 ? 6   GLN A CA  1 
ATOM   31   C  C   . GLN A 1 6   ? -15.745 1.989   -3.493  1.00 13.54 ? 6   GLN A C   1 
ATOM   32   O  O   . GLN A 1 6   ? -14.949 1.050   -3.677  1.00 12.66 ? 6   GLN A O   1 
ATOM   33   C  CB  . GLN A 1 6   ? -15.146 4.221   -4.482  1.00 13.36 ? 6   GLN A CB  1 
ATOM   34   C  CG  . GLN A 1 6   ? -15.125 5.126   -5.731  1.00 13.73 ? 6   GLN A CG  1 
ATOM   35   C  CD  . GLN A 1 6   ? -14.443 6.455   -5.432  1.00 14.57 ? 6   GLN A CD  1 
ATOM   36   O  OE1 . GLN A 1 6   ? -14.622 7.047   -4.401  1.00 15.35 ? 6   GLN A OE1 1 
ATOM   37   N  NE2 . GLN A 1 6   ? -13.675 6.853   -6.404  1.00 15.05 ? 6   GLN A NE2 1 
ATOM   38   N  N   . ARG A 1 7   ? -16.388 2.243   -2.346  1.00 13.98 ? 7   ARG A N   1 
ATOM   39   C  CA  . ARG A 1 7   ? -16.176 1.334   -1.198  1.00 14.83 ? 7   ARG A CA  1 
ATOM   40   C  C   . ARG A 1 7   ? -16.575 -0.060  -1.534  1.00 15.00 ? 7   ARG A C   1 
ATOM   41   O  O   . ARG A 1 7   ? -15.878 -1.037  -1.112  1.00 14.22 ? 7   ARG A O   1 
ATOM   42   C  CB  . ARG A 1 7   ? -17.004 1.866   0.036   1.00 16.27 ? 7   ARG A CB  1 
ATOM   43   C  CG  . ARG A 1 7   ? -16.365 3.154   0.511   1.00 19.35 ? 7   ARG A CG  1 
ATOM   44   C  CD  . ARG A 1 7   ? -16.740 3.524   1.918   1.00 21.69 ? 7   ARG A CD  1 
ATOM   45   N  NE  . ARG A 1 7   ? -18.182 3.346   2.088   1.00 23.67 ? 7   ARG A NE  1 
ATOM   46   C  CZ  . ARG A 1 7   ? -18.986 4.397   1.907   1.00 24.50 ? 7   ARG A CZ  1 
ATOM   47   N  NH1 . ARG A 1 7   ? -18.362 5.530   1.609   1.00 25.40 ? 7   ARG A NH1 1 
ATOM   48   N  NH2 . ARG A 1 7   ? -20.293 4.300   2.038   1.00 24.86 ? 7   ARG A NH2 1 
ATOM   49   N  N   . GLN A 1 8   ? -17.668 -0.217  -2.286  1.00 14.93 ? 8   GLN A N   1 
ATOM   50   C  CA  . GLN A 1 8   ? -18.140 -1.536  -2.669  1.00 15.52 ? 8   GLN A CA  1 
ATOM   51   C  C   . GLN A 1 8   ? -17.111 -2.290  -3.501  1.00 14.56 ? 8   GLN A C   1 
ATOM   52   O  O   . GLN A 1 8   ? -16.924 -3.503  -3.274  1.00 14.85 ? 8   GLN A O   1 
ATOM   53   C  CB  . GLN A 1 8   ? -19.408 -1.444  -3.514  1.00 15.78 ? 8   GLN A CB  1 
ATOM   54   C  CG  . GLN A 1 8   ? -20.339 -2.639  -3.354  0.50 15.96 ? 8   GLN A CG  1 
ATOM   55   C  CD  . GLN A 1 8   ? -21.087 -2.253  -2.036  0.01 15.86 ? 8   GLN A CD  1 
ATOM   56   O  OE1 . GLN A 1 8   ? -22.077 -1.546  -2.085  0.01 15.85 ? 8   GLN A OE1 1 
ATOM   57   N  NE2 . GLN A 1 8   ? -20.506 -2.701  -0.943  0.01 15.87 ? 8   GLN A NE2 1 
ATOM   58   N  N   . VAL A 1 9   ? -16.537 -1.646  -4.487  1.00 13.21 ? 9   VAL A N   1 
ATOM   59   C  CA  . VAL A 1 9   ? -15.540 -2.289  -5.402  1.00 14.15 ? 9   VAL A CA  1 
ATOM   60   C  C   . VAL A 1 9   ? -14.277 -2.676  -4.644  1.00 12.79 ? 9   VAL A C   1 
ATOM   61   O  O   . VAL A 1 9   ? -13.692 -3.748  -4.879  1.00 12.10 ? 9   VAL A O   1 
ATOM   62   C  CB  . VAL A 1 9   ? -15.363 -1.235  -6.553  1.00 14.80 ? 9   VAL A CB  1 
ATOM   63   C  CG1 . VAL A 1 9   ? -14.130 -1.362  -7.341  1.00 16.05 ? 9   VAL A CG1 1 
ATOM   64   C  CG2 . VAL A 1 9   ? -16.630 -1.142  -7.409  1.00 16.28 ? 9   VAL A CG2 1 
ATOM   65   N  N   . ILE A 1 10  ? -13.824 -1.775  -3.740  1.00 11.76 ? 10  ILE A N   1 
ATOM   66   C  CA  . ILE A 1 10  ? -12.619 -2.046  -2.953  1.00 12.42 ? 10  ILE A CA  1 
ATOM   67   C  C   . ILE A 1 10  ? -12.805 -3.259  -2.054  1.00 12.43 ? 10  ILE A C   1 
ATOM   68   O  O   . ILE A 1 10  ? -11.888 -4.147  -2.022  1.00 13.46 ? 10  ILE A O   1 
ATOM   69   C  CB  . ILE A 1 10  ? -12.302 -0.847  -2.014  1.00 12.58 ? 10  ILE A CB  1 
ATOM   70   C  CG1 . ILE A 1 10  ? -12.055 0.360   -2.807  1.00 13.82 ? 10  ILE A CG1 1 
ATOM   71   C  CG2 . ILE A 1 10  ? -11.068 -1.163  -1.109  1.00 11.96 ? 10  ILE A CG2 1 
ATOM   72   C  CD1 . ILE A 1 10  ? -11.178 0.456   -3.888  1.00 14.39 ? 10  ILE A CD1 1 
ATOM   73   N  N   . ALA A 1 11  ? -13.915 -3.265  -1.361  1.00 12.72 ? 11  ALA A N   1 
ATOM   74   C  CA  . ALA A 1 11  ? -14.245 -4.393  -0.452  1.00 13.78 ? 11  ALA A CA  1 
ATOM   75   C  C   . ALA A 1 11  ? -14.335 -5.703  -1.244  1.00 14.16 ? 11  ALA A C   1 
ATOM   76   O  O   . ALA A 1 11  ? -13.693 -6.680  -0.701  1.00 14.66 ? 11  ALA A O   1 
ATOM   77   C  CB  . ALA A 1 11  ? -15.500 -4.034  0.353   1.00 14.97 ? 11  ALA A CB  1 
ATOM   78   N  N   . ALA A 1 12  ? -14.973 -5.747  -2.351  1.00 13.70 ? 12  ALA A N   1 
ATOM   79   C  CA  . ALA A 1 12  ? -15.128 -6.947  -3.167  1.00 13.50 ? 12  ALA A CA  1 
ATOM   80   C  C   . ALA A 1 12  ? -13.814 -7.444  -3.741  1.00 14.00 ? 12  ALA A C   1 
ATOM   81   O  O   . ALA A 1 12  ? -13.516 -8.625  -3.561  1.00 15.29 ? 12  ALA A O   1 
ATOM   82   C  CB  . ALA A 1 12  ? -16.100 -6.766  -4.322  1.00 14.45 ? 12  ALA A CB  1 
ATOM   83   N  N   . THR A 1 13  ? -13.023 -6.544  -4.355  1.00 13.04 ? 13  THR A N   1 
ATOM   84   C  CA  . THR A 1 13  ? -11.756 -6.977  -4.941  1.00 12.55 ? 13  THR A CA  1 
ATOM   85   C  C   . THR A 1 13  ? -10.725 -7.324  -3.892  1.00 11.88 ? 13  THR A C   1 
ATOM   86   O  O   . THR A 1 13  ? -9.830  -8.168  -4.210  1.00 12.26 ? 13  THR A O   1 
ATOM   87   C  CB  . THR A 1 13  ? -11.232 -5.909  -6.012  1.00 12.35 ? 13  THR A CB  1 
ATOM   88   O  OG1 . THR A 1 13  ? -11.184 -4.658  -5.308  1.00 11.17 ? 13  THR A OG1 1 
ATOM   89   C  CG2 . THR A 1 13  ? -12.111 -5.881  -7.288  1.00 13.30 ? 13  THR A CG2 1 
ATOM   90   N  N   . TRP A 1 14  ? -10.805 -6.705  -2.691  1.00 11.65 ? 14  TRP A N   1 
ATOM   91   C  CA  . TRP A 1 14  ? -9.818  -7.016  -1.596  1.00 10.98 ? 14  TRP A CA  1 
ATOM   92   C  C   . TRP A 1 14  ? -9.875  -8.487  -1.298  1.00 11.60 ? 14  TRP A C   1 
ATOM   93   O  O   . TRP A 1 14  ? -8.835  -9.131  -1.009  1.00 11.54 ? 14  TRP A O   1 
ATOM   94   C  CB  . TRP A 1 14  ? -10.013 -6.085  -0.347  1.00 11.31 ? 14  TRP A CB  1 
ATOM   95   C  CG  . TRP A 1 14  ? -9.064  -6.566  0.737   1.00 11.47 ? 14  TRP A CG  1 
ATOM   96   C  CD1 . TRP A 1 14  ? -9.498  -7.204  1.909   1.00 12.14 ? 14  TRP A CD1 1 
ATOM   97   C  CD2 . TRP A 1 14  ? -7.674  -6.465  0.735   1.00 11.64 ? 14  TRP A CD2 1 
ATOM   98   N  NE1 . TRP A 1 14  ? -8.315  -7.547  2.620   1.00 11.89 ? 14  TRP A NE1 1 
ATOM   99   C  CE2 . TRP A 1 14  ? -7.226  -7.077  1.982   1.00 11.34 ? 14  TRP A CE2 1 
ATOM   100  C  CE3 . TRP A 1 14  ? -6.756  -5.902  -0.136  1.00 11.57 ? 14  TRP A CE3 1 
ATOM   101  C  CZ2 . TRP A 1 14  ? -5.883  -7.177  2.299   1.00 11.41 ? 14  TRP A CZ2 1 
ATOM   102  C  CZ3 . TRP A 1 14  ? -5.403  -5.970  0.193   1.00 11.19 ? 14  TRP A CZ3 1 
ATOM   103  C  CH2 . TRP A 1 14  ? -5.025  -6.649  1.412   1.00 11.52 ? 14  TRP A CH2 1 
ATOM   104  N  N   . LYS A 1 15  ? -11.072 -9.118  -1.298  1.00 11.97 ? 15  LYS A N   1 
ATOM   105  C  CA  . LYS A 1 15  ? -11.148 -10.566 -1.007  1.00 13.92 ? 15  LYS A CA  1 
ATOM   106  C  C   . LYS A 1 15  ? -10.293 -11.315 -1.986  1.00 13.77 ? 15  LYS A C   1 
ATOM   107  O  O   . LYS A 1 15  ? -9.609  -12.294 -1.521  1.00 14.28 ? 15  LYS A O   1 
ATOM   108  C  CB  . LYS A 1 15  ? -12.624 -11.037 -1.000  1.00 14.93 ? 15  LYS A CB  1 
ATOM   109  C  CG  . LYS A 1 15  ? -13.329 -10.386 0.226   0.85 16.45 ? 15  LYS A CG  1 
ATOM   110  C  CD  . LYS A 1 15  ? -14.852 -10.566 0.135   0.85 17.56 ? 15  LYS A CD  1 
ATOM   111  C  CE  . LYS A 1 15  ? -15.270 -11.865 -0.430  0.60 18.22 ? 15  LYS A CE  1 
ATOM   112  N  NZ  . LYS A 1 15  ? -16.626 -12.243 0.082   0.60 18.60 ? 15  LYS A NZ  1 
ATOM   113  N  N   . ASP A 1 16  ? -10.242 -10.982 -3.274  1.00 14.16 ? 16  ASP A N   1 
ATOM   114  C  CA  . ASP A 1 16  ? -9.421  -11.712 -4.228  1.00 14.27 ? 16  ASP A CA  1 
ATOM   115  C  C   . ASP A 1 16  ? -7.977  -11.281 -4.124  1.00 13.67 ? 16  ASP A C   1 
ATOM   116  O  O   . ASP A 1 16  ? -7.045  -12.117 -4.467  1.00 14.79 ? 16  ASP A O   1 
ATOM   117  C  CB  . ASP A 1 16  ? -9.918  -11.492 -5.655  1.00 15.53 ? 16  ASP A CB  1 
ATOM   118  C  CG  . ASP A 1 16  ? -11.260 -12.271 -5.822  0.50 15.80 ? 16  ASP A CG  1 
ATOM   119  O  OD1 . ASP A 1 16  ? -11.252 -13.423 -5.364  0.50 16.98 ? 16  ASP A OD1 1 
ATOM   120  O  OD2 . ASP A 1 16  ? -12.195 -11.756 -6.339  0.50 16.38 ? 16  ASP A OD2 1 
ATOM   121  N  N   . ILE A 1 17  ? -7.681  -10.050 -3.777  1.00 12.00 ? 17  ILE A N   1 
ATOM   122  C  CA  . ILE A 1 17  ? -6.303  -9.575  -3.641  1.00 11.30 ? 17  ILE A CA  1 
ATOM   123  C  C   . ILE A 1 17  ? -5.660  -10.266 -2.431  1.00 10.79 ? 17  ILE A C   1 
ATOM   124  O  O   . ILE A 1 17  ? -4.460  -10.698 -2.489  1.00 11.64 ? 17  ILE A O   1 
ATOM   125  C  CB  . ILE A 1 17  ? -6.175  -8.048  -3.426  1.00 10.81 ? 17  ILE A CB  1 
ATOM   126  C  CG1 . ILE A 1 17  ? -6.656  -7.425  -4.796  1.00 10.06 ? 17  ILE A CG1 1 
ATOM   127  C  CG2 . ILE A 1 17  ? -4.790  -7.530  -2.980  1.00 10.96 ? 17  ILE A CG2 1 
ATOM   128  C  CD1 . ILE A 1 17  ? -7.156  -5.946  -4.621  1.00 11.03 ? 17  ILE A CD1 1 
ATOM   129  N  N   . ALA A 1 18  ? -6.434  -10.449 -1.335  1.00 10.78 ? 18  ALA A N   1 
ATOM   130  C  CA  . ALA A 1 18  ? -5.877  -11.116 -0.149  1.00 11.63 ? 18  ALA A CA  1 
ATOM   131  C  C   . ALA A 1 18  ? -5.584  -12.629 -0.454  1.00 11.99 ? 18  ALA A C   1 
ATOM   132  O  O   . ALA A 1 18  ? -4.576  -13.174 0.005   1.00 11.39 ? 18  ALA A O   1 
ATOM   133  C  CB  . ALA A 1 18  ? -6.808  -10.968 1.044   1.00 11.94 ? 18  ALA A CB  1 
ATOM   134  N  N   . GLY A 1 19  ? -6.400  -13.203 -1.311  1.00 13.18 ? 19  GLY A N   1 
ATOM   135  C  CA  . GLY A 1 19  ? -6.191  -14.645 -1.753  1.00 13.81 ? 19  GLY A CA  1 
ATOM   136  C  C   . GLY A 1 19  ? -6.090  -15.578 -0.556  1.00 14.24 ? 19  GLY A C   1 
ATOM   137  O  O   . GLY A 1 19  ? -6.862  -15.481 0.391   1.00 15.50 ? 19  GLY A O   1 
ATOM   138  N  N   . ALA A 1 20  ? -5.085  -16.420 -0.684  1.00 14.47 ? 20  ALA A N   1 
ATOM   139  C  CA  . ALA A 1 20  ? -4.877  -17.401 0.426   1.00 15.01 ? 20  ALA A CA  1 
ATOM   140  C  C   . ALA A 1 20  ? -3.651  -17.145 1.197   1.00 14.58 ? 20  ALA A C   1 
ATOM   141  O  O   . ALA A 1 20  ? -3.088  -18.014 1.861   1.00 14.76 ? 20  ALA A O   1 
ATOM   142  C  CB  . ALA A 1 20  ? -5.013  -18.819 -0.263  1.00 15.92 ? 20  ALA A CB  1 
ATOM   143  N  N   . ASP A 1 21  ? -3.099  -15.885 1.220   1.00 13.52 ? 21  ASP A N   1 
ATOM   144  C  CA  . ASP A 1 21  ? -1.877  -15.529 1.906   1.00 11.70 ? 21  ASP A CA  1 
ATOM   145  C  C   . ASP A 1 21  ? -1.971  -14.075 2.494   1.00 10.91 ? 21  ASP A C   1 
ATOM   146  O  O   . ASP A 1 21  ? -0.913  -13.496 2.753   1.00 10.87 ? 21  ASP A O   1 
ATOM   147  C  CB  . ASP A 1 21  ? -0.653  -15.627 0.970   1.00 11.63 ? 21  ASP A CB  1 
ATOM   148  C  CG  . ASP A 1 21  ? -0.711  -14.547 -0.155  1.00 11.69 ? 21  ASP A CG  1 
ATOM   149  O  OD1 . ASP A 1 21  ? -1.728  -13.936 -0.343  1.00 11.66 ? 21  ASP A OD1 1 
ATOM   150  O  OD2 . ASP A 1 21  ? 0.331   -14.534 -0.885  1.00 11.68 ? 21  ASP A OD2 1 
ATOM   151  N  N   . ASN A 1 22  ? -3.228  -13.669 2.697   1.00 10.75 ? 22  ASN A N   1 
ATOM   152  C  CA  . ASN A 1 22  ? -3.486  -12.322 3.254   1.00 10.55 ? 22  ASN A CA  1 
ATOM   153  C  C   . ASN A 1 22  ? -2.669  -11.260 2.478   1.00 9.37  ? 22  ASN A C   1 
ATOM   154  O  O   . ASN A 1 22  ? -2.144  -10.314 3.078   1.00 10.13 ? 22  ASN A O   1 
ATOM   155  C  CB  . ASN A 1 22  ? -3.262  -12.196 4.764   1.00 10.33 ? 22  ASN A CB  1 
ATOM   156  C  CG  . ASN A 1 22  ? -4.058  -10.995 5.324   1.00 11.12 ? 22  ASN A CG  1 
ATOM   157  O  OD1 . ASN A 1 22  ? -3.474  -10.466 6.339   1.00 12.55 ? 22  ASN A OD1 1 
ATOM   158  N  ND2 . ASN A 1 22  ? -5.135  -10.610 4.783   1.00 11.52 ? 22  ASN A ND2 1 
ATOM   159  N  N   . GLY A 1 23  ? -2.603  -11.417 1.161   1.00 8.92  ? 23  GLY A N   1 
ATOM   160  C  CA  . GLY A 1 23  ? -1.903  -10.456 0.265   1.00 8.97  ? 23  GLY A CA  1 
ATOM   161  C  C   . GLY A 1 23  ? -0.393  -10.455 0.298   1.00 9.72  ? 23  GLY A C   1 
ATOM   162  O  O   . GLY A 1 23  ? 0.242   -9.607  -0.428  1.00 9.09  ? 23  GLY A O   1 
ATOM   163  N  N   . ALA A 1 24  ? 0.230   -11.405 1.006   1.00 9.55  ? 24  ALA A N   1 
ATOM   164  C  CA  . ALA A 1 24  ? 1.702   -11.378 1.113   1.00 9.69  ? 24  ALA A CA  1 
ATOM   165  C  C   . ALA A 1 24  ? 2.379   -11.483 -0.234  1.00 10.44 ? 24  ALA A C   1 
ATOM   166  O  O   . ALA A 1 24  ? 3.423   -10.708 -0.423  1.00 11.82 ? 24  ALA A O   1 
ATOM   167  C  CB  . ALA A 1 24  ? 2.209   -12.519 1.986   1.00 11.85 ? 24  ALA A CB  1 
ATOM   168  N  N   . GLY A 1 25  ? 1.929   -12.233 -1.191  1.00 10.19 ? 25  GLY A N   1 
ATOM   169  C  CA  . GLY A 1 25  ? 2.577   -12.368 -2.547  1.00 11.27 ? 25  GLY A CA  1 
ATOM   170  C  C   . GLY A 1 25  ? 2.446   -11.053 -3.298  1.00 10.50 ? 25  GLY A C   1 
ATOM   171  O  O   . GLY A 1 25  ? 3.384   -10.655 -4.024  1.00 10.86 ? 25  GLY A O   1 
ATOM   172  N  N   . VAL A 1 26  ? 1.377   -10.292 -3.106  1.00 10.01 ? 26  VAL A N   1 
ATOM   173  C  CA  . VAL A 1 26  ? 1.167   -9.003  -3.749  1.00 10.18 ? 26  VAL A CA  1 
ATOM   174  C  C   . VAL A 1 26  ? 2.161   -7.995  -3.180  1.00 9.61  ? 26  VAL A C   1 
ATOM   175  O  O   . VAL A 1 26  ? 2.706   -7.167  -3.881  1.00 8.64  ? 26  VAL A O   1 
ATOM   176  C  CB  . VAL A 1 26  ? -0.349  -8.527  -3.610  1.00 10.69 ? 26  VAL A CB  1 
ATOM   177  C  CG1 . VAL A 1 26  ? -0.483  -7.078  -4.047  1.00 10.69 ? 26  VAL A CG1 1 
ATOM   178  C  CG2 . VAL A 1 26  ? -1.298  -9.423  -4.344  1.00 11.39 ? 26  VAL A CG2 1 
ATOM   179  N  N   . GLY A 1 27  ? 2.343   -8.075  -1.845  1.00 8.49  ? 27  GLY A N   1 
ATOM   180  C  CA  . GLY A 1 27  ? 3.303   -7.204  -1.143  1.00 9.68  ? 27  GLY A CA  1 
ATOM   181  C  C   . GLY A 1 27  ? 4.754   -7.478  -1.575  1.00 9.93  ? 27  GLY A C   1 
ATOM   182  O  O   . GLY A 1 27  ? 5.508   -6.515  -1.834  1.00 9.73  ? 27  GLY A O   1 
ATOM   183  N  N   . LYS A 1 28  ? 5.032   -8.760  -1.767  1.00 10.22 ? 28  LYS A N   1 
ATOM   184  C  CA  . LYS A 1 28  ? 6.454   -9.041  -2.217  1.00 11.23 ? 28  LYS A CA  1 
ATOM   185  C  C   . LYS A 1 28  ? 6.657   -8.498  -3.626  1.00 11.48 ? 28  LYS A C   1 
ATOM   186  O  O   . LYS A 1 28  ? 7.673   -7.889  -3.915  1.00 11.85 ? 28  LYS A O   1 
ATOM   187  C  CB  . LYS A 1 28  ? 6.703   -10.537 -2.274  1.00 12.23 ? 28  LYS A CB  1 
ATOM   188  C  CG  . LYS A 1 28  ? 8.116   -10.884 -2.750  1.00 13.99 ? 28  LYS A CG  1 
ATOM   189  C  CD  . LYS A 1 28  ? 8.217   -12.436 -2.738  1.00 15.49 ? 28  LYS A CD  1 
ATOM   190  C  CE  . LYS A 1 28  ? 9.552   -12.875 -3.326  0.50 15.28 ? 28  LYS A CE  1 
ATOM   191  N  NZ  . LYS A 1 28  ? 9.595   -14.362 -3.396  0.01 15.26 ? 28  LYS A NZ  1 
ATOM   192  N  N   . LYS A 1 29  ? 5.701   -8.732  -4.510  1.00 11.15 ? 29  LYS A N   1 
ATOM   193  C  CA  . LYS A 1 29  ? 5.809   -8.285  -5.910  1.00 11.35 ? 29  LYS A CA  1 
ATOM   194  C  C   . LYS A 1 29  ? 5.882   -6.772  -5.954  1.00 11.01 ? 29  LYS A C   1 
ATOM   195  O  O   . LYS A 1 29  ? 6.777   -6.169  -6.616  1.00 10.88 ? 29  LYS A O   1 
ATOM   196  C  CB  . LYS A 1 29  ? 4.673   -8.813  -6.784  1.00 12.35 ? 29  LYS A CB  1 
ATOM   197  C  CG  . LYS A 1 29  ? 4.895   -8.333  -8.259  0.50 10.49 ? 29  LYS A CG  1 
ATOM   198  C  CD  . LYS A 1 29  ? 3.655   -8.535  -9.160  0.50 11.15 ? 29  LYS A CD  1 
ATOM   199  C  CE  . LYS A 1 29  ? 3.326   -9.995  -9.170  0.50 10.69 ? 29  LYS A CE  1 
ATOM   200  N  NZ  . LYS A 1 29  ? 1.982   -10.365 -9.568  0.01 10.80 ? 29  LYS A NZ  1 
ATOM   201  N  N   . CYS A 1 30  ? 5.025   -6.085  -5.219  1.00 10.13 ? 30  CYS A N   1 
ATOM   202  C  CA  . CYS A 1 30  ? 5.034   -4.618  -5.176  1.00 10.98 ? 30  CYS A CA  1 
ATOM   203  C  C   . CYS A 1 30  ? 6.364   -4.045  -4.771  1.00 11.39 ? 30  CYS A C   1 
ATOM   204  O  O   . CYS A 1 30  ? 6.943   -3.123  -5.435  1.00 12.02 ? 30  CYS A O   1 
ATOM   205  C  CB  . CYS A 1 30  ? 3.937   -4.204  -4.155  1.00 11.31 ? 30  CYS A CB  1 
ATOM   206  S  SG  . CYS A 1 30  ? 3.999   -2.426  -3.791  1.00 13.14 ? 30  CYS A SG  1 
ATOM   207  N  N   . LEU A 1 31  ? 6.962   -4.497  -3.669  1.00 10.71 ? 31  LEU A N   1 
ATOM   208  C  CA  . LEU A 1 31  ? 8.269   -3.928  -3.199  1.00 12.26 ? 31  LEU A CA  1 
ATOM   209  C  C   . LEU A 1 31  ? 9.437   -4.381  -4.015  1.00 12.32 ? 31  LEU A C   1 
ATOM   210  O  O   . LEU A 1 31  ? 10.313  -3.478  -4.169  1.00 12.38 ? 31  LEU A O   1 
ATOM   211  C  CB  . LEU A 1 31  ? 8.474   -4.241  -1.688  1.00 12.40 ? 31  LEU A CB  1 
ATOM   212  C  CG  . LEU A 1 31  ? 7.809   -3.249  -0.814  1.00 13.33 ? 31  LEU A CG  1 
ATOM   213  C  CD1 A LEU A 1 31  ? 6.332   -3.529  -0.664  0.33 13.51 ? 31  LEU A CD1 1 
ATOM   214  C  CD1 B LEU A 1 31  ? 8.481   -3.296  0.609   0.33 14.11 ? 31  LEU A CD1 1 
ATOM   215  C  CD1 C LEU A 1 31  ? 7.501   -1.443  -0.597  0.33 15.82 ? 31  LEU A CD1 1 
ATOM   216  C  CD2 A LEU A 1 31  ? 8.481   -3.296  0.609   0.33 14.11 ? 31  LEU A CD2 1 
ATOM   217  C  CD2 B LEU A 1 31  ? 7.501   -1.443  -0.597  0.33 15.82 ? 31  LEU A CD2 1 
ATOM   218  C  CD2 C LEU A 1 31  ? 6.332   -3.529  -0.664  0.33 13.51 ? 31  LEU A CD2 1 
ATOM   219  N  N   . ILE A 1 32  ? 9.415   -5.627  -4.498  1.00 12.46 ? 32  ILE A N   1 
ATOM   220  C  CA  . ILE A 1 32  ? 10.590  -6.069  -5.310  1.00 13.09 ? 32  ILE A CA  1 
ATOM   221  C  C   . ILE A 1 32  ? 10.667  -5.213  -6.537  1.00 12.25 ? 32  ILE A C   1 
ATOM   222  O  O   . ILE A 1 32  ? 11.724  -4.659  -6.940  1.00 12.51 ? 32  ILE A O   1 
ATOM   223  C  CB  . ILE A 1 32  ? 10.412  -7.571  -5.694  1.00 14.27 ? 32  ILE A CB  1 
ATOM   224  C  CG1 . ILE A 1 32  ? 10.432  -8.502  -4.486  1.00 15.89 ? 32  ILE A CG1 1 
ATOM   225  C  CG2 . ILE A 1 32  ? 11.569  -8.025  -6.658  1.00 15.14 ? 32  ILE A CG2 1 
ATOM   226  C  CD1 . ILE A 1 32  ? 10.202  -10.000 -5.043  1.00 17.78 ? 32  ILE A CD1 1 
ATOM   227  N  N   . LYS A 1 33  ? 9.482   -5.152  -7.232  1.00 12.41 ? 33  LYS A N   1 
ATOM   228  C  CA  . LYS A 1 33  ? 9.452   -4.317  -8.455  1.00 13.27 ? 33  LYS A CA  1 
ATOM   229  C  C   . LYS A 1 33  ? 9.712   -2.858  -8.186  1.00 13.36 ? 33  LYS A C   1 
ATOM   230  O  O   . LYS A 1 33  ? 10.413  -2.216  -8.991  1.00 13.62 ? 33  LYS A O   1 
ATOM   231  C  CB  . LYS A 1 33  ? 8.130   -4.487  -9.215  1.00 13.46 ? 33  LYS A CB  1 
ATOM   232  C  CG  . LYS A 1 33  ? 8.246   -5.876  -9.853  1.00 14.93 ? 33  LYS A CG  1 
ATOM   233  C  CD  . LYS A 1 33  ? 6.970   -6.369  -10.487 0.65 15.93 ? 33  LYS A CD  1 
ATOM   234  C  CE  . LYS A 1 33  ? 7.393   -7.354  -11.605 0.45 16.05 ? 33  LYS A CE  1 
ATOM   235  N  NZ  . LYS A 1 33  ? 8.369   -8.312  -11.053 0.40 16.49 ? 33  LYS A NZ  1 
ATOM   236  N  N   . PHE A 1 34  ? 9.246   -2.265  -7.100  1.00 12.85 ? 34  PHE A N   1 
ATOM   237  C  CA  . PHE A 1 34  ? 9.510   -0.851  -6.805  1.00 13.61 ? 34  PHE A CA  1 
ATOM   238  C  C   . PHE A 1 34  ? 11.028  -0.630  -6.666  1.00 13.68 ? 34  PHE A C   1 
ATOM   239  O  O   . PHE A 1 34  ? 11.481  0.376   -7.250  1.00 13.77 ? 34  PHE A O   1 
ATOM   240  C  CB  . PHE A 1 34  ? 8.758   -0.531  -5.518  1.00 14.86 ? 34  PHE A CB  1 
ATOM   241  C  CG  . PHE A 1 34  ? 8.939   0.847   -4.959  1.00 15.52 ? 34  PHE A CG  1 
ATOM   242  C  CD1 . PHE A 1 34  ? 8.582   1.950   -5.752  1.00 16.52 ? 34  PHE A CD1 1 
ATOM   243  C  CD2 . PHE A 1 34  ? 9.414   1.053   -3.651  1.00 16.13 ? 34  PHE A CD2 1 
ATOM   244  C  CE1 . PHE A 1 34  ? 8.711   3.242   -5.201  1.00 16.57 ? 34  PHE A CE1 1 
ATOM   245  C  CE2 . PHE A 1 34  ? 9.549   2.341   -3.124  1.00 17.35 ? 34  PHE A CE2 1 
ATOM   246  C  CZ  . PHE A 1 34  ? 9.168   3.418   -3.910  1.00 16.55 ? 34  PHE A CZ  1 
ATOM   247  N  N   . LEU A 1 35  ? 11.707  -1.495  -5.919  1.00 13.86 ? 35  LEU A N   1 
ATOM   248  C  CA  . LEU A 1 35  ? 13.148  -1.319  -5.778  1.00 15.25 ? 35  LEU A CA  1 
ATOM   249  C  C   . LEU A 1 35  ? 13.860  -1.621  -7.095  1.00 16.02 ? 35  LEU A C   1 
ATOM   250  O  O   . LEU A 1 35  ? 14.888  -0.911  -7.320  1.00 16.86 ? 35  LEU A O   1 
ATOM   251  C  CB  . LEU A 1 35  ? 13.649  -2.172  -4.584  1.00 16.47 ? 35  LEU A CB  1 
ATOM   252  C  CG  . LEU A 1 35  ? 12.952  -1.761  -3.242  1.00 17.23 ? 35  LEU A CG  1 
ATOM   253  C  CD1 . LEU A 1 35  ? 13.259  -2.767  -2.151  1.00 18.79 ? 35  LEU A CD1 1 
ATOM   254  C  CD2 . LEU A 1 35  ? 13.382  -0.400  -2.808  1.00 18.83 ? 35  LEU A CD2 1 
ATOM   255  N  N   . SER A 1 36  ? 13.390  -2.534  -7.873  1.00 15.54 ? 36  SER A N   1 
ATOM   256  C  CA  . SER A 1 36  ? 14.099  -2.826  -9.191  1.00 17.22 ? 36  SER A CA  1 
ATOM   257  C  C   . SER A 1 36  ? 13.930  -1.592  -10.076 1.00 18.02 ? 36  SER A C   1 
ATOM   258  O  O   . SER A 1 36  ? 14.910  -1.290  -10.818 1.00 18.17 ? 36  SER A O   1 
ATOM   259  C  CB  . SER A 1 36  ? 13.617  -4.032  -9.876  1.00 17.99 ? 36  SER A CB  1 
ATOM   260  O  OG  . SER A 1 36  ? 13.626  -5.146  -9.037  0.85 20.12 ? 36  SER A OG  1 
ATOM   261  N  N   . ALA A 1 37  ? 12.832  -0.877  -10.090 1.00 17.47 ? 37  ALA A N   1 
ATOM   262  C  CA  . ALA A 1 37  ? 12.640  0.302   -10.909 1.00 17.92 ? 37  ALA A CA  1 
ATOM   263  C  C   . ALA A 1 37  ? 13.286  1.573   -10.359 1.00 18.39 ? 37  ALA A C   1 
ATOM   264  O  O   . ALA A 1 37  ? 13.620  2.521   -11.114 1.00 18.72 ? 37  ALA A O   1 
ATOM   265  C  CB  . ALA A 1 37  ? 11.134  0.618   -11.187 1.00 17.89 ? 37  ALA A CB  1 
ATOM   266  N  N   . HIS A 1 38  ? 13.472  1.667   -9.053  1.00 17.55 ? 38  HIS A N   1 
ATOM   267  C  CA  . HIS A 1 38  ? 14.015  2.804   -8.338  1.00 18.29 ? 38  HIS A CA  1 
ATOM   268  C  C   . HIS A 1 38  ? 15.068  2.301   -7.346  1.00 18.31 ? 38  HIS A C   1 
ATOM   269  O  O   . HIS A 1 38  ? 14.903  2.210   -6.114  1.00 16.74 ? 38  HIS A O   1 
ATOM   270  C  CB  . HIS A 1 38  ? 12.865  3.515   -7.565  1.00 19.12 ? 38  HIS A CB  1 
ATOM   271  C  CG  . HIS A 1 38  ? 11.705  3.913   -8.397  1.00 19.78 ? 38  HIS A CG  1 
ATOM   272  N  ND1 . HIS A 1 38  ? 10.584  3.131   -8.593  1.00 20.70 ? 38  HIS A ND1 1 
ATOM   273  C  CD2 . HIS A 1 38  ? 11.500  5.089   -9.097  1.00 20.04 ? 38  HIS A CD2 1 
ATOM   274  C  CE1 . HIS A 1 38  ? 9.727   3.800   -9.396  1.00 20.45 ? 38  HIS A CE1 1 
ATOM   275  N  NE2 . HIS A 1 38  ? 10.270  4.963   -9.670  1.00 20.89 ? 38  HIS A NE2 1 
ATOM   276  N  N   . PRO A 1 39  ? 16.254  1.963   -7.916  1.00 19.42 ? 39  PRO A N   1 
ATOM   277  C  CA  . PRO A 1 39  ? 17.338  1.405   -7.106  1.00 19.80 ? 39  PRO A CA  1 
ATOM   278  C  C   . PRO A 1 39  ? 17.721  2.259   -5.933  1.00 19.62 ? 39  PRO A C   1 
ATOM   279  O  O   . PRO A 1 39  ? 18.112  1.711   -4.841  1.00 20.56 ? 39  PRO A O   1 
ATOM   280  C  CB  . PRO A 1 39  ? 18.432  1.093   -8.069  1.00 20.38 ? 39  PRO A CB  1 
ATOM   281  C  CG  . PRO A 1 39  ? 18.012  1.662   -9.428  1.00 20.79 ? 39  PRO A CG  1 
ATOM   282  C  CD  . PRO A 1 39  ? 16.557  2.049   -9.351  1.00 20.05 ? 39  PRO A CD  1 
ATOM   283  N  N   . GLN A 1 40  ? 17.614  3.556   -6.058  1.00 19.69 ? 40  GLN A N   1 
ATOM   284  C  CA  . GLN A 1 40  ? 17.898  4.514   -5.015  1.00 19.84 ? 40  GLN A CA  1 
ATOM   285  C  C   . GLN A 1 40  ? 17.054  4.302   -3.754  1.00 19.46 ? 40  GLN A C   1 
ATOM   286  O  O   . GLN A 1 40  ? 17.427  4.721   -2.642  1.00 19.96 ? 40  GLN A O   1 
ATOM   287  C  CB  . GLN A 1 40  ? 17.684  5.929   -5.539  1.00 21.06 ? 40  GLN A CB  1 
ATOM   288  C  CG  . GLN A 1 40  ? 16.337  6.443   -5.834  1.00 21.86 ? 40  GLN A CG  1 
ATOM   289  C  CD  . GLN A 1 40  ? 15.726  6.190   -7.206  1.00 22.31 ? 40  GLN A CD  1 
ATOM   290  O  OE1 . GLN A 1 40  ? 16.115  5.264   -7.952  0.50 22.27 ? 40  GLN A OE1 1 
ATOM   291  N  NE2 . GLN A 1 40  ? 14.723  6.998   -7.575  0.50 22.58 ? 40  GLN A NE2 1 
ATOM   292  N  N   . MET A 1 41  ? 15.877  3.680   -3.922  1.00 18.36 ? 41  MET A N   1 
ATOM   293  C  CA  . MET A 1 41  ? 15.029  3.469   -2.716  1.00 16.91 ? 41  MET A CA  1 
ATOM   294  C  C   . MET A 1 41  ? 15.576  2.408   -1.808  1.00 16.38 ? 41  MET A C   1 
ATOM   295  O  O   . MET A 1 41  ? 15.166  2.336   -0.647  1.00 15.80 ? 41  MET A O   1 
ATOM   296  C  CB  . MET A 1 41  ? 13.629  3.027   -3.192  1.00 18.10 ? 41  MET A CB  1 
ATOM   297  C  CG  . MET A 1 41  ? 12.893  4.110   -3.941  1.00 19.21 ? 41  MET A CG  1 
ATOM   298  S  SD  . MET A 1 41  ? 12.602  5.573   -2.822  1.00 21.27 ? 41  MET A SD  1 
ATOM   299  C  CE  . MET A 1 41  ? 11.590  4.728   -1.609  1.00 21.57 ? 41  MET A CE  1 
ATOM   300  N  N   . ALA A 1 42  ? 16.485  1.541   -2.268  1.00 16.36 ? 42  ALA A N   1 
ATOM   301  C  CA  . ALA A 1 42  ? 17.001  0.495   -1.337  1.00 16.01 ? 42  ALA A CA  1 
ATOM   302  C  C   . ALA A 1 42  ? 17.653  1.131   -0.135  1.00 15.94 ? 42  ALA A C   1 
ATOM   303  O  O   . ALA A 1 42  ? 17.390  0.627   0.982   1.00 16.42 ? 42  ALA A O   1 
ATOM   304  C  CB  . ALA A 1 42  ? 17.943  -0.422  -2.172  1.00 17.51 ? 42  ALA A CB  1 
ATOM   305  N  N   . ALA A 1 43  ? 18.416  2.185   -0.310  1.00 16.44 ? 43  ALA A N   1 
ATOM   306  C  CA  . ALA A 1 43  ? 19.107  2.874   0.795   1.00 17.11 ? 43  ALA A CA  1 
ATOM   307  C  C   . ALA A 1 43  ? 18.126  3.489   1.781   1.00 18.32 ? 43  ALA A C   1 
ATOM   308  O  O   . ALA A 1 43  ? 18.403  3.587   2.999   1.00 19.52 ? 43  ALA A O   1 
ATOM   309  C  CB  . ALA A 1 43  ? 20.045  3.928   0.271   1.00 17.21 ? 43  ALA A CB  1 
ATOM   310  N  N   . VAL A 1 44  ? 16.945  3.916   1.274   1.00 18.43 ? 44  VAL A N   1 
ATOM   311  C  CA  . VAL A 1 44  ? 15.950  4.524   2.157   1.00 19.16 ? 44  VAL A CA  1 
ATOM   312  C  C   . VAL A 1 44  ? 15.459  3.498   3.169   1.00 19.66 ? 44  VAL A C   1 
ATOM   313  O  O   . VAL A 1 44  ? 15.315  3.704   4.404   1.00 20.34 ? 44  VAL A O   1 
ATOM   314  C  CB  . VAL A 1 44  ? 14.827  5.164   1.306   1.00 19.52 ? 44  VAL A CB  1 
ATOM   315  C  CG1 . VAL A 1 44  ? 13.742  5.761   2.229   1.00 19.76 ? 44  VAL A CG1 1 
ATOM   316  C  CG2 . VAL A 1 44  ? 15.363  6.242   0.369   1.00 20.17 ? 44  VAL A CG2 1 
ATOM   317  N  N   . PHE A 1 45  ? 15.101  2.352   2.610   1.00 19.59 ? 45  PHE A N   1 
ATOM   318  C  CA  . PHE A 1 45  ? 14.575  1.228   3.405   1.00 19.90 ? 45  PHE A CA  1 
ATOM   319  C  C   . PHE A 1 45  ? 15.685  0.521   4.178   1.00 20.14 ? 45  PHE A C   1 
ATOM   320  O  O   . PHE A 1 45  ? 15.312  -0.144  5.163   1.00 22.15 ? 45  PHE A O   1 
ATOM   321  C  CB  . PHE A 1 45  ? 13.848  0.173   2.557   1.00 19.29 ? 45  PHE A CB  1 
ATOM   322  C  CG  . PHE A 1 45  ? 12.551  0.526   1.948   1.00 18.70 ? 45  PHE A CG  1 
ATOM   323  C  CD1 . PHE A 1 45  ? 11.391  0.350   2.762   1.00 18.49 ? 45  PHE A CD1 1 
ATOM   324  C  CD2 . PHE A 1 45  ? 12.424  0.988   0.668   1.00 18.69 ? 45  PHE A CD2 1 
ATOM   325  C  CE1 . PHE A 1 45  ? 10.173  0.671   2.204   1.00 18.15 ? 45  PHE A CE1 1 
ATOM   326  C  CE2 . PHE A 1 45  ? 11.176  1.290   0.092   1.00 18.78 ? 45  PHE A CE2 1 
ATOM   327  C  CZ  . PHE A 1 45  ? 10.034  1.122   0.893   1.00 18.51 ? 45  PHE A CZ  1 
ATOM   328  N  N   . GLY A 1 46  ? 16.906  0.619   3.756   1.00 20.19 ? 46  GLY A N   1 
ATOM   329  C  CA  . GLY A 1 46  ? 17.998  -0.100  4.508   1.00 19.59 ? 46  GLY A CA  1 
ATOM   330  C  C   . GLY A 1 46  ? 18.091  -1.513  3.942   1.00 19.72 ? 46  GLY A C   1 
ATOM   331  O  O   . GLY A 1 46  ? 18.507  -2.464  4.677   1.00 20.78 ? 46  GLY A O   1 
ATOM   332  N  N   . PHE A 1 47  ? 17.770  -1.746  2.694   1.00 18.45 ? 47  PHE A N   1 
ATOM   333  C  CA  . PHE A 1 47  ? 17.833  -3.052  2.079   1.00 18.24 ? 47  PHE A CA  1 
ATOM   334  C  C   . PHE A 1 47  ? 19.114  -3.075  1.159   1.00 18.08 ? 47  PHE A C   1 
ATOM   335  O  O   . PHE A 1 47  ? 19.564  -2.011  0.705   1.00 17.87 ? 47  PHE A O   1 
ATOM   336  C  CB  . PHE A 1 47  ? 16.666  -3.447  1.237   1.00 17.31 ? 47  PHE A CB  1 
ATOM   337  C  CG  . PHE A 1 47  ? 15.330  -3.549  1.926   1.00 17.93 ? 47  PHE A CG  1 
ATOM   338  C  CD1 . PHE A 1 47  ? 15.279  -4.142  3.179   1.00 18.57 ? 47  PHE A CD1 1 
ATOM   339  C  CD2 . PHE A 1 47  ? 14.219  -3.022  1.283   1.00 18.39 ? 47  PHE A CD2 1 
ATOM   340  C  CE1 . PHE A 1 47  ? 13.993  -4.229  3.821   1.00 19.22 ? 47  PHE A CE1 1 
ATOM   341  C  CE2 . PHE A 1 47  ? 12.964  -3.135  1.918   1.00 18.73 ? 47  PHE A CE2 1 
ATOM   342  C  CZ  . PHE A 1 47  ? 12.917  -3.736  3.152   1.00 18.26 ? 47  PHE A CZ  1 
ATOM   343  N  N   . SER A 1 48  ? 19.581  -4.312  0.966   1.00 18.19 ? 48  SER A N   1 
ATOM   344  C  CA  . SER A 1 48  ? 20.750  -4.435  0.110   1.00 17.99 ? 48  SER A CA  1 
ATOM   345  C  C   . SER A 1 48  ? 20.377  -4.358  -1.346  1.00 17.49 ? 48  SER A C   1 
ATOM   346  O  O   . SER A 1 48  ? 21.230  -4.123  -2.262  1.00 17.93 ? 48  SER A O   1 
ATOM   347  C  CB  . SER A 1 48  ? 21.468  -5.768  0.443   1.00 18.37 ? 48  SER A CB  1 
ATOM   348  O  OG  . SER A 1 48  ? 20.699  -6.853  0.164   1.00 19.53 ? 48  SER A OG  1 
ATOM   349  N  N   . GLY A 1 49  ? 19.116  -4.522  -1.706  1.00 16.65 ? 49  GLY A N   1 
ATOM   350  C  CA  . GLY A 1 49  ? 18.612  -4.549  -3.026  1.00 15.39 ? 49  GLY A CA  1 
ATOM   351  C  C   . GLY A 1 49  ? 17.250  -5.216  -3.123  1.00 15.51 ? 49  GLY A C   1 
ATOM   352  O  O   . GLY A 1 49  ? 16.674  -5.502  -2.062  1.00 14.43 ? 49  GLY A O   1 
ATOM   353  N  N   . ALA A 1 50  ? 16.805  -5.404  -4.353  1.00 15.06 ? 50  ALA A N   1 
ATOM   354  C  CA  . ALA A 1 50  ? 15.458  -5.989  -4.520  1.00 15.56 ? 50  ALA A CA  1 
ATOM   355  C  C   . ALA A 1 50  ? 15.373  -7.390  -4.038  1.00 15.61 ? 50  ALA A C   1 
ATOM   356  O  O   . ALA A 1 50  ? 14.255  -7.847  -3.760  1.00 17.14 ? 50  ALA A O   1 
ATOM   357  C  CB  . ALA A 1 50  ? 15.042  -5.924  -5.972  1.00 15.71 ? 50  ALA A CB  1 
ATOM   358  N  N   . SER A 1 51  ? 16.514  -8.096  -3.986  1.00 16.01 ? 51  SER A N   1 
ATOM   359  C  CA  . SER A 1 51  ? 16.428  -9.511  -3.540  1.00 15.84 ? 51  SER A CA  1 
ATOM   360  C  C   . SER A 1 51  ? 16.671  -9.697  -2.050  1.00 14.85 ? 51  SER A C   1 
ATOM   361  O  O   . SER A 1 51  ? 16.738  -10.888 -1.619  1.00 16.17 ? 51  SER A O   1 
ATOM   362  C  CB  . SER A 1 51  ? 17.321  -10.453 -4.352  1.00 16.81 ? 51  SER A CB  1 
ATOM   363  O  OG  . SER A 1 51  ? 18.631  -10.033 -4.102  1.00 20.19 ? 51  SER A OG  1 
ATOM   364  N  N   . ASP A 1 52  ? 16.818  -8.654  -1.266  1.00 13.75 ? 52  ASP A N   1 
ATOM   365  C  CA  . ASP A 1 52  ? 17.010  -8.796  0.191   1.00 13.42 ? 52  ASP A CA  1 
ATOM   366  C  C   . ASP A 1 52  ? 15.728  -9.444  0.721   1.00 13.17 ? 52  ASP A C   1 
ATOM   367  O  O   . ASP A 1 52  ? 14.633  -9.036  0.335   1.00 12.92 ? 52  ASP A O   1 
ATOM   368  C  CB  . ASP A 1 52  ? 17.198  -7.391  0.718   1.00 13.16 ? 52  ASP A CB  1 
ATOM   369  C  CG  . ASP A 1 52  ? 17.461  -7.287  2.174   1.00 13.64 ? 52  ASP A CG  1 
ATOM   370  O  OD1 . ASP A 1 52  ? 16.858  -7.928  3.079   1.00 13.98 ? 52  ASP A OD1 1 
ATOM   371  O  OD2 . ASP A 1 52  ? 18.245  -6.424  2.608   1.00 14.73 ? 52  ASP A OD2 1 
ATOM   372  N  N   . PRO A 1 53  ? 15.818  -10.462 1.563   1.00 13.11 ? 53  PRO A N   1 
ATOM   373  C  CA  . PRO A 1 53  ? 14.627  -11.118 2.126   1.00 13.08 ? 53  PRO A CA  1 
ATOM   374  C  C   . PRO A 1 53  ? 13.798  -10.176 2.941   1.00 12.57 ? 53  PRO A C   1 
ATOM   375  O  O   . PRO A 1 53  ? 12.595  -10.479 3.150   1.00 13.05 ? 53  PRO A O   1 
ATOM   376  C  CB  . PRO A 1 53  ? 15.247  -12.304 2.915   1.00 12.75 ? 53  PRO A CB  1 
ATOM   377  C  CG  . PRO A 1 53  ? 16.644  -11.854 3.243   1.00 13.82 ? 53  PRO A CG  1 
ATOM   378  C  CD  . PRO A 1 53  ? 17.109  -11.027 2.031   1.00 13.11 ? 53  PRO A CD  1 
ATOM   379  N  N   . GLY A 1 54  ? 14.321  -9.069  3.445   1.00 12.17 ? 54  GLY A N   1 
ATOM   380  C  CA  . GLY A 1 54  ? 13.528  -8.081  4.260   1.00 12.49 ? 54  GLY A CA  1 
ATOM   381  C  C   . GLY A 1 54  ? 12.417  -7.506  3.317   1.00 13.35 ? 54  GLY A C   1 
ATOM   382  O  O   . GLY A 1 54  ? 11.376  -7.076  3.834   1.00 13.02 ? 54  GLY A O   1 
ATOM   383  N  N   . VAL A 1 55  ? 12.661  -7.508  2.045   1.00 12.64 ? 55  VAL A N   1 
ATOM   384  C  CA  . VAL A 1 55  ? 11.602  -6.990  1.050   1.00 12.95 ? 55  VAL A CA  1 
ATOM   385  C  C   . VAL A 1 55  ? 10.404  -7.838  1.154   1.00 12.82 ? 55  VAL A C   1 
ATOM   386  O  O   . VAL A 1 55  ? 9.223   -7.280  1.207   1.00 13.03 ? 55  VAL A O   1 
ATOM   387  C  CB  . VAL A 1 55  ? 12.203  -6.926  -0.396  1.00 13.77 ? 55  VAL A CB  1 
ATOM   388  C  CG1 . VAL A 1 55  ? 11.101  -6.690  -1.462  1.00 13.78 ? 55  VAL A CG1 1 
ATOM   389  C  CG2 . VAL A 1 55  ? 13.300  -5.920  -0.576  1.00 13.40 ? 55  VAL A CG2 1 
ATOM   390  N  N   . ALA A 1 56  ? 10.381  -9.139  1.161   1.00 12.55 ? 56  ALA A N   1 
ATOM   391  C  CA  . ALA A 1 56  ? 9.218   -9.995  1.256   1.00 12.89 ? 56  ALA A CA  1 
ATOM   392  C  C   . ALA A 1 56  ? 8.515   -9.772  2.609   1.00 12.84 ? 56  ALA A C   1 
ATOM   393  O  O   . ALA A 1 56  ? 7.272   -9.782  2.638   1.00 12.31 ? 56  ALA A O   1 
ATOM   394  C  CB  . ALA A 1 56  ? 9.625   -11.477 1.174   1.00 13.42 ? 56  ALA A CB  1 
ATOM   395  N  N   . ALA A 1 57  ? 9.305   -9.741  3.617   1.00 11.49 ? 57  ALA A N   1 
ATOM   396  C  CA  . ALA A 1 57  ? 8.800   -9.567  5.016   1.00 11.77 ? 57  ALA A CA  1 
ATOM   397  C  C   . ALA A 1 57  ? 8.022   -8.251  5.125   1.00 10.90 ? 57  ALA A C   1 
ATOM   398  O  O   . ALA A 1 57  ? 6.864   -8.227  5.578   1.00 11.64 ? 57  ALA A O   1 
ATOM   399  C  CB  . ALA A 1 57  ? 10.003  -9.570  5.989   1.00 12.66 ? 57  ALA A CB  1 
ATOM   400  N  N   . LEU A 1 58  ? 8.690   -7.159  4.712   1.00 11.28 ? 58  LEU A N   1 
ATOM   401  C  CA  . LEU A 1 58  ? 7.964   -5.848  4.758   1.00 11.80 ? 58  LEU A CA  1 
ATOM   402  C  C   . LEU A 1 58  ? 6.850   -5.814  3.791   1.00 10.83 ? 58  LEU A C   1 
ATOM   403  O  O   . LEU A 1 58  ? 5.760   -5.257  4.177   1.00 10.53 ? 58  LEU A O   1 
ATOM   404  C  CB  . LEU A 1 58  ? 9.028   -4.768  4.587   1.00 11.83 ? 58  LEU A CB  1 
ATOM   405  C  CG  . LEU A 1 58  ? 8.503   -3.323  4.736   1.00 13.44 ? 58  LEU A CG  1 
ATOM   406  C  CD1 . LEU A 1 58  ? 7.885   -3.125  6.126   1.00 14.43 ? 58  LEU A CD1 1 
ATOM   407  C  CD2 . LEU A 1 58  ? 9.641   -2.331  4.478   1.00 14.48 ? 58  LEU A CD2 1 
ATOM   408  N  N   . GLY A 1 59  ? 6.919   -6.315  2.580   1.00 9.44  ? 59  GLY A N   1 
ATOM   409  C  CA  . GLY A 1 59  ? 5.765   -6.325  1.632   1.00 10.03 ? 59  GLY A CA  1 
ATOM   410  C  C   . GLY A 1 59  ? 4.571   -6.947  2.314   1.00 10.97 ? 59  GLY A C   1 
ATOM   411  O  O   . GLY A 1 59  ? 3.378   -6.451  2.182   1.00 11.33 ? 59  GLY A O   1 
ATOM   412  N  N   . ALA A 1 60  ? 4.703   -8.035  3.039   1.00 11.92 ? 60  ALA A N   1 
ATOM   413  C  CA  . ALA A 1 60  ? 3.597   -8.696  3.715   1.00 11.61 ? 60  ALA A CA  1 
ATOM   414  C  C   . ALA A 1 60  ? 2.984   -7.816  4.793   1.00 12.10 ? 60  ALA A C   1 
ATOM   415  O  O   . ALA A 1 60  ? 1.757   -7.812  4.967   1.00 11.80 ? 60  ALA A O   1 
ATOM   416  C  CB  . ALA A 1 60  ? 4.099   -10.024 4.335   1.00 12.06 ? 60  ALA A CB  1 
ATOM   417  N  N   . LYS A 1 61  ? 3.795   -7.074  5.520   1.00 10.63 ? 61  LYS A N   1 
ATOM   418  C  CA  . LYS A 1 61  ? 3.267   -6.177  6.611   1.00 10.93 ? 61  LYS A CA  1 
ATOM   419  C  C   . LYS A 1 61  ? 2.452   -5.049  5.998   1.00 9.83  ? 61  LYS A C   1 
ATOM   420  O  O   . LYS A 1 61  ? 1.424   -4.679  6.541   1.00 10.42 ? 61  LYS A O   1 
ATOM   421  C  CB  . LYS A 1 61  ? 4.397   -5.636  7.406   1.00 11.63 ? 61  LYS A CB  1 
ATOM   422  C  CG  . LYS A 1 61  ? 4.982   -6.879  8.245   1.00 13.33 ? 61  LYS A CG  1 
ATOM   423  C  CD  . LYS A 1 61  ? 6.131   -6.291  9.040   1.00 15.80 ? 61  LYS A CD  1 
ATOM   424  C  CE  . LYS A 1 61  ? 6.796   -7.296  9.960   1.00 17.11 ? 61  LYS A CE  1 
ATOM   425  N  NZ  . LYS A 1 61  ? 8.164   -6.816  10.204  0.50 17.65 ? 61  LYS A NZ  1 
ATOM   426  N  N   . VAL A 1 62  ? 2.961   -4.492  4.909   1.00 9.55  ? 62  VAL A N   1 
ATOM   427  C  CA  . VAL A 1 62  ? 2.262   -3.409  4.213   1.00 9.57  ? 62  VAL A CA  1 
ATOM   428  C  C   . VAL A 1 62  ? 0.901   -3.907  3.760   1.00 9.58  ? 62  VAL A C   1 
ATOM   429  O  O   . VAL A 1 62  ? -0.132  -3.219  4.011   1.00 8.38  ? 62  VAL A O   1 
ATOM   430  C  CB  . VAL A 1 62  ? 3.104   -2.883  2.993   1.00 10.17 ? 62  VAL A CB  1 
ATOM   431  C  CG1 . VAL A 1 62  ? 2.220   -1.883  2.237   1.00 11.00 ? 62  VAL A CG1 1 
ATOM   432  C  CG2 . VAL A 1 62  ? 4.376   -2.255  3.578   1.00 10.49 ? 62  VAL A CG2 1 
ATOM   433  N  N   . LEU A 1 63  ? 0.866   -5.074  3.134   1.00 8.44  ? 63  LEU A N   1 
ATOM   434  C  CA  . LEU A 1 63  ? -0.463  -5.587  2.639   1.00 9.29  ? 63  LEU A CA  1 
ATOM   435  C  C   . LEU A 1 63  ? -1.387  -5.891  3.800   1.00 7.93  ? 63  LEU A C   1 
ATOM   436  O  O   . LEU A 1 63  ? -2.638  -5.615  3.647   1.00 8.38  ? 63  LEU A O   1 
ATOM   437  C  CB  . LEU A 1 63  ? -0.223  -6.681  1.597   1.00 9.59  ? 63  LEU A CB  1 
ATOM   438  C  CG  . LEU A 1 63  ? -0.179  -6.242  0.130   1.00 9.20  ? 63  LEU A CG  1 
ATOM   439  C  CD1 . LEU A 1 63  ? -1.612  -5.859  -0.360  1.00 10.26 ? 63  LEU A CD1 1 
ATOM   440  C  CD2 . LEU A 1 63  ? 0.759   -5.058  -0.087  1.00 8.78  ? 63  LEU A CD2 1 
ATOM   441  N  N   . ALA A 1 64  ? -0.927  -6.421  4.873   1.00 8.02  ? 64  ALA A N   1 
ATOM   442  C  CA  . ALA A 1 64  ? -1.830  -6.755  6.003   1.00 8.18  ? 64  ALA A CA  1 
ATOM   443  C  C   . ALA A 1 64  ? -2.413  -5.469  6.503   1.00 7.68  ? 64  ALA A C   1 
ATOM   444  O  O   . ALA A 1 64  ? -3.568  -5.333  6.868   1.00 8.30  ? 64  ALA A O   1 
ATOM   445  C  CB  . ALA A 1 64  ? -1.102  -7.498  7.084   1.00 8.12  ? 64  ALA A CB  1 
ATOM   446  N  N   . GLN A 1 65  ? -1.559  -4.410  6.585   1.00 9.35  ? 65  GLN A N   1 
ATOM   447  C  CA  . GLN A 1 65  ? -2.062  -3.087  7.051   1.00 9.93  ? 65  GLN A CA  1 
ATOM   448  C  C   . GLN A 1 65  ? -3.121  -2.520  6.108   1.00 9.90  ? 65  GLN A C   1 
ATOM   449  O  O   . GLN A 1 65  ? -4.120  -1.892  6.518   1.00 9.35  ? 65  GLN A O   1 
ATOM   450  C  CB  . GLN A 1 65  ? -0.873  -2.134  7.250   1.00 11.43 ? 65  GLN A CB  1 
ATOM   451  C  CG  . GLN A 1 65  ? -1.421  -0.760  7.823   1.00 13.21 ? 65  GLN A CG  1 
ATOM   452  C  CD  . GLN A 1 65  ? -1.913  -0.895  9.219   1.00 14.42 ? 65  GLN A CD  1 
ATOM   453  O  OE1 . GLN A 1 65  ? -1.309  -1.464  10.103  1.00 17.29 ? 65  GLN A OE1 1 
ATOM   454  N  NE2 . GLN A 1 65  ? -3.115  -0.320  9.506   1.00 15.23 ? 65  GLN A NE2 1 
ATOM   455  N  N   . ILE A 1 66  ? -2.969  -2.699  4.783   1.00 9.48  ? 66  ILE A N   1 
ATOM   456  C  CA  . ILE A 1 66  ? -3.995  -2.231  3.830   1.00 9.55  ? 66  ILE A CA  1 
ATOM   457  C  C   . ILE A 1 66  ? -5.288  -2.971  4.118   1.00 8.93  ? 66  ILE A C   1 
ATOM   458  O  O   . ILE A 1 66  ? -6.399  -2.367  4.079   1.00 8.31  ? 66  ILE A O   1 
ATOM   459  C  CB  . ILE A 1 66  ? -3.506  -2.352  2.369   1.00 9.94  ? 66  ILE A CB  1 
ATOM   460  C  CG1 . ILE A 1 66  ? -2.425  -1.244  2.148   1.00 10.92 ? 66  ILE A CG1 1 
ATOM   461  C  CG2 . ILE A 1 66  ? -4.733  -2.312  1.348   1.00 9.40  ? 66  ILE A CG2 1 
ATOM   462  C  CD1 . ILE A 1 66  ? -1.685  -1.389  0.836   1.00 12.25 ? 66  ILE A CD1 1 
ATOM   463  N  N   . GLY A 1 67  ? -5.199  -4.291  4.415   1.00 8.38  ? 67  GLY A N   1 
ATOM   464  C  CA  . GLY A 1 67  ? -6.453  -5.044  4.712   1.00 8.66  ? 67  GLY A CA  1 
ATOM   465  C  C   . GLY A 1 67  ? -7.169  -4.445  5.956   1.00 8.34  ? 67  GLY A C   1 
ATOM   466  O  O   . GLY A 1 67  ? -8.428  -4.434  5.968   1.00 8.48  ? 67  GLY A O   1 
ATOM   467  N  N   . VAL A 1 68  ? -6.425  -4.032  6.937   1.00 8.31  ? 68  VAL A N   1 
ATOM   468  C  CA  . VAL A 1 68  ? -7.002  -3.405  8.160   1.00 9.19  ? 68  VAL A CA  1 
ATOM   469  C  C   . VAL A 1 68  ? -7.636  -2.099  7.716   1.00 9.67  ? 68  VAL A C   1 
ATOM   470  O  O   . VAL A 1 68  ? -8.827  -1.854  8.171   1.00 10.65 ? 68  VAL A O   1 
ATOM   471  C  CB  . VAL A 1 68  ? -5.965  -3.277  9.258   1.00 9.98  ? 68  VAL A CB  1 
ATOM   472  C  CG1 . VAL A 1 68  ? -6.561  -2.437  10.393  1.00 11.48 ? 68  VAL A CG1 1 
ATOM   473  C  CG2 . VAL A 1 68  ? -5.497  -4.652  9.780   1.00 10.17 ? 68  VAL A CG2 1 
ATOM   474  N  N   . ALA A 1 69  ? -7.007  -1.211  6.969   1.00 8.70  ? 69  ALA A N   1 
ATOM   475  C  CA  . ALA A 1 69  ? -7.728  0.028   6.527   1.00 9.38  ? 69  ALA A CA  1 
ATOM   476  C  C   . ALA A 1 69  ? -8.961  -0.336  5.746   1.00 10.55 ? 69  ALA A C   1 
ATOM   477  O  O   . ALA A 1 69  ? -9.978  0.365   5.952   1.00 10.80 ? 69  ALA A O   1 
ATOM   478  C  CB  . ALA A 1 69  ? -6.751  0.770   5.592   1.00 10.34 ? 69  ALA A CB  1 
ATOM   479  N  N   . VAL A 1 70  ? -9.035  -1.318  4.907   1.00 10.06 ? 70  VAL A N   1 
ATOM   480  C  CA  . VAL A 1 70  ? -10.196 -1.722  4.073   1.00 10.30 ? 70  VAL A CA  1 
ATOM   481  C  C   . VAL A 1 70  ? -11.302 -2.151  5.026   1.00 10.55 ? 70  VAL A C   1 
ATOM   482  O  O   . VAL A 1 70  ? -12.492 -1.753  4.713   1.00 10.54 ? 70  VAL A O   1 
ATOM   483  C  CB  . VAL A 1 70  ? -9.800  -2.781  3.039   1.00 10.58 ? 70  VAL A CB  1 
ATOM   484  C  CG1 . VAL A 1 70  ? -11.030 -3.418  2.407   1.00 11.13 ? 70  VAL A CG1 1 
ATOM   485  C  CG2 . VAL A 1 70  ? -8.779  -2.270  2.040   1.00 11.08 ? 70  VAL A CG2 1 
ATOM   486  N  N   . SER A 1 71  ? -10.963 -2.842  6.113   1.00 9.81  ? 71  SER A N   1 
ATOM   487  C  CA  . SER A 1 71  ? -12.040 -3.253  7.078   1.00 11.44 ? 71  SER A CA  1 
ATOM   488  C  C   . SER A 1 71  ? -12.689 -2.050  7.691   1.00 12.24 ? 71  SER A C   1 
ATOM   489  O  O   . SER A 1 71  ? -13.848 -2.231  8.169   1.00 13.10 ? 71  SER A O   1 
ATOM   490  C  CB  . SER A 1 71  ? -11.420 -4.213  8.096   1.00 11.41 ? 71  SER A CB  1 
ATOM   491  O  OG  . SER A 1 71  ? -10.874 -3.480  9.185   1.00 13.34 ? 71  SER A OG  1 
ATOM   492  N  N   . HIS A 1 72  ? -12.075 -0.897  7.720   1.00 12.66 ? 72  HIS A N   1 
ATOM   493  C  CA  . HIS A 1 72  ? -12.695 0.304   8.304   1.00 15.10 ? 72  HIS A CA  1 
ATOM   494  C  C   . HIS A 1 72  ? -13.200 1.298   7.314   1.00 15.88 ? 72  HIS A C   1 
ATOM   495  O  O   . HIS A 1 72  ? -13.460 2.503   7.648   1.00 15.56 ? 72  HIS A O   1 
ATOM   496  C  CB  . HIS A 1 72  ? -11.685 1.010   9.251   1.00 14.93 ? 72  HIS A CB  1 
ATOM   497  C  CG  . HIS A 1 72  ? -11.332 0.185   10.452  1.00 15.92 ? 72  HIS A CG  1 
ATOM   498  N  ND1 . HIS A 1 72  ? -12.283 -0.293  11.359  1.00 16.99 ? 72  HIS A ND1 1 
ATOM   499  C  CD2 . HIS A 1 72  ? -10.100 -0.195  10.925  1.00 15.69 ? 72  HIS A CD2 1 
ATOM   500  C  CE1 . HIS A 1 72  ? -11.591 -0.938  12.325  1.00 16.04 ? 72  HIS A CE1 1 
ATOM   501  N  NE2 . HIS A 1 72  ? -10.310 -0.886  12.073  1.00 16.94 ? 72  HIS A NE2 1 
ATOM   502  N  N   . LEU A 1 73  ? -13.346 0.993   6.063   1.00 17.68 ? 73  LEU A N   1 
ATOM   503  C  CA  . LEU A 1 73  ? -13.842 1.875   5.018   1.00 19.61 ? 73  LEU A CA  1 
ATOM   504  C  C   . LEU A 1 73  ? -15.244 2.358   5.400   1.00 19.88 ? 73  LEU A C   1 
ATOM   505  O  O   . LEU A 1 73  ? -15.629 3.446   4.953   1.00 21.66 ? 73  LEU A O   1 
ATOM   506  C  CB  . LEU A 1 73  ? -13.723 1.177   3.661   1.00 20.61 ? 73  LEU A CB  1 
ATOM   507  C  CG  . LEU A 1 73  ? -12.713 1.756   2.693   1.00 21.55 ? 73  LEU A CG  1 
ATOM   508  C  CD1 . LEU A 1 73  ? -11.413 2.237   3.276   1.00 22.14 ? 73  LEU A CD1 1 
ATOM   509  C  CD2 . LEU A 1 73  ? -12.398 0.682   1.674   1.00 21.63 ? 73  LEU A CD2 1 
ATOM   510  N  N   . GLY A 1 74  ? -15.982 1.710   6.203   1.00 20.80 ? 74  GLY A N   1 
ATOM   511  C  CA  . GLY A 1 74  ? -17.328 2.089   6.668   1.00 22.45 ? 74  GLY A CA  1 
ATOM   512  C  C   . GLY A 1 74  ? -17.261 3.235   7.654   1.00 23.29 ? 74  GLY A C   1 
ATOM   513  O  O   . GLY A 1 74  ? -18.262 4.000   7.890   1.00 24.40 ? 74  GLY A O   1 
ATOM   514  N  N   . ASP A 1 75  ? -16.127 3.465   8.240   1.00 22.83 ? 75  ASP A N   1 
ATOM   515  C  CA  . ASP A 1 75  ? -15.880 4.517   9.238   1.00 22.99 ? 75  ASP A CA  1 
ATOM   516  C  C   . ASP A 1 75  ? -14.587 5.214   8.904   1.00 21.98 ? 75  ASP A C   1 
ATOM   517  O  O   . ASP A 1 75  ? -13.539 4.843   9.453   1.00 20.91 ? 75  ASP A O   1 
ATOM   518  C  CB  . ASP A 1 75  ? -15.913 3.843   10.608  1.00 24.52 ? 75  ASP A CB  1 
ATOM   519  C  CG  . ASP A 1 75  ? -15.825 4.847   11.757  1.00 26.09 ? 75  ASP A CG  1 
ATOM   520  O  OD1 . ASP A 1 75  ? -15.355 6.000   11.703  1.00 26.39 ? 75  ASP A OD1 1 
ATOM   521  O  OD2 . ASP A 1 75  ? -16.234 4.306   12.839  1.00 27.47 ? 75  ASP A OD2 1 
ATOM   522  N  N   . GLU A 1 76  ? -14.627 6.168   8.010   1.00 21.65 ? 76  GLU A N   1 
ATOM   523  C  CA  . GLU A 1 76  ? -13.435 6.879   7.545   1.00 20.70 ? 76  GLU A CA  1 
ATOM   524  C  C   . GLU A 1 76  ? -12.605 7.449   8.661   1.00 19.83 ? 76  GLU A C   1 
ATOM   525  O  O   . GLU A 1 76  ? -11.354 7.501   8.503   1.00 19.69 ? 76  GLU A O   1 
ATOM   526  C  CB  . GLU A 1 76  ? -13.743 8.096   6.632   1.00 22.35 ? 76  GLU A CB  1 
ATOM   527  C  CG  . GLU A 1 76  ? -12.588 8.586   5.750   0.75 23.67 ? 76  GLU A CG  1 
ATOM   528  C  CD  . GLU A 1 76  ? -12.824 9.855   4.979   0.50 23.96 ? 76  GLU A CD  1 
ATOM   529  O  OE1 . GLU A 1 76  ? -13.851 10.525  5.039   0.50 24.30 ? 76  GLU A OE1 1 
ATOM   530  O  OE2 . GLU A 1 76  ? -11.854 10.179  4.230   0.50 24.26 ? 76  GLU A OE2 1 
ATOM   531  N  N   . GLY A 1 77  ? -13.194 7.931   9.719   1.00 17.82 ? 77  GLY A N   1 
ATOM   532  C  CA  . GLY A 1 77  ? -12.542 8.528   10.870  1.00 17.23 ? 77  GLY A CA  1 
ATOM   533  C  C   . GLY A 1 77  ? -11.551 7.480   11.470  1.00 15.78 ? 77  GLY A C   1 
ATOM   534  O  O   . GLY A 1 77  ? -10.417 7.820   11.795  1.00 15.61 ? 77  GLY A O   1 
ATOM   535  N  N   . LYS A 1 78  ? -12.025 6.266   11.592  1.00 15.98 ? 78  LYS A N   1 
ATOM   536  C  CA  . LYS A 1 78  ? -11.179 5.190   12.130  1.00 15.45 ? 78  LYS A CA  1 
ATOM   537  C  C   . LYS A 1 78  ? -10.037 4.896   11.149  1.00 14.85 ? 78  LYS A C   1 
ATOM   538  O  O   . LYS A 1 78  ? -8.889  4.770   11.555  1.00 14.20 ? 78  LYS A O   1 
ATOM   539  C  CB  . LYS A 1 78  ? -11.847 3.842   12.450  1.00 16.60 ? 78  LYS A CB  1 
ATOM   540  C  CG  . LYS A 1 78  ? -12.804 4.032   13.677  1.00 18.20 ? 78  LYS A CG  1 
ATOM   541  C  CD  . LYS A 1 78  ? -13.277 2.562   14.006  1.00 19.16 ? 78  LYS A CD  1 
ATOM   542  C  CE  . LYS A 1 78  ? -14.390 2.691   15.049  0.75 19.90 ? 78  LYS A CE  1 
ATOM   543  N  NZ  . LYS A 1 78  ? -15.012 4.047   14.982  0.60 20.84 ? 78  LYS A NZ  1 
ATOM   544  N  N   . MET A 1 79  ? -10.375 4.787   9.833   1.00 13.83 ? 79  MET A N   1 
ATOM   545  C  CA  . MET A 1 79  ? -9.268  4.484   8.906   1.00 14.50 ? 79  MET A CA  1 
ATOM   546  C  C   . MET A 1 79  ? -8.203  5.545   8.952   1.00 13.57 ? 79  MET A C   1 
ATOM   547  O  O   . MET A 1 79  ? -6.994  5.175   8.989   1.00 12.44 ? 79  MET A O   1 
ATOM   548  C  CB  . MET A 1 79  ? -9.875  4.374   7.503   1.00 16.95 ? 79  MET A CB  1 
ATOM   549  C  CG  . MET A 1 79  ? -8.921  3.652   6.592   1.00 20.52 ? 79  MET A CG  1 
ATOM   550  S  SD  A MET A 1 79  ? -8.929  4.561   4.994   0.80 26.04 ? 79  MET A SD  1 
ATOM   551  S  SD  B MET A 1 79  ? -7.761  4.845   5.940   0.13 7.19  ? 79  MET A SD  1 
ATOM   552  C  CE  A MET A 1 79  ? -7.662  5.775   5.601   0.80 23.60 ? 79  MET A CE  1 
ATOM   553  C  CE  B MET A 1 79  ? -9.014  5.952   4.796   0.13 14.02 ? 79  MET A CE  1 
ATOM   554  N  N   . VAL A 1 80  ? -8.580  6.798   8.911   1.00 11.15 ? 80  VAL A N   1 
ATOM   555  C  CA  . VAL A 1 80  ? -7.651  7.942   8.883   1.00 11.50 ? 80  VAL A CA  1 
ATOM   556  C  C   . VAL A 1 80  ? -6.847  7.911   10.144  1.00 11.30 ? 80  VAL A C   1 
ATOM   557  O  O   . VAL A 1 80  ? -5.590  8.055   10.109  1.00 11.32 ? 80  VAL A O   1 
ATOM   558  C  CB  . VAL A 1 80  ? -8.364  9.293   8.543   1.00 12.14 ? 80  VAL A CB  1 
ATOM   559  C  CG1 . VAL A 1 80  ? -7.470  10.505  8.908   1.00 11.79 ? 80  VAL A CG1 1 
ATOM   560  C  CG2 . VAL A 1 80  ? -8.806  9.247   7.105   1.00 13.69 ? 80  VAL A CG2 1 
ATOM   561  N  N   . ALA A 1 81  ? -7.471  7.762   11.271  1.00 11.39 ? 81  ALA A N   1 
ATOM   562  C  CA  . ALA A 1 81  ? -6.679  7.767   12.569  1.00 10.50 ? 81  ALA A CA  1 
ATOM   563  C  C   . ALA A 1 81  ? -5.672  6.661   12.663  1.00 10.76 ? 81  ALA A C   1 
ATOM   564  O  O   . ALA A 1 81  ? -4.510  6.922   13.099  1.00 11.01 ? 81  ALA A O   1 
ATOM   565  C  CB  . ALA A 1 81  ? -7.610  7.694   13.749  1.00 10.63 ? 81  ALA A CB  1 
ATOM   566  N  N   . GLN A 1 82  ? -6.055  5.493   12.242  1.00 10.76 ? 82  GLN A N   1 
ATOM   567  C  CA  . GLN A 1 82  ? -5.176  4.315   12.217  1.00 11.55 ? 82  GLN A CA  1 
ATOM   568  C  C   . GLN A 1 82  ? -3.967  4.566   11.329  1.00 11.04 ? 82  GLN A C   1 
ATOM   569  O  O   . GLN A 1 82  ? -2.789  4.292   11.657  1.00 11.49 ? 82  GLN A O   1 
ATOM   570  C  CB  . GLN A 1 82  ? -5.962  3.089   11.678  1.00 12.28 ? 82  GLN A CB  1 
ATOM   571  C  CG  . GLN A 1 82  ? -6.564  2.364   12.880  0.70 14.09 ? 82  GLN A CG  1 
ATOM   572  C  CD  . GLN A 1 82  ? -7.406  1.180   12.394  0.70 14.90 ? 82  GLN A CD  1 
ATOM   573  O  OE1 . GLN A 1 82  ? -7.758  1.203   11.206  0.30 14.86 ? 82  GLN A OE1 1 
ATOM   574  N  NE2 . GLN A 1 82  ? -7.650  0.315   13.343  0.30 14.89 ? 82  GLN A NE2 1 
ATOM   575  N  N   . MET A 1 83  ? -4.227  5.080   10.119  1.00 11.34 ? 83  MET A N   1 
ATOM   576  C  CA  . MET A 1 83  ? -3.125  5.340   9.160   1.00 11.02 ? 83  MET A CA  1 
ATOM   577  C  C   . MET A 1 83  ? -2.263  6.467   9.645   1.00 10.82 ? 83  MET A C   1 
ATOM   578  O  O   . MET A 1 83  ? -0.992  6.400   9.415   1.00 11.02 ? 83  MET A O   1 
ATOM   579  C  CB  . MET A 1 83  ? -3.692  5.533   7.766   1.00 10.89 ? 83  MET A CB  1 
ATOM   580  C  CG  . MET A 1 83  ? -4.284  4.304   7.184   1.00 11.87 ? 83  MET A CG  1 
ATOM   581  S  SD  . MET A 1 83  ? -3.233  2.829   7.193   1.00 13.29 ? 83  MET A SD  1 
ATOM   582  C  CE  . MET A 1 83  ? -1.701  3.310   6.498   1.00 12.65 ? 83  MET A CE  1 
ATOM   583  N  N   . LYS A 1 84  ? -2.821  7.436   10.334  1.00 9.98  ? 84  LYS A N   1 
ATOM   584  C  CA  . LYS A 1 84  ? -1.968  8.524   10.839  1.00 10.81 ? 84  LYS A CA  1 
ATOM   585  C  C   . LYS A 1 84  ? -1.001  7.942   11.846  1.00 10.12 ? 84  LYS A C   1 
ATOM   586  O  O   . LYS A 1 84  ? 0.189   8.332   11.887  1.00 10.04 ? 84  LYS A O   1 
ATOM   587  C  CB  . LYS A 1 84  ? -2.851  9.504   11.564  1.00 11.52 ? 84  LYS A CB  1 
ATOM   588  C  CG  . LYS A 1 84  ? -2.730  10.908  11.259  1.00 14.64 ? 84  LYS A CG  1 
ATOM   589  C  CD  A LYS A 1 84  ? -3.820  11.276  10.226  0.50 13.89 ? 84  LYS A CD  1 
ATOM   590  C  CD  B LYS A 1 84  ? -3.703  12.184  11.701  0.50 12.03 ? 84  LYS A CD  1 
ATOM   591  C  CE  A LYS A 1 84  ? -4.490  12.638  10.541  0.50 14.69 ? 84  LYS A CE  1 
ATOM   592  C  CE  B LYS A 1 84  ? -2.928  11.995  12.648  0.50 12.42 ? 84  LYS A CE  1 
ATOM   593  N  NZ  A LYS A 1 84  ? -4.705  13.310  9.203   0.50 15.80 ? 84  LYS A NZ  1 
ATOM   594  N  NZ  B LYS A 1 84  ? -1.825  13.072  13.056  0.50 20.24 ? 84  LYS A NZ  1 
ATOM   595  N  N   . ALA A 1 85  ? -1.472  7.031   12.751  1.00 9.75  ? 85  ALA A N   1 
ATOM   596  C  CA  . ALA A 1 85  ? -0.602  6.424   13.757  1.00 10.05 ? 85  ALA A CA  1 
ATOM   597  C  C   . ALA A 1 85  ? 0.484   5.599   13.068  1.00 9.42  ? 85  ALA A C   1 
ATOM   598  O  O   . ALA A 1 85  ? 1.653   5.646   13.565  1.00 8.47  ? 85  ALA A O   1 
ATOM   599  C  CB  . ALA A 1 85  ? -1.460  5.567   14.718  1.00 10.03 ? 85  ALA A CB  1 
ATOM   600  N  N   . VAL A 1 86  ? 0.169   4.930   11.949  1.00 8.96  ? 86  VAL A N   1 
ATOM   601  C  CA  . VAL A 1 86  ? 1.292   4.182   11.254  1.00 9.49  ? 86  VAL A CA  1 
ATOM   602  C  C   . VAL A 1 86  ? 2.270   5.161   10.746  1.00 9.03  ? 86  VAL A C   1 
ATOM   603  O  O   . VAL A 1 86  ? 3.550   4.932   10.773  1.00 8.10  ? 86  VAL A O   1 
ATOM   604  C  CB  . VAL A 1 86  ? 0.638   3.341   10.110  1.00 9.21  ? 86  VAL A CB  1 
ATOM   605  C  CG1 . VAL A 1 86  ? 1.690   2.764   9.151   1.00 9.94  ? 86  VAL A CG1 1 
ATOM   606  C  CG2 . VAL A 1 86  ? -0.320  2.248   10.628  1.00 10.64 ? 86  VAL A CG2 1 
ATOM   607  N  N   . GLY A 1 87  ? 1.793   6.321   10.258  1.00 8.64  ? 87  GLY A N   1 
ATOM   608  C  CA  . GLY A 1 87  ? 2.654   7.372   9.699   1.00 8.43  ? 87  GLY A CA  1 
ATOM   609  C  C   . GLY A 1 87  ? 3.619   7.920   10.755  1.00 8.57  ? 87  GLY A C   1 
ATOM   610  O  O   . GLY A 1 87  ? 4.786   8.213   10.534  1.00 8.79  ? 87  GLY A O   1 
ATOM   611  N  N   . VAL A 1 88  ? 3.048   8.153   11.937  1.00 9.19  ? 88  VAL A N   1 
ATOM   612  C  CA  . VAL A 1 88  ? 3.890   8.652   13.079  1.00 9.00  ? 88  VAL A CA  1 
ATOM   613  C  C   . VAL A 1 88  ? 4.974   7.667   13.376  1.00 8.74  ? 88  VAL A C   1 
ATOM   614  O  O   . VAL A 1 88  ? 6.131   8.056   13.651  1.00 10.19 ? 88  VAL A O   1 
ATOM   615  C  CB  . VAL A 1 88  ? 2.989   8.935   14.253  1.00 8.82  ? 88  VAL A CB  1 
ATOM   616  C  CG1 . VAL A 1 88  ? 3.890   9.149   15.484  1.00 8.25  ? 88  VAL A CG1 1 
ATOM   617  C  CG2 . VAL A 1 88  ? 2.041   10.114  14.020  1.00 8.36  ? 88  VAL A CG2 1 
ATOM   618  N  N   . ARG A 1 89  ? 4.719   6.354   13.255  1.00 8.76  ? 89  ARG A N   1 
ATOM   619  C  CA  . ARG A 1 89  ? 5.723   5.332   13.532  1.00 9.38  ? 89  ARG A CA  1 
ATOM   620  C  C   . ARG A 1 89  ? 6.888   5.424   12.544  1.00 9.45  ? 89  ARG A C   1 
ATOM   621  O  O   . ARG A 1 89  ? 8.019   5.244   12.928  1.00 9.66  ? 89  ARG A O   1 
ATOM   622  C  CB  . ARG A 1 89  ? 5.150   3.924   13.537  1.00 10.31 ? 89  ARG A CB  1 
ATOM   623  C  CG  . ARG A 1 89  ? 4.021   3.768   14.527  1.00 11.64 ? 89  ARG A CG  1 
ATOM   624  C  CD  . ARG A 1 89  ? 3.867   2.347   14.957  1.00 13.06 ? 89  ARG A CD  1 
ATOM   625  N  NE  . ARG A 1 89  ? 3.360   1.429   13.994  1.00 14.39 ? 89  ARG A NE  1 
ATOM   626  C  CZ  . ARG A 1 89  ? 2.068   1.108   13.860  1.00 15.48 ? 89  ARG A CZ  1 
ATOM   627  N  NH1 . ARG A 1 89  ? 1.170   1.726   14.583  1.00 15.73 ? 89  ARG A NH1 1 
ATOM   628  N  NH2 . ARG A 1 89  ? 1.801   0.191   12.893  1.00 16.30 ? 89  ARG A NH2 1 
ATOM   629  N  N   . HIS A 1 90  ? 6.560   5.804   11.348  1.00 9.41  ? 90  HIS A N   1 
ATOM   630  C  CA  . HIS A 1 90  ? 7.552   5.962   10.239  1.00 10.01 ? 90  HIS A CA  1 
ATOM   631  C  C   . HIS A 1 90  ? 8.561   7.071   10.549  1.00 10.85 ? 90  HIS A C   1 
ATOM   632  O  O   . HIS A 1 90  ? 9.644   7.062   9.911   1.00 12.05 ? 90  HIS A O   1 
ATOM   633  C  CB  . HIS A 1 90  ? 6.911   6.129   8.839   1.00 10.24 ? 90  HIS A CB  1 
ATOM   634  C  CG  . HIS A 1 90  ? 6.429   4.834   8.234   1.00 10.11 ? 90  HIS A CG  1 
ATOM   635  N  ND1 . HIS A 1 90  ? 5.358   4.113   8.765   1.00 10.56 ? 90  HIS A ND1 1 
ATOM   636  C  CD2 . HIS A 1 90  ? 6.814   4.182   7.138   1.00 9.41  ? 90  HIS A CD2 1 
ATOM   637  C  CE1 . HIS A 1 90  ? 5.156   3.062   8.032   1.00 10.90 ? 90  HIS A CE1 1 
ATOM   638  N  NE2 . HIS A 1 90  ? 6.022   3.054   7.012   1.00 10.95 ? 90  HIS A NE2 1 
ATOM   639  N  N   . LYS A 1 91  ? 8.233   7.943   11.469  1.00 11.35 ? 91  LYS A N   1 
ATOM   640  C  CA  . LYS A 1 91  ? 9.236   9.026   11.830  1.00 12.87 ? 91  LYS A CA  1 
ATOM   641  C  C   . LYS A 1 91  ? 10.459  8.295   12.345  1.00 14.49 ? 91  LYS A C   1 
ATOM   642  O  O   . LYS A 1 91  ? 11.518  8.936   12.189  1.00 16.94 ? 91  LYS A O   1 
ATOM   643  C  CB  . LYS A 1 91  ? 8.804   9.952   12.937  1.00 12.56 ? 91  LYS A CB  1 
ATOM   644  C  CG  . LYS A 1 91  ? 7.662   10.886  12.544  1.00 11.89 ? 91  LYS A CG  1 
ATOM   645  C  CD  . LYS A 1 91  ? 7.082   11.629  13.781  1.00 12.18 ? 91  LYS A CD  1 
ATOM   646  C  CE  . LYS A 1 91  ? 6.049   12.650  13.314  1.00 11.77 ? 91  LYS A CE  1 
ATOM   647  N  NZ  . LYS A 1 91  ? 6.619   13.787  12.577  1.00 11.72 ? 91  LYS A NZ  1 
ATOM   648  N  N   . GLY A 1 92  ? 10.443  7.107   12.902  1.00 15.01 ? 92  GLY A N   1 
ATOM   649  C  CA  . GLY A 1 92  ? 11.613  6.429   13.398  1.00 15.71 ? 92  GLY A CA  1 
ATOM   650  C  C   . GLY A 1 92  ? 12.195  5.418   12.471  1.00 16.20 ? 92  GLY A C   1 
ATOM   651  O  O   . GLY A 1 92  ? 13.155  4.698   12.890  1.00 17.24 ? 92  GLY A O   1 
ATOM   652  N  N   . TYR A 1 93  ? 11.716  5.234   11.258  1.00 16.85 ? 93  TYR A N   1 
ATOM   653  C  CA  . TYR A 1 93  ? 12.155  4.215   10.330  1.00 17.52 ? 93  TYR A CA  1 
ATOM   654  C  C   . TYR A 1 93  ? 12.983  4.662   9.150   1.00 18.96 ? 93  TYR A C   1 
ATOM   655  O  O   . TYR A 1 93  ? 12.937  5.810   8.721   1.00 20.04 ? 93  TYR A O   1 
ATOM   656  C  CB  . TYR A 1 93  ? 10.865  3.567   9.717   1.00 16.38 ? 93  TYR A CB  1 
ATOM   657  C  CG  . TYR A 1 93  ? 9.920   2.863   10.630  1.00 15.63 ? 93  TYR A CG  1 
ATOM   658  C  CD1 . TYR A 1 93  ? 10.276  2.461   11.937  1.00 16.02 ? 93  TYR A CD1 1 
ATOM   659  C  CD2 . TYR A 1 93  ? 8.616   2.560   10.199  1.00 14.37 ? 93  TYR A CD2 1 
ATOM   660  C  CE1 . TYR A 1 93  ? 9.387   1.798   12.789  1.00 15.29 ? 93  TYR A CE1 1 
ATOM   661  C  CE2 . TYR A 1 93  ? 7.733   1.869   11.030  1.00 14.96 ? 93  TYR A CE2 1 
ATOM   662  C  CZ  . TYR A 1 93  ? 8.121   1.461   12.288  1.00 15.21 ? 93  TYR A CZ  1 
ATOM   663  O  OH  . TYR A 1 93  ? 7.215   0.835   13.128  1.00 16.32 ? 93  TYR A OH  1 
ATOM   664  N  N   . GLY A 1 94  ? 13.697  3.695   8.623   1.00 20.55 ? 94  GLY A N   1 
ATOM   665  C  CA  . GLY A 1 94  ? 14.556  3.892   7.439   1.00 22.83 ? 94  GLY A CA  1 
ATOM   666  C  C   . GLY A 1 94  ? 15.892  4.540   7.722   1.00 24.35 ? 94  GLY A C   1 
ATOM   667  O  O   . GLY A 1 94  ? 16.170  4.974   8.860   1.00 25.74 ? 94  GLY A O   1 
ATOM   668  N  N   . ASN A 1 95  ? 16.708  4.625   6.685   1.00 25.65 ? 95  ASN A N   1 
ATOM   669  C  CA  . ASN A 1 95  ? 18.070  5.199   6.786   1.00 26.60 ? 95  ASN A CA  1 
ATOM   670  C  C   . ASN A 1 95  ? 18.111  6.543   6.098   1.00 27.34 ? 95  ASN A C   1 
ATOM   671  O  O   . ASN A 1 95  ? 19.161  7.232   6.327   1.00 28.57 ? 95  ASN A O   1 
ATOM   672  C  CB  . ASN A 1 95  ? 19.120  4.197   6.258   1.00 26.80 ? 95  ASN A CB  1 
ATOM   673  C  CG  . ASN A 1 95  ? 19.056  2.811   6.852   1.00 27.32 ? 95  ASN A CG  1 
ATOM   674  O  OD1 A ASN A 1 95  ? 17.971  2.278   7.127   0.50 27.91 ? 95  ASN A OD1 1 
ATOM   675  O  OD1 B ASN A 1 95  ? 19.262  3.402   8.067   0.50 33.73 ? 95  ASN A OD1 1 
ATOM   676  N  ND2 A ASN A 1 95  ? 20.185  2.145   7.093   0.50 27.42 ? 95  ASN A ND2 1 
ATOM   677  N  ND2 B ASN A 1 95  ? 20.120  2.358   5.621   0.50 21.19 ? 95  ASN A ND2 1 
ATOM   678  N  N   . LYS A 1 96  ? 17.159  6.934   5.320   1.00 27.70 ? 96  LYS A N   1 
ATOM   679  C  CA  . LYS A 1 96  ? 17.155  8.240   4.644   1.00 27.99 ? 96  LYS A CA  1 
ATOM   680  C  C   . LYS A 1 96  ? 15.822  8.926   4.981   1.00 27.94 ? 96  LYS A C   1 
ATOM   681  O  O   . LYS A 1 96  ? 14.852  8.217   5.368   1.00 27.73 ? 96  LYS A O   1 
ATOM   682  C  CB  . LYS A 1 96  ? 17.389  8.186   3.173   1.00 29.03 ? 96  LYS A CB  1 
ATOM   683  C  CG  . LYS A 1 96  ? 18.686  7.463   2.712   1.00 29.86 ? 96  LYS A CG  1 
ATOM   684  C  CD  . LYS A 1 96  ? 19.900  7.984   3.393   1.00 30.98 ? 96  LYS A CD  1 
ATOM   685  C  CE  . LYS A 1 96  ? 21.170  7.221   3.078   1.00 31.80 ? 96  LYS A CE  1 
ATOM   686  N  NZ  . LYS A 1 96  ? 21.104  5.804   3.611   1.00 32.83 ? 96  LYS A NZ  1 
ATOM   687  N  N   . HIS A 1 97  ? 15.781  10.235  4.889   1.00 27.48 ? 97  HIS A N   1 
ATOM   688  C  CA  . HIS A 1 97  ? 14.510  10.934  5.198   1.00 27.18 ? 97  HIS A CA  1 
ATOM   689  C  C   . HIS A 1 97  ? 13.390  10.366  4.331   1.00 25.74 ? 97  HIS A C   1 
ATOM   690  O  O   . HIS A 1 97  ? 13.641  10.274  3.112   1.00 25.70 ? 97  HIS A O   1 
ATOM   691  C  CB  . HIS A 1 97  ? 14.727  12.431  4.851   1.00 28.51 ? 97  HIS A CB  1 
ATOM   692  C  CG  . HIS A 1 97  ? 13.506  13.263  4.897   1.00 29.92 ? 97  HIS A CG  1 
ATOM   693  N  ND1 . HIS A 1 97  ? 12.805  13.530  6.061   1.00 30.80 ? 97  HIS A ND1 1 
ATOM   694  C  CD2 . HIS A 1 97  ? 12.878  13.925  3.901   1.00 30.60 ? 97  HIS A CD2 1 
ATOM   695  C  CE1 . HIS A 1 97  ? 11.770  14.314  5.772   1.00 30.71 ? 97  HIS A CE1 1 
ATOM   696  N  NE2 . HIS A 1 97  ? 11.792  14.584  4.478   1.00 30.93 ? 97  HIS A NE2 1 
ATOM   697  N  N   . ILE A 1 98  ? 12.223  10.042  4.869   1.00 24.61 ? 98  ILE A N   1 
ATOM   698  C  CA  . ILE A 1 98  ? 11.128  9.517   4.015   1.00 22.69 ? 98  ILE A CA  1 
ATOM   699  C  C   . ILE A 1 98  ? 10.345  10.692  3.432   1.00 22.59 ? 98  ILE A C   1 
ATOM   700  O  O   . ILE A 1 98  ? 9.686   11.410  4.194   1.00 22.55 ? 98  ILE A O   1 
ATOM   701  C  CB  . ILE A 1 98  ? 10.236  8.521   4.791   1.00 22.18 ? 98  ILE A CB  1 
ATOM   702  C  CG1 . ILE A 1 98  ? 11.022  7.273   5.235   1.00 21.20 ? 98  ILE A CG1 1 
ATOM   703  C  CG2 . ILE A 1 98  ? 8.919   8.117   3.957   1.00 22.33 ? 98  ILE A CG2 1 
ATOM   704  C  CD1 . ILE A 1 98  ? 10.312  6.302   6.146   1.00 20.54 ? 98  ILE A CD1 1 
ATOM   705  N  N   . LYS A 1 99  ? 10.343  10.887  2.150   1.00 22.14 ? 99  LYS A N   1 
ATOM   706  C  CA  . LYS A 1 99  ? 9.668   12.012  1.480   1.00 22.08 ? 99  LYS A CA  1 
ATOM   707  C  C   . LYS A 1 99  ? 8.296   11.629  0.971   1.00 20.30 ? 99  LYS A C   1 
ATOM   708  O  O   . LYS A 1 99  ? 8.087   10.476  0.554   1.00 18.73 ? 99  LYS A O   1 
ATOM   709  C  CB  . LYS A 1 99  ? 10.514  12.447  0.295   1.00 23.29 ? 99  LYS A CB  1 
ATOM   710  C  CG  . LYS A 1 99  ? 12.021  12.478  0.694   1.00 24.98 ? 99  LYS A CG  1 
ATOM   711  C  CD  . LYS A 1 99  ? 12.615  13.683  0.114   1.00 26.26 ? 99  LYS A CD  1 
ATOM   712  C  CE  . LYS A 1 99  ? 12.899  13.608  -1.378  1.00 26.70 ? 99  LYS A CE  1 
ATOM   713  N  NZ  . LYS A 1 99  ? 13.950  14.733  -1.580  1.00 28.05 ? 99  LYS A NZ  1 
ATOM   714  N  N   . ALA A 1 100 ? 7.384   12.632  1.017   1.00 18.32 ? 100 ALA A N   1 
ATOM   715  C  CA  . ALA A 1 100 ? 6.032   12.388  0.511   1.00 17.58 ? 100 ALA A CA  1 
ATOM   716  C  C   . ALA A 1 100 ? 6.031   11.945  -0.944  1.00 16.94 ? 100 ALA A C   1 
ATOM   717  O  O   . ALA A 1 100 ? 5.182   11.207  -1.410  1.00 16.62 ? 100 ALA A O   1 
ATOM   718  C  CB  . ALA A 1 100 ? 5.229   13.718  0.604   1.00 17.86 ? 100 ALA A CB  1 
ATOM   719  N  N   . GLN A 1 101 ? 7.016   12.436  -1.717  1.00 16.38 ? 101 GLN A N   1 
ATOM   720  C  CA  . GLN A 1 101 ? 7.137   12.109  -3.114  1.00 16.64 ? 101 GLN A CA  1 
ATOM   721  C  C   . GLN A 1 101 ? 7.338   10.607  -3.391  1.00 15.59 ? 101 GLN A C   1 
ATOM   722  O  O   . GLN A 1 101 ? 6.937   10.198  -4.469  1.00 15.50 ? 101 GLN A O   1 
ATOM   723  C  CB  . GLN A 1 101 ? 8.291   12.914  -3.767  1.00 17.70 ? 101 GLN A CB  1 
ATOM   724  C  CG  . GLN A 1 101 ? 8.010   14.372  -3.830  0.50 18.37 ? 101 GLN A CG  1 
ATOM   725  C  CD  . GLN A 1 101 ? 8.021   15.225  -2.629  0.50 18.75 ? 101 GLN A CD  1 
ATOM   726  O  OE1 . GLN A 1 101 ? 8.421   14.975  -1.475  0.50 18.84 ? 101 GLN A OE1 1 
ATOM   727  N  NE2 . GLN A 1 101 ? 7.496   16.440  -2.850  0.50 18.93 ? 101 GLN A NE2 1 
ATOM   728  N  N   . TYR A 1 102 ? 7.895   9.897   -2.433  1.00 14.27 ? 102 TYR A N   1 
ATOM   729  C  CA  . TYR A 1 102 ? 8.152   8.454   -2.623  1.00 14.90 ? 102 TYR A CA  1 
ATOM   730  C  C   . TYR A 1 102 ? 6.888   7.609   -2.726  1.00 13.94 ? 102 TYR A C   1 
ATOM   731  O  O   . TYR A 1 102 ? 6.861   6.526   -3.332  1.00 14.34 ? 102 TYR A O   1 
ATOM   732  C  CB  . TYR A 1 102 ? 9.003   7.945   -1.415  1.00 15.60 ? 102 TYR A CB  1 
ATOM   733  C  CG  . TYR A 1 102 ? 10.386  8.562   -1.363  1.00 16.72 ? 102 TYR A CG  1 
ATOM   734  C  CD1 . TYR A 1 102 ? 10.953  9.241   -2.406  1.00 17.13 ? 102 TYR A CD1 1 
ATOM   735  C  CD2 . TYR A 1 102 ? 11.094  8.412   -0.170  1.00 17.10 ? 102 TYR A CD2 1 
ATOM   736  C  CE1 . TYR A 1 102 ? 12.259  9.811   -2.303  1.00 17.90 ? 102 TYR A CE1 1 
ATOM   737  C  CE2 . TYR A 1 102 ? 12.400  8.974   -0.026  1.00 17.92 ? 102 TYR A CE2 1 
ATOM   738  C  CZ  . TYR A 1 102 ? 12.916  9.641   -1.080  1.00 18.21 ? 102 TYR A CZ  1 
ATOM   739  O  OH  . TYR A 1 102 ? 14.197  10.197  -0.987  1.00 20.07 ? 102 TYR A OH  1 
ATOM   740  N  N   . PHE A 1 103 ? 5.800   8.145   -2.187  1.00 13.66 ? 103 PHE A N   1 
ATOM   741  C  CA  . PHE A 1 103 ? 4.505   7.439   -2.124  1.00 13.36 ? 103 PHE A CA  1 
ATOM   742  C  C   . PHE A 1 103 ? 3.785   7.228   -3.424  1.00 13.47 ? 103 PHE A C   1 
ATOM   743  O  O   . PHE A 1 103 ? 3.137   6.190   -3.613  1.00 12.67 ? 103 PHE A O   1 
ATOM   744  C  CB  . PHE A 1 103 ? 3.612   8.089   -1.045  1.00 12.90 ? 103 PHE A CB  1 
ATOM   745  C  CG  . PHE A 1 103 ? 4.134   7.792   0.364   1.00 12.34 ? 103 PHE A CG  1 
ATOM   746  C  CD1 . PHE A 1 103 ? 5.087   8.577   0.956   1.00 12.48 ? 103 PHE A CD1 1 
ATOM   747  C  CD2 . PHE A 1 103 ? 3.589   6.684   1.049   1.00 12.53 ? 103 PHE A CD2 1 
ATOM   748  C  CE1 . PHE A 1 103 ? 5.539   8.282   2.259   1.00 11.70 ? 103 PHE A CE1 1 
ATOM   749  C  CE2 . PHE A 1 103 ? 4.028   6.401   2.317   1.00 13.04 ? 103 PHE A CE2 1 
ATOM   750  C  CZ  . PHE A 1 103 ? 4.983   7.168   2.964   1.00 12.40 ? 103 PHE A CZ  1 
ATOM   751  N  N   . GLU A 1 104 ? 3.988   8.191   -4.350  1.00 14.23 ? 104 GLU A N   1 
ATOM   752  C  CA  . GLU A 1 104 ? 3.320   8.059   -5.656  1.00 15.26 ? 104 GLU A CA  1 
ATOM   753  C  C   . GLU A 1 104 ? 3.800   6.890   -6.448  1.00 14.13 ? 104 GLU A C   1 
ATOM   754  O  O   . GLU A 1 104 ? 2.950   6.038   -6.858  1.00 14.96 ? 104 GLU A O   1 
ATOM   755  C  CB  . GLU A 1 104 ? 3.406   9.385   -6.479  1.00 16.62 ? 104 GLU A CB  1 
ATOM   756  C  CG  . GLU A 1 104 ? 2.865   9.086   -7.868  0.50 18.59 ? 104 GLU A CG  1 
ATOM   757  C  CD  . GLU A 1 104 ? 2.166   10.051  -8.692  0.50 19.94 ? 104 GLU A CD  1 
ATOM   758  O  OE1 . GLU A 1 104 ? 2.567   11.184  -8.912  0.50 21.31 ? 104 GLU A OE1 1 
ATOM   759  O  OE2 . GLU A 1 104 ? 1.120   9.488   -9.164  0.50 21.25 ? 104 GLU A OE2 1 
ATOM   760  N  N   . PRO A 1 105 ? 5.071   6.706   -6.699  1.00 13.64 ? 105 PRO A N   1 
ATOM   761  C  CA  . PRO A 1 105 ? 5.524   5.510   -7.434  1.00 12.59 ? 105 PRO A CA  1 
ATOM   762  C  C   . PRO A 1 105 ? 5.247   4.217   -6.717  1.00 12.45 ? 105 PRO A C   1 
ATOM   763  O  O   . PRO A 1 105 ? 5.051   3.112   -7.339  1.00 12.28 ? 105 PRO A O   1 
ATOM   764  C  CB  . PRO A 1 105 ? 7.036   5.726   -7.604  1.00 13.24 ? 105 PRO A CB  1 
ATOM   765  C  CG  . PRO A 1 105 ? 7.410   6.866   -6.745  1.00 13.60 ? 105 PRO A CG  1 
ATOM   766  C  CD  . PRO A 1 105 ? 6.145   7.638   -6.332  1.00 13.39 ? 105 PRO A CD  1 
ATOM   767  N  N   . LEU A 1 106 ? 5.187   4.256   -5.336  1.00 11.56 ? 106 LEU A N   1 
ATOM   768  C  CA  . LEU A 1 106 ? 4.849   3.021   -4.605  1.00 11.14 ? 106 LEU A CA  1 
ATOM   769  C  C   . LEU A 1 106 ? 3.429   2.679   -4.960  1.00 10.06 ? 106 LEU A C   1 
ATOM   770  O  O   . LEU A 1 106 ? 3.150   1.471   -5.106  1.00 11.02 ? 106 LEU A O   1 
ATOM   771  C  CB  . LEU A 1 106 ? 5.109   3.286   -3.075  1.00 11.51 ? 106 LEU A CB  1 
ATOM   772  C  CG  . LEU A 1 106 ? 4.744   2.066   -2.186  1.00 12.44 ? 106 LEU A CG  1 
ATOM   773  C  CD1 . LEU A 1 106 ? 5.491   0.841   -2.652  1.00 13.30 ? 106 LEU A CD1 1 
ATOM   774  C  CD2 . LEU A 1 106 ? 5.013   2.376   -0.692  1.00 13.54 ? 106 LEU A CD2 1 
ATOM   775  N  N   . GLY A 1 107 ? 2.512   3.625   -5.119  1.00 10.38 ? 107 GLY A N   1 
ATOM   776  C  CA  . GLY A 1 107 ? 1.098   3.398   -5.453  1.00 9.45  ? 107 GLY A CA  1 
ATOM   777  C  C   . GLY A 1 107 ? 0.981   2.700   -6.783  1.00 8.93  ? 107 GLY A C   1 
ATOM   778  O  O   . GLY A 1 107 ? 0.139   1.783   -6.979  1.00 9.34  ? 107 GLY A O   1 
ATOM   779  N  N   . ALA A 1 108 ? 1.774   3.149   -7.766  1.00 9.39  ? 108 ALA A N   1 
ATOM   780  C  CA  . ALA A 1 108 ? 1.762   2.565   -9.075  1.00 9.53  ? 108 ALA A CA  1 
ATOM   781  C  C   . ALA A 1 108 ? 2.228   1.101   -9.015  1.00 9.21  ? 108 ALA A C   1 
ATOM   782  O  O   . ALA A 1 108 ? 1.588   0.227   -9.644  1.00 10.46 ? 108 ALA A O   1 
ATOM   783  C  CB  . ALA A 1 108 ? 2.719   3.354   -10.026 1.00 10.15 ? 108 ALA A CB  1 
ATOM   784  N  N   . SER A 1 109 ? 3.268   0.804   -8.239  1.00 8.48  ? 109 SER A N   1 
ATOM   785  C  CA  . SER A 1 109 ? 3.764   -0.548  -8.075  1.00 8.91  ? 109 SER A CA  1 
ATOM   786  C  C   . SER A 1 109 ? 2.706   -1.414  -7.417  1.00 8.27  ? 109 SER A C   1 
ATOM   787  O  O   . SER A 1 109 ? 2.409   -2.573  -7.779  1.00 8.54  ? 109 SER A O   1 
ATOM   788  C  CB  . SER A 1 109 ? 5.036   -0.569  -7.201  1.00 7.78  ? 109 SER A CB  1 
ATOM   789  O  OG  A SER A 1 109 ? 5.556   -1.933  -7.442  0.70 8.12  ? 109 SER A OG  1 
ATOM   790  O  OG  B SER A 1 109 ? 5.955   0.116   -7.653  0.30 11.83 ? 109 SER A OG  1 
ATOM   791  N  N   . LEU A 1 110 ? 2.010   -0.838  -6.401  1.00 8.38  ? 110 LEU A N   1 
ATOM   792  C  CA  . LEU A 1 110 ? 0.947   -1.604  -5.724  1.00 9.37  ? 110 LEU A CA  1 
ATOM   793  C  C   . LEU A 1 110 ? -0.183  -1.915  -6.686  1.00 8.63  ? 110 LEU A C   1 
ATOM   794  O  O   . LEU A 1 110 ? -0.621  -3.090  -6.677  1.00 8.45  ? 110 LEU A O   1 
ATOM   795  C  CB  . LEU A 1 110 ? 0.512   -0.769  -4.517  1.00 10.70 ? 110 LEU A CB  1 
ATOM   796  C  CG  . LEU A 1 110 ? -0.689  -1.408  -3.818  1.00 12.04 ? 110 LEU A CG  1 
ATOM   797  C  CD1 . LEU A 1 110 ? -0.247  -2.589  -2.966  1.00 12.74 ? 110 LEU A CD1 1 
ATOM   798  C  CD2 . LEU A 1 110 ? -1.322  -0.371  -2.838  1.00 12.61 ? 110 LEU A CD2 1 
ATOM   799  N  N   . LEU A 1 111 ? -0.708  -0.906  -7.409  1.00 9.51  ? 111 LEU A N   1 
ATOM   800  C  CA  . LEU A 1 111 ? -1.823  -1.268  -8.318  1.00 10.23 ? 111 LEU A CA  1 
ATOM   801  C  C   . LEU A 1 111 ? -1.457  -2.226  -9.367  1.00 10.13 ? 111 LEU A C   1 
ATOM   802  O  O   . LEU A 1 111 ? -2.270  -3.058  -9.763  1.00 10.77 ? 111 LEU A O   1 
ATOM   803  C  CB  . LEU A 1 111 ? -2.424  0.057   -8.880  1.00 12.87 ? 111 LEU A CB  1 
ATOM   804  C  CG  . LEU A 1 111 ? -3.583  0.590   -8.024  1.00 15.06 ? 111 LEU A CG  1 
ATOM   805  C  CD1 . LEU A 1 111 ? -3.111  1.136   -6.730  1.00 16.32 ? 111 LEU A CD1 1 
ATOM   806  C  CD2 . LEU A 1 111 ? -4.299  1.674   -8.838  1.00 16.56 ? 111 LEU A CD2 1 
ATOM   807  N  N   . SER A 1 112 ? -0.169  -2.216  -9.850  1.00 9.41  ? 112 SER A N   1 
ATOM   808  C  CA  . SER A 1 112 ? 0.241   -3.177  -10.878 1.00 10.30 ? 112 SER A CA  1 
ATOM   809  C  C   . SER A 1 112 ? 0.312   -4.572  -10.274 1.00 9.51  ? 112 SER A C   1 
ATOM   810  O  O   . SER A 1 112 ? -0.134  -5.525  -10.949 1.00 10.56 ? 112 SER A O   1 
ATOM   811  C  CB  . SER A 1 112 ? 1.574   -2.751  -11.426 1.00 10.25 ? 112 SER A CB  1 
ATOM   812  O  OG  A SER A 1 112 ? 2.102   -3.620  -12.352 0.60 10.27 ? 112 SER A OG  1 
ATOM   813  O  OG  B SER A 1 112 ? 1.603   -1.540  -12.202 0.40 8.82  ? 112 SER A OG  1 
ATOM   814  N  N   . ALA A 1 113 ? 0.825   -4.666  -9.050  1.00 9.83  ? 113 ALA A N   1 
ATOM   815  C  CA  . ALA A 1 113 ? 0.895   -6.032  -8.401  1.00 9.43  ? 113 ALA A CA  1 
ATOM   816  C  C   . ALA A 1 113 ? -0.515  -6.583  -8.109  1.00 8.85  ? 113 ALA A C   1 
ATOM   817  O  O   . ALA A 1 113 ? -0.736  -7.833  -8.269  1.00 8.96  ? 113 ALA A O   1 
ATOM   818  C  CB  . ALA A 1 113 ? 1.679   -5.833  -7.096  1.00 9.03  ? 113 ALA A CB  1 
ATOM   819  N  N   . MET A 1 114 ? -1.435  -5.681  -7.756  1.00 9.13  ? 114 MET A N   1 
ATOM   820  C  CA  . MET A 1 114 ? -2.823  -6.203  -7.544  1.00 9.01  ? 114 MET A CA  1 
ATOM   821  C  C   . MET A 1 114 ? -3.381  -6.753  -8.823  1.00 9.95  ? 114 MET A C   1 
ATOM   822  O  O   . MET A 1 114 ? -3.922  -7.821  -8.893  1.00 10.65 ? 114 MET A O   1 
ATOM   823  C  CB  . MET A 1 114 ? -3.656  -5.027  -7.042  1.00 9.74  ? 114 MET A CB  1 
ATOM   824  C  CG  . MET A 1 114 ? -3.273  -4.660  -5.616  1.00 10.31 ? 114 MET A CG  1 
ATOM   825  S  SD  . MET A 1 114 ? -4.339  -3.214  -5.190  1.00 13.00 ? 114 MET A SD  1 
ATOM   826  C  CE  . MET A 1 114 ? -4.061  -3.141  -3.447  1.00 13.16 ? 114 MET A CE  1 
ATOM   827  N  N   . GLU A 1 115 ? -3.146  -6.042  -9.954  1.00 9.54  ? 115 GLU A N   1 
ATOM   828  C  CA  . GLU A 1 115 ? -3.641  -6.511  -11.264 1.00 11.68 ? 115 GLU A CA  1 
ATOM   829  C  C   . GLU A 1 115 ? -3.017  -7.804  -11.689 1.00 11.95 ? 115 GLU A C   1 
ATOM   830  O  O   . GLU A 1 115 ? -3.703  -8.684  -12.269 1.00 13.41 ? 115 GLU A O   1 
ATOM   831  C  CB  . GLU A 1 115 ? -3.432  -5.413  -12.293 1.00 12.10 ? 115 GLU A CB  1 
ATOM   832  C  CG  . GLU A 1 115 ? -3.974  -5.750  -13.686 1.00 13.74 ? 115 GLU A CG  1 
ATOM   833  C  CD  . GLU A 1 115 ? -4.219  -4.452  -14.545 1.00 13.96 ? 115 GLU A CD  1 
ATOM   834  O  OE1 . GLU A 1 115 ? -4.065  -3.422  -14.091 0.75 13.60 ? 115 GLU A OE1 1 
ATOM   835  O  OE2 . GLU A 1 115 ? -4.545  -4.888  -15.703 0.75 16.10 ? 115 GLU A OE2 1 
ATOM   836  N  N   . HIS A 1 116 ? -1.734  -7.964  -11.385 1.00 11.39 ? 116 HIS A N   1 
ATOM   837  C  CA  . HIS A 1 116 ? -1.013  -9.189  -11.742 1.00 13.37 ? 116 HIS A CA  1 
ATOM   838  C  C   . HIS A 1 116 ? -1.672  -10.329 -11.038 1.00 13.32 ? 116 HIS A C   1 
ATOM   839  O  O   . HIS A 1 116 ? -1.799  -11.428 -11.706 1.00 15.02 ? 116 HIS A O   1 
ATOM   840  C  CB  . HIS A 1 116 ? 0.508   -9.046  -11.485 1.00 15.05 ? 116 HIS A CB  1 
ATOM   841  C  CG  . HIS A 1 116 ? 1.213   -8.242  -12.534 0.75 16.21 ? 116 HIS A CG  1 
ATOM   842  N  ND1 . HIS A 1 116 ? 1.824   -7.065  -12.441 0.75 17.76 ? 116 HIS A ND1 1 
ATOM   843  C  CD2 . HIS A 1 116 ? 1.327   -8.595  -13.903 0.75 17.17 ? 116 HIS A CD2 1 
ATOM   844  C  CE1 . HIS A 1 116 ? 2.334   -6.609  -13.571 0.75 16.19 ? 116 HIS A CE1 1 
ATOM   845  N  NE2 . HIS A 1 116 ? 2.047   -7.509  -14.439 0.75 17.51 ? 116 HIS A NE2 1 
ATOM   846  N  N   . ARG A 1 117 ? -2.224  -10.210 -9.845  1.00 12.34 ? 117 ARG A N   1 
ATOM   847  C  CA  . ARG A 1 117 ? -2.867  -11.279 -9.176  1.00 12.53 ? 117 ARG A CA  1 
ATOM   848  C  C   . ARG A 1 117 ? -4.295  -11.500 -9.638  1.00 12.96 ? 117 ARG A C   1 
ATOM   849  O  O   . ARG A 1 117 ? -4.652  -12.647 -9.931  1.00 13.58 ? 117 ARG A O   1 
ATOM   850  C  CB  . ARG A 1 117 ? -2.860  -11.016 -7.611  1.00 12.49 ? 117 ARG A CB  1 
ATOM   851  C  CG  . ARG A 1 117 ? -3.685  -12.092 -6.907  1.00 11.56 ? 117 ARG A CG  1 
ATOM   852  C  CD  . ARG A 1 117 ? -3.505  -12.119 -5.364  1.00 11.74 ? 117 ARG A CD  1 
ATOM   853  N  NE  . ARG A 1 117 ? -2.165  -12.785 -5.106  1.00 11.10 ? 117 ARG A NE  1 
ATOM   854  C  CZ  . ARG A 1 117 ? -1.838  -13.141 -3.849  1.00 11.48 ? 117 ARG A CZ  1 
ATOM   855  N  NH1 . ARG A 1 117 ? -2.535  -12.855 -2.826  1.00 10.58 ? 117 ARG A NH1 1 
ATOM   856  N  NH2 . ARG A 1 117 ? -0.651  -13.781 -3.633  1.00 11.37 ? 117 ARG A NH2 1 
ATOM   857  N  N   . ILE A 1 118 ? -5.117  -10.420 -9.653  1.00 12.37 ? 118 ILE A N   1 
ATOM   858  C  CA  . ILE A 1 118 ? -6.547  -10.537 -9.990  1.00 12.37 ? 118 ILE A CA  1 
ATOM   859  C  C   . ILE A 1 118 ? -6.864  -10.390 -11.478 1.00 12.28 ? 118 ILE A C   1 
ATOM   860  O  O   . ILE A 1 118 ? -8.096  -10.608 -11.738 1.00 13.23 ? 118 ILE A O   1 
ATOM   861  C  CB  . ILE A 1 118 ? -7.455  -9.676  -9.038  1.00 12.48 ? 118 ILE A CB  1 
ATOM   862  C  CG1 . ILE A 1 118 ? -7.408  -8.163  -9.319  1.00 12.15 ? 118 ILE A CG1 1 
ATOM   863  C  CG2 . ILE A 1 118 ? -7.074  -9.927  -7.556  1.00 13.33 ? 118 ILE A CG2 1 
ATOM   864  C  CD1 . ILE A 1 118 ? -8.370  -7.299  -8.464  1.00 12.87 ? 118 ILE A CD1 1 
ATOM   865  N  N   . GLY A 1 119 ? -5.984  -10.053 -12.318 1.00 12.72 ? 119 GLY A N   1 
ATOM   866  C  CA  . GLY A 1 119 ? -6.294  -9.994  -13.775 1.00 13.52 ? 119 GLY A CA  1 
ATOM   867  C  C   . GLY A 1 119 ? -7.510  -9.114  -14.069 1.00 13.53 ? 119 GLY A C   1 
ATOM   868  O  O   . GLY A 1 119 ? -7.557  -7.964  -13.702 1.00 13.08 ? 119 GLY A O   1 
ATOM   869  N  N   . GLY A 1 120 ? -8.435  -9.752  -14.868 1.00 13.83 ? 120 GLY A N   1 
ATOM   870  C  CA  . GLY A 1 120 ? -9.636  -9.049  -15.337 1.00 13.98 ? 120 GLY A CA  1 
ATOM   871  C  C   . GLY A 1 120 ? -10.503 -8.430  -14.318 1.00 14.32 ? 120 GLY A C   1 
ATOM   872  O  O   . GLY A 1 120 ? -11.350 -7.551  -14.595 1.00 14.87 ? 120 GLY A O   1 
ATOM   873  N  N   . LYS A 1 121 ? -10.399 -8.852  -13.042 1.00 14.73 ? 121 LYS A N   1 
ATOM   874  C  CA  . LYS A 1 121 ? -11.244 -8.287  -11.987 1.00 15.62 ? 121 LYS A CA  1 
ATOM   875  C  C   . LYS A 1 121 ? -10.817 -6.847  -11.693 1.00 14.87 ? 121 LYS A C   1 
ATOM   876  O  O   . LYS A 1 121 ? -11.587 -6.073  -11.128 1.00 15.31 ? 121 LYS A O   1 
ATOM   877  C  CB  . LYS A 1 121 ? -11.159 -9.126  -10.699 1.00 16.14 ? 121 LYS A CB  1 
ATOM   878  C  CG  . LYS A 1 121 ? -11.917 -10.469 -11.054 1.00 17.49 ? 121 LYS A CG  1 
ATOM   879  C  CD  . LYS A 1 121 ? -12.219 -11.285 -9.797  1.00 19.59 ? 121 LYS A CD  1 
ATOM   880  C  CE  . LYS A 1 121 ? -11.360 -12.503 -9.741  0.75 19.98 ? 121 LYS A CE  1 
ATOM   881  N  NZ  . LYS A 1 121 ? -12.194 -13.683 -9.361  0.50 20.80 ? 121 LYS A NZ  1 
ATOM   882  N  N   . MET A 1 122 ? -9.619  -6.502  -12.109 1.00 14.19 ? 122 MET A N   1 
ATOM   883  C  CA  . MET A 1 122 ? -9.073  -5.126  -11.931 1.00 15.05 ? 122 MET A CA  1 
ATOM   884  C  C   . MET A 1 122 ? -9.553  -4.342  -13.175 1.00 13.86 ? 122 MET A C   1 
ATOM   885  O  O   . MET A 1 122 ? -8.682  -4.066  -14.043 1.00 13.59 ? 122 MET A O   1 
ATOM   886  C  CB  . MET A 1 122 ? -7.574  -5.064  -11.798 1.00 16.75 ? 122 MET A CB  1 
ATOM   887  C  CG  . MET A 1 122 ? -7.006  -3.725  -11.428 1.00 18.50 ? 122 MET A CG  1 
ATOM   888  S  SD  . MET A 1 122 ? -7.421  -3.301  -9.701  1.00 23.01 ? 122 MET A SD  1 
ATOM   889  C  CE  . MET A 1 122 ? -6.466  -4.288  -8.808  1.00 21.60 ? 122 MET A CE  1 
ATOM   890  N  N   . ASN A 1 123 ? -10.809 -4.077  -13.233 1.00 13.48 ? 123 ASN A N   1 
ATOM   891  C  CA  . ASN A 1 123 ? -11.366 -3.326  -14.414 1.00 13.06 ? 123 ASN A CA  1 
ATOM   892  C  C   . ASN A 1 123 ? -11.265 -1.847  -14.172 1.00 13.11 ? 123 ASN A C   1 
ATOM   893  O  O   . ASN A 1 123 ? -10.670 -1.305  -13.209 1.00 12.27 ? 123 ASN A O   1 
ATOM   894  C  CB  . ASN A 1 123 ? -12.765 -3.833  -14.727 1.00 12.45 ? 123 ASN A CB  1 
ATOM   895  C  CG  . ASN A 1 123 ? -13.769 -3.739  -13.626 1.00 12.40 ? 123 ASN A CG  1 
ATOM   896  O  OD1 . ASN A 1 123 ? -14.868 -4.356  -13.626 1.00 14.10 ? 123 ASN A OD1 1 
ATOM   897  N  ND2 . ASN A 1 123 ? -13.403 -3.036  -12.571 1.00 11.56 ? 123 ASN A ND2 1 
ATOM   898  N  N   . ALA A 1 124 ? -11.989 -1.088  -15.043 1.00 13.61 ? 124 ALA A N   1 
ATOM   899  C  CA  . ALA A 1 124 ? -12.019 0.406   -14.927 1.00 13.99 ? 124 ALA A CA  1 
ATOM   900  C  C   . ALA A 1 124 ? -12.506 0.868   -13.591 1.00 13.29 ? 124 ALA A C   1 
ATOM   901  O  O   . ALA A 1 124 ? -11.837 1.801   -13.043 1.00 13.21 ? 124 ALA A O   1 
ATOM   902  C  CB  . ALA A 1 124 ? -12.732 0.986   -16.145 1.00 15.61 ? 124 ALA A CB  1 
ATOM   903  N  N   . ALA A 1 125 ? -13.535 0.286   -13.133 1.00 11.93 ? 125 ALA A N   1 
ATOM   904  C  CA  . ALA A 1 125 ? -14.073 0.729   -11.791 1.00 11.54 ? 125 ALA A CA  1 
ATOM   905  C  C   . ALA A 1 125 ? -13.119 0.379   -10.648 1.00 11.65 ? 125 ALA A C   1 
ATOM   906  O  O   . ALA A 1 125 ? -12.978 1.212   -9.750  1.00 11.77 ? 125 ALA A O   1 
ATOM   907  C  CB  . ALA A 1 125 ? -15.411 0.073   -11.595 1.00 12.14 ? 125 ALA A CB  1 
ATOM   908  N  N   . ALA A 1 126 ? -12.483 -0.771  -10.723 1.00 10.76 ? 126 ALA A N   1 
ATOM   909  C  CA  . ALA A 1 126 ? -11.509 -1.168  -9.645  1.00 10.92 ? 126 ALA A CA  1 
ATOM   910  C  C   . ALA A 1 126 ? -10.300 -0.276  -9.751  1.00 11.79 ? 126 ALA A C   1 
ATOM   911  O  O   . ALA A 1 126 ? -9.840  0.081   -8.622  1.00 11.20 ? 126 ALA A O   1 
ATOM   912  C  CB  . ALA A 1 126 ? -11.170 -2.647  -9.816  1.00 10.97 ? 126 ALA A CB  1 
ATOM   913  N  N   . LYS A 1 127 ? -9.797  0.042   -10.913 1.00 12.33 ? 127 LYS A N   1 
ATOM   914  C  CA  . LYS A 1 127 ? -8.575  0.905   -10.966 1.00 13.13 ? 127 LYS A CA  1 
ATOM   915  C  C   . LYS A 1 127 ? -8.857  2.258   -10.396 1.00 12.40 ? 127 LYS A C   1 
ATOM   916  O  O   . LYS A 1 127 ? -8.034  2.782   -9.597  1.00 14.30 ? 127 LYS A O   1 
ATOM   917  C  CB  . LYS A 1 127 ? -8.069  1.035   -12.429 1.00 14.56 ? 127 LYS A CB  1 
ATOM   918  C  CG  . LYS A 1 127 ? -7.418  -0.277  -12.852 0.85 17.01 ? 127 LYS A CG  1 
ATOM   919  C  CD  . LYS A 1 127 ? -6.580  -0.181  -14.121 0.75 18.75 ? 127 LYS A CD  1 
ATOM   920  C  CE  . LYS A 1 127 ? -6.204  -1.496  -14.794 0.75 19.75 ? 127 LYS A CE  1 
ATOM   921  N  NZ  . LYS A 1 127 ? -4.953  -1.292  -15.669 0.75 21.31 ? 127 LYS A NZ  1 
ATOM   922  N  N   . ASP A 1 128 ? -9.983  2.839   -10.708 1.00 12.95 ? 128 ASP A N   1 
ATOM   923  C  CA  . ASP A 1 128 ? -10.415 4.155   -10.188 1.00 12.75 ? 128 ASP A CA  1 
ATOM   924  C  C   . ASP A 1 128 ? -10.577 4.117   -8.690  1.00 12.00 ? 128 ASP A C   1 
ATOM   925  O  O   . ASP A 1 128 ? -10.038 5.012   -7.964  1.00 12.14 ? 128 ASP A O   1 
ATOM   926  C  CB  . ASP A 1 128 ? -11.800 4.510   -10.784 1.00 13.74 ? 128 ASP A CB  1 
ATOM   927  C  CG  . ASP A 1 128 ? -12.564 5.612   -10.012 0.75 15.50 ? 128 ASP A CG  1 
ATOM   928  O  OD1 . ASP A 1 128 ? -12.156 6.770   -10.255 0.75 17.75 ? 128 ASP A OD1 1 
ATOM   929  O  OD2 . ASP A 1 128 ? -13.527 5.387   -9.228  0.75 16.67 ? 128 ASP A OD2 1 
ATOM   930  N  N   . ALA A 1 129 ? -11.248 3.098   -8.157  1.00 10.78 ? 129 ALA A N   1 
ATOM   931  C  CA  . ALA A 1 129 ? -11.497 2.968   -6.724  1.00 10.19 ? 129 ALA A CA  1 
ATOM   932  C  C   . ALA A 1 129 ? -10.212 2.736   -5.943  1.00 9.07  ? 129 ALA A C   1 
ATOM   933  O  O   . ALA A 1 129 ? -10.047 3.361   -4.865  1.00 9.86  ? 129 ALA A O   1 
ATOM   934  C  CB  . ALA A 1 129 ? -12.535 1.830   -6.465  1.00 10.03 ? 129 ALA A CB  1 
ATOM   935  N  N   . TRP A 1 130 ? -9.358  1.822   -6.492  1.00 8.38  ? 130 TRP A N   1 
ATOM   936  C  CA  . TRP A 1 130 ? -8.093  1.577   -5.756  1.00 8.14  ? 130 TRP A CA  1 
ATOM   937  C  C   . TRP A 1 130 ? -7.188  2.781   -5.841  1.00 8.79  ? 130 TRP A C   1 
ATOM   938  O  O   . TRP A 1 130 ? -6.431  3.006   -4.815  1.00 8.05  ? 130 TRP A O   1 
ATOM   939  C  CB  . TRP A 1 130 ? -7.442  0.267   -6.232  1.00 8.06  ? 130 TRP A CB  1 
ATOM   940  C  CG  . TRP A 1 130 ? -7.972  -0.903  -5.463  1.00 9.03  ? 130 TRP A CG  1 
ATOM   941  C  CD1 . TRP A 1 130 ? -8.831  -1.887  -5.932  1.00 9.38  ? 130 TRP A CD1 1 
ATOM   942  C  CD2 . TRP A 1 130 ? -7.700  -1.201  -4.104  1.00 8.99  ? 130 TRP A CD2 1 
ATOM   943  N  NE1 . TRP A 1 130 ? -9.065  -2.812  -4.951  1.00 8.47  ? 130 TRP A NE1 1 
ATOM   944  C  CE2 . TRP A 1 130 ? -8.401  -2.385  -3.809  1.00 9.64  ? 130 TRP A CE2 1 
ATOM   945  C  CE3 . TRP A 1 130 ? -6.868  -0.585  -3.161  1.00 9.29  ? 130 TRP A CE3 1 
ATOM   946  C  CZ2 . TRP A 1 130 ? -8.283  -2.932  -2.524  1.00 10.19 ? 130 TRP A CZ2 1 
ATOM   947  C  CZ3 . TRP A 1 130 ? -6.781  -1.113  -1.874  1.00 10.36 ? 130 TRP A CZ3 1 
ATOM   948  C  CH2 . TRP A 1 130 ? -7.513  -2.310  -1.591  1.00 9.85  ? 130 TRP A CH2 1 
ATOM   949  N  N   . ALA A 1 131 ? -7.183  3.579   -6.894  1.00 9.15  ? 131 ALA A N   1 
ATOM   950  C  CA  . ALA A 1 131 ? -6.314  4.797   -6.916  1.00 9.10  ? 131 ALA A CA  1 
ATOM   951  C  C   . ALA A 1 131 ? -6.744  5.764   -5.824  1.00 8.63  ? 131 ALA A C   1 
ATOM   952  O  O   . ALA A 1 131 ? -6.022  6.417   -5.062  1.00 9.04  ? 131 ALA A O   1 
ATOM   953  C  CB  . ALA A 1 131 ? -6.319  5.460   -8.295  1.00 9.25  ? 131 ALA A CB  1 
ATOM   954  N  N   . ALA A 1 132 ? -8.082  5.956   -5.695  1.00 8.98  ? 132 ALA A N   1 
ATOM   955  C  CA  . ALA A 1 132 ? -8.712  6.843   -4.633  1.00 9.22  ? 132 ALA A CA  1 
ATOM   956  C  C   . ALA A 1 132 ? -8.475  6.260   -3.243  1.00 9.34  ? 132 ALA A C   1 
ATOM   957  O  O   . ALA A 1 132 ? -8.078  7.022   -2.346  1.00 9.54  ? 132 ALA A O   1 
ATOM   958  C  CB  . ALA A 1 132 ? -10.189 6.965   -4.958  1.00 9.42  ? 132 ALA A CB  1 
ATOM   959  N  N   . ALA A 1 133 ? -8.607  4.933   -3.030  1.00 9.05  ? 133 ALA A N   1 
ATOM   960  C  CA  . ALA A 1 133 ? -8.278  4.339   -1.719  1.00 8.95  ? 133 ALA A CA  1 
ATOM   961  C  C   . ALA A 1 133 ? -6.776  4.515   -1.451  1.00 8.18  ? 133 ALA A C   1 
ATOM   962  O  O   . ALA A 1 133 ? -6.486  4.915   -0.282  1.00 9.77  ? 133 ALA A O   1 
ATOM   963  C  CB  . ALA A 1 133 ? -8.659  2.840   -1.726  1.00 8.93  ? 133 ALA A CB  1 
ATOM   964  N  N   . TYR A 1 134 ? -5.910  4.307   -2.380  1.00 8.11  ? 134 TYR A N   1 
ATOM   965  C  CA  . TYR A 1 134 ? -4.451  4.490   -2.084  1.00 8.61  ? 134 TYR A CA  1 
ATOM   966  C  C   . TYR A 1 134 ? -4.204  5.966   -1.768  1.00 9.13  ? 134 TYR A C   1 
ATOM   967  O  O   . TYR A 1 134 ? -3.347  6.253   -0.879  1.00 10.04 ? 134 TYR A O   1 
ATOM   968  C  CB  . TYR A 1 134 ? -3.584  3.916   -3.210  1.00 9.51  ? 134 TYR A CB  1 
ATOM   969  C  CG  . TYR A 1 134 ? -2.114  4.139   -2.839  1.00 9.60  ? 134 TYR A CG  1 
ATOM   970  C  CD1 . TYR A 1 134 ? -1.506  3.248   -1.931  1.00 9.68  ? 134 TYR A CD1 1 
ATOM   971  C  CD2 . TYR A 1 134 ? -1.367  5.194   -3.326  1.00 10.13 ? 134 TYR A CD2 1 
ATOM   972  C  CE1 . TYR A 1 134 ? -0.157  3.470   -1.554  1.00 10.61 ? 134 TYR A CE1 1 
ATOM   973  C  CE2 . TYR A 1 134 ? -0.040  5.440   -2.970  1.00 10.47 ? 134 TYR A CE2 1 
ATOM   974  C  CZ  . TYR A 1 134 ? 0.548   4.509   -2.080  1.00 10.48 ? 134 TYR A CZ  1 
ATOM   975  O  OH  . TYR A 1 134 ? 1.886   4.734   -1.762  1.00 11.33 ? 134 TYR A OH  1 
ATOM   976  N  N   . ALA A 1 135 ? -4.801  6.893   -2.398  1.00 9.40  ? 135 ALA A N   1 
ATOM   977  C  CA  . ALA A 1 135 ? -4.649  8.328   -2.120  1.00 9.24  ? 135 ALA A CA  1 
ATOM   978  C  C   . ALA A 1 135 ? -5.083  8.659   -0.689  1.00 10.08 ? 135 ALA A C   1 
ATOM   979  O  O   . ALA A 1 135 ? -4.355  9.430   0.000   1.00 9.59  ? 135 ALA A O   1 
ATOM   980  C  CB  . ALA A 1 135 ? -5.491  9.054   -3.175  1.00 11.48 ? 135 ALA A CB  1 
ATOM   981  N  N   . ASP A 1 136 ? -6.152  8.084   -0.213  1.00 9.75  ? 136 ASP A N   1 
ATOM   982  C  CA  . ASP A 1 136 ? -6.659  8.304   1.119   1.00 9.61  ? 136 ASP A CA  1 
ATOM   983  C  C   . ASP A 1 136 ? -5.746  7.684   2.186   1.00 10.66 ? 136 ASP A C   1 
ATOM   984  O  O   . ASP A 1 136 ? -5.402  8.300   3.213   1.00 10.88 ? 136 ASP A O   1 
ATOM   985  C  CB  . ASP A 1 136 ? -8.071  7.722   1.261   1.00 10.19 ? 136 ASP A CB  1 
ATOM   986  C  CG  . ASP A 1 136 ? -9.083  8.781   0.740   1.00 11.89 ? 136 ASP A CG  1 
ATOM   987  O  OD1 . ASP A 1 136 ? -8.828  9.644   -0.001  1.00 12.13 ? 136 ASP A OD1 1 
ATOM   988  O  OD2 . ASP A 1 136 ? -10.243 8.489   1.133   1.00 13.79 ? 136 ASP A OD2 1 
ATOM   989  N  N   . ILE A 1 137 ? -5.338  6.410   1.862   1.00 9.16  ? 137 ILE A N   1 
ATOM   990  C  CA  . ILE A 1 137 ? -4.483  5.683   2.857   1.00 9.73  ? 137 ILE A CA  1 
ATOM   991  C  C   . ILE A 1 137 ? -3.136  6.289   2.949   1.00 9.12  ? 137 ILE A C   1 
ATOM   992  O  O   . ILE A 1 137 ? -2.656  6.571   4.114   1.00 9.33  ? 137 ILE A O   1 
ATOM   993  C  CB  . ILE A 1 137 ? -4.453  4.158   2.466   1.00 10.18 ? 137 ILE A CB  1 
ATOM   994  C  CG1 . ILE A 1 137 ? -5.807  3.489   2.762   1.00 10.51 ? 137 ILE A CG1 1 
ATOM   995  C  CG2 . ILE A 1 137 ? -3.224  3.478   3.191   1.00 10.76 ? 137 ILE A CG2 1 
ATOM   996  C  CD1 . ILE A 1 137 ? -6.022  2.075   2.067   1.00 10.85 ? 137 ILE A CD1 1 
ATOM   997  N  N   . SER A 1 138 ? -2.490  6.490   1.805   1.00 8.98  ? 138 SER A N   1 
ATOM   998  C  CA  . SER A 1 138 ? -1.127  7.124   1.807   1.00 9.51  ? 138 SER A CA  1 
ATOM   999  C  C   . SER A 1 138 ? -1.182  8.544   2.337   1.00 9.15  ? 138 SER A C   1 
ATOM   1000 O  O   . SER A 1 138 ? -0.225  8.968   3.062   1.00 8.81  ? 138 SER A O   1 
ATOM   1001 C  CB  . SER A 1 138 ? -0.490  6.996   0.419   1.00 10.65 ? 138 SER A CB  1 
ATOM   1002 O  OG  . SER A 1 138 ? -1.080  7.894   -0.500  1.00 11.67 ? 138 SER A OG  1 
ATOM   1003 N  N   . GLY A 1 139 ? -2.154  9.336   2.014   1.00 8.35  ? 139 GLY A N   1 
ATOM   1004 C  CA  . GLY A 1 139 ? -2.308  10.725  2.433   1.00 8.98  ? 139 GLY A CA  1 
ATOM   1005 C  C   . GLY A 1 139 ? -2.436  10.782  3.941   1.00 9.19  ? 139 GLY A C   1 
ATOM   1006 O  O   . GLY A 1 139 ? -1.848  11.721  4.578   1.00 10.98 ? 139 GLY A O   1 
ATOM   1007 N  N   . ALA A 1 140 ? -3.134  9.860   4.544   1.00 9.27  ? 140 ALA A N   1 
ATOM   1008 C  CA  . ALA A 1 140 ? -3.289  9.847   6.042   1.00 9.99  ? 140 ALA A CA  1 
ATOM   1009 C  C   . ALA A 1 140 ? -1.975  9.471   6.656   1.00 9.54  ? 140 ALA A C   1 
ATOM   1010 O  O   . ALA A 1 140 ? -1.555  10.085  7.641   1.00 10.17 ? 140 ALA A O   1 
ATOM   1011 C  CB  . ALA A 1 140 ? -4.418  8.937   6.470   1.00 9.68  ? 140 ALA A CB  1 
ATOM   1012 N  N   . LEU A 1 141 ? -1.243  8.503   6.069   1.00 8.39  ? 141 LEU A N   1 
ATOM   1013 C  CA  . LEU A 1 141 ? 0.075   8.129   6.645   1.00 9.08  ? 141 LEU A CA  1 
ATOM   1014 C  C   . LEU A 1 141 ? 1.013   9.319   6.581   1.00 9.32  ? 141 LEU A C   1 
ATOM   1015 O  O   . LEU A 1 141 ? 1.712   9.602   7.583   1.00 8.69  ? 141 LEU A O   1 
ATOM   1016 C  CB  . LEU A 1 141 ? 0.561   6.908   5.747   1.00 9.05  ? 141 LEU A CB  1 
ATOM   1017 C  CG  . LEU A 1 141 ? 1.772   6.135   6.316   1.00 10.52 ? 141 LEU A CG  1 
ATOM   1018 C  CD1 . LEU A 1 141 ? 1.866   4.753   5.621   1.00 10.15 ? 141 LEU A CD1 1 
ATOM   1019 C  CD2 . LEU A 1 141 ? 3.066   6.900   6.045   1.00 10.51 ? 141 LEU A CD2 1 
ATOM   1020 N  N   . ILE A 1 142 ? 1.058   10.002  5.417   1.00 9.49  ? 142 ILE A N   1 
ATOM   1021 C  CA  . ILE A 1 142 ? 1.947   11.142  5.244   1.00 10.38 ? 142 ILE A CA  1 
ATOM   1022 C  C   . ILE A 1 142 ? 1.628   12.255  6.267   1.00 11.02 ? 142 ILE A C   1 
ATOM   1023 O  O   . ILE A 1 142 ? 2.539   12.878  6.799   1.00 11.57 ? 142 ILE A O   1 
ATOM   1024 C  CB  . ILE A 1 142 ? 1.943   11.679  3.786   1.00 10.58 ? 142 ILE A CB  1 
ATOM   1025 C  CG1 . ILE A 1 142 ? 2.548   10.623  2.798   1.00 10.30 ? 142 ILE A CG1 1 
ATOM   1026 C  CG2 . ILE A 1 142 ? 2.756   13.045  3.716   1.00 10.97 ? 142 ILE A CG2 1 
ATOM   1027 C  CD1 . ILE A 1 142 ? 2.084   10.965  1.323   1.00 9.55  ? 142 ILE A CD1 1 
ATOM   1028 N  N   . SER A 1 143 ? 0.308   12.457  6.519   1.00 11.22 ? 143 SER A N   1 
ATOM   1029 C  CA  . SER A 1 143 ? -0.085  13.490  7.516   1.00 11.51 ? 143 SER A CA  1 
ATOM   1030 C  C   . SER A 1 143 ? 0.531   13.090  8.851   1.00 12.09 ? 143 SER A C   1 
ATOM   1031 O  O   . SER A 1 143 ? 0.986   14.011  9.605   1.00 13.68 ? 143 SER A O   1 
ATOM   1032 C  CB  . SER A 1 143 ? -1.589  13.620  7.586   1.00 12.44 ? 143 SER A CB  1 
ATOM   1033 O  OG  A SER A 1 143 ? -1.929  14.473  8.649   0.60 13.62 ? 143 SER A OG  1 
ATOM   1034 O  OG  B SER A 1 143 ? -1.936  12.771  8.407   0.40 13.31 ? 143 SER A OG  1 
ATOM   1035 N  N   . GLY A 1 144 ? 0.568   11.882  9.285   1.00 11.03 ? 144 GLY A N   1 
ATOM   1036 C  CA  . GLY A 1 144 ? 1.164   11.424  10.538  1.00 11.46 ? 144 GLY A CA  1 
ATOM   1037 C  C   . GLY A 1 144 ? 2.696   11.611  10.476  1.00 11.72 ? 144 GLY A C   1 
ATOM   1038 O  O   . GLY A 1 144 ? 3.317   12.142  11.430  1.00 11.13 ? 144 GLY A O   1 
ATOM   1039 N  N   . LEU A 1 145 ? 3.311   11.198  9.356   1.00 11.75 ? 145 LEU A N   1 
ATOM   1040 C  CA  . LEU A 1 145 ? 4.749   11.303  9.160   1.00 12.97 ? 145 LEU A CA  1 
ATOM   1041 C  C   . LEU A 1 145 ? 5.211   12.785  9.290   1.00 13.57 ? 145 LEU A C   1 
ATOM   1042 O  O   . LEU A 1 145 ? 6.273   12.998  9.872   1.00 14.12 ? 145 LEU A O   1 
ATOM   1043 C  CB  . LEU A 1 145 ? 5.092   10.802  7.727   1.00 12.54 ? 145 LEU A CB  1 
ATOM   1044 C  CG  . LEU A 1 145 ? 6.551   10.811  7.299   1.00 13.22 ? 145 LEU A CG  1 
ATOM   1045 C  CD1 . LEU A 1 145 ? 7.462   10.070  8.298   1.00 14.14 ? 145 LEU A CD1 1 
ATOM   1046 C  CD2 . LEU A 1 145 ? 6.596   10.143  5.887   1.00 13.78 ? 145 LEU A CD2 1 
ATOM   1047 N  N   . GLN A 1 146 ? 4.379   13.654  8.807   1.00 13.96 ? 146 GLN A N   1 
ATOM   1048 C  CA  . GLN A 1 146 ? 4.771   15.090  8.823   1.00 16.21 ? 146 GLN A CA  1 
ATOM   1049 C  C   . GLN A 1 146 ? 4.325   15.859  10.009  1.00 17.89 ? 146 GLN A C   1 
ATOM   1050 O  O   . GLN A 1 146 ? 4.657   17.094  10.099  1.00 18.51 ? 146 GLN A O   1 
ATOM   1051 C  CB  . GLN A 1 146 ? 4.282   15.741  7.510   1.00 16.83 ? 146 GLN A CB  1 
ATOM   1052 C  CG  . GLN A 1 146 ? 5.024   15.199  6.283   1.00 18.14 ? 146 GLN A CG  1 
ATOM   1053 C  CD  . GLN A 1 146 ? 4.438   15.777  4.974   1.00 19.45 ? 146 GLN A CD  1 
ATOM   1054 O  OE1 . GLN A 1 146 ? 5.168   15.697  3.952   1.00 21.35 ? 146 GLN A OE1 1 
ATOM   1055 N  NE2 . GLN A 1 146 ? 3.232   16.213  5.089   1.00 20.14 ? 146 GLN A NE2 1 
ATOM   1056 N  N   . SER A 1 147 ? 3.616   15.276  10.944  1.00 17.99 ? 147 SER A N   1 
ATOM   1057 C  CA  . SER A 1 147 ? 3.078   15.947  12.128  1.00 18.73 ? 147 SER A CA  1 
ATOM   1058 C  C   . SER A 1 147 ? 4.166   16.342  13.111  1.00 19.41 ? 147 SER A C   1 
ATOM   1059 O  O   . SER A 1 147 ? 5.297   15.981  13.196  1.00 19.07 ? 147 SER A O   1 
ATOM   1060 C  CB  . SER A 1 147 ? 2.003   15.048  12.759  1.00 18.53 ? 147 SER A CB  1 
ATOM   1061 O  OG  . SER A 1 147 ? 2.603   13.902  13.401  1.00 18.67 ? 147 SER A OG  1 
ATOM   1062 O  OXT . SER A 1 147 ? 3.711   17.207  13.958  1.00 21.63 ? 147 SER A OXT 1 
HETATM 1063 C  CHA . HEM B 2 .   ? 7.614   -0.465  8.204   1.00 13.21 ? 148 HEM A CHA 1 
HETATM 1064 C  CHB . HEM B 2 .   ? 9.494   2.614   5.016   1.00 13.47 ? 148 HEM A CHB 1 
HETATM 1065 C  CHC . HEM B 2 .   ? 5.207   3.238   2.948   1.00 11.96 ? 148 HEM A CHC 1 
HETATM 1066 C  CHD . HEM B 2 .   ? 3.223   0.462   6.329   1.00 11.36 ? 148 HEM A CHD 1 
HETATM 1067 C  C1A . HEM B 2 .   ? 8.454   0.331   7.494   1.00 13.26 ? 148 HEM A C1A 1 
HETATM 1068 C  C2A . HEM B 2 .   ? 9.954   0.303   7.697   1.00 14.78 ? 148 HEM A C2A 1 
HETATM 1069 C  C3A . HEM B 2 .   ? 10.452  1.126   6.825   1.00 14.25 ? 148 HEM A C3A 1 
HETATM 1070 C  C4A . HEM B 2 .   ? 9.381   1.687   6.020   1.00 13.26 ? 148 HEM A C4A 1 
HETATM 1071 C  CMA . HEM B 2 .   ? 11.941  1.494   6.589   1.00 15.35 ? 148 HEM A CMA 1 
HETATM 1072 C  CAA . HEM B 2 .   ? 10.498  -0.566  8.796   1.00 17.32 ? 148 HEM A CAA 1 
HETATM 1073 C  CBA . HEM B 2 .   ? 11.529  -1.638  8.853   0.80 20.26 ? 148 HEM A CBA 1 
HETATM 1074 C  CGA . HEM B 2 .   ? 12.021  -1.660  10.330  0.70 21.01 ? 148 HEM A CGA 1 
HETATM 1075 O  O1A . HEM B 2 .   ? 13.154  -1.192  10.610  0.70 21.72 ? 148 HEM A O1A 1 
HETATM 1076 O  O2A . HEM B 2 .   ? 11.187  -2.024  11.190  0.70 22.69 ? 148 HEM A O2A 1 
HETATM 1077 C  C1B . HEM B 2 .   ? 8.552   3.075   4.174   1.00 12.93 ? 148 HEM A C1B 1 
HETATM 1078 C  C2B . HEM B 2 .   ? 8.733   3.887   2.999   1.00 12.32 ? 148 HEM A C2B 1 
HETATM 1079 C  C3B . HEM B 2 .   ? 7.558   4.096   2.399   1.00 13.21 ? 148 HEM A C3B 1 
HETATM 1080 C  C4B . HEM B 2 .   ? 6.567   3.311   3.229   1.00 12.89 ? 148 HEM A C4B 1 
HETATM 1081 C  CMB . HEM B 2 .   ? 10.129  4.405   2.582   1.00 13.63 ? 148 HEM A CMB 1 
HETATM 1082 C  CAB . HEM B 2 .   ? 7.129   4.832   1.176   1.00 12.83 ? 148 HEM A CAB 1 
HETATM 1083 C  CBB . HEM B 2 .   ? 7.880   4.840   0.012   1.00 14.43 ? 148 HEM A CBB 1 
HETATM 1084 C  C1C . HEM B 2 .   ? 4.251   2.554   3.671   1.00 10.61 ? 148 HEM A C1C 1 
HETATM 1085 C  C2C . HEM B 2 .   ? 2.860   2.376   3.330   1.00 11.29 ? 148 HEM A C2C 1 
HETATM 1086 C  C3C . HEM B 2 .   ? 2.307   1.622   4.272   1.00 11.22 ? 148 HEM A C3C 1 
HETATM 1087 C  C4C . HEM B 2 .   ? 3.356   1.248   5.233   1.00 11.02 ? 148 HEM A C4C 1 
HETATM 1088 C  CMC . HEM B 2 .   ? 2.192   3.068   2.115   1.00 12.62 ? 148 HEM A CMC 1 
HETATM 1089 C  CAC . HEM B 2 .   ? 0.879   1.158   4.493   1.00 11.32 ? 148 HEM A CAC 1 
HETATM 1090 C  CBC . HEM B 2 .   ? -0.078  1.438   3.693   1.00 14.33 ? 148 HEM A CBC 1 
HETATM 1091 C  C1D . HEM B 2 .   ? 4.230   -0.068  7.081   1.00 12.67 ? 148 HEM A C1D 1 
HETATM 1092 C  C2D . HEM B 2 .   ? 4.093   -1.078  8.124   1.00 13.09 ? 148 HEM A C2D 1 
HETATM 1093 C  C3D . HEM B 2 .   ? 5.278   -1.361  8.613   1.00 13.59 ? 148 HEM A C3D 1 
HETATM 1094 C  C4D . HEM B 2 .   ? 6.231   -0.511  7.885   1.00 12.48 ? 148 HEM A C4D 1 
HETATM 1095 C  CMD . HEM B 2 .   ? 2.724   -1.705  8.503   1.00 13.33 ? 148 HEM A CMD 1 
HETATM 1096 C  CAD . HEM B 2 .   ? 5.678   -2.340  9.735   1.00 14.93 ? 148 HEM A CAD 1 
HETATM 1097 C  CBD . HEM B 2 .   ? 5.988   -1.707  11.071  1.00 15.64 ? 148 HEM A CBD 1 
HETATM 1098 C  CGD . HEM B 2 .   ? 4.833   -1.023  11.719  1.00 17.41 ? 148 HEM A CGD 1 
HETATM 1099 O  O1D . HEM B 2 .   ? 5.019   0.128   12.243  1.00 17.94 ? 148 HEM A O1D 1 
HETATM 1100 O  O2D . HEM B 2 .   ? 3.674   -1.535  11.646  1.00 17.83 ? 148 HEM A O2D 1 
HETATM 1101 N  NA  . HEM B 2 .   ? 8.152   1.176   6.453   1.00 12.77 ? 148 HEM A NA  1 
HETATM 1102 N  NB  . HEM B 2 .   ? 7.218   2.734   4.262   1.00 12.16 ? 148 HEM A NB  1 
HETATM 1103 N  NC  . HEM B 2 .   ? 4.525   1.821   4.804   1.00 10.63 ? 148 HEM A NC  1 
HETATM 1104 N  ND  . HEM B 2 .   ? 5.627   0.243   6.900   1.00 12.02 ? 148 HEM A ND  1 
HETATM 1105 FE FE  . HEM B 2 .   ? 6.384   1.458   5.648   1.00 11.80 ? 148 HEM A FE  1 
HETATM 1106 C  C   . CMO C 3 .   ? 6.736   0.273   4.331   1.00 13.68 ? 201 CMO A C   1 
HETATM 1107 O  O   . CMO C 3 .   ? 7.036   -0.536  3.703   0.93 15.85 ? 201 CMO A O   1 
HETATM 1108 O  O   . HOH D 4 .   ? 1.954   6.072   16.439  0.98 11.42 ? 202 HOH A O   1 
HETATM 1109 O  O   . HOH D 4 .   ? 14.942  4.624   -14.995 0.78 35.90 ? 203 HOH A O   1 
HETATM 1110 O  O   . HOH D 4 .   ? -10.462 -6.384  5.326   0.99 13.69 ? 204 HOH A O   1 
HETATM 1111 O  O   . HOH D 4 .   ? -16.038 8.163   11.059  0.67 32.45 ? 205 HOH A O   1 
HETATM 1112 O  O   . HOH D 4 .   ? -4.754  -7.762  7.431   1.00 11.56 ? 206 HOH A O   1 
HETATM 1113 O  O   . HOH D 4 .   ? -4.550  -19.186 -3.549  0.69 32.42 ? 207 HOH A O   1 
HETATM 1114 O  O   . HOH D 4 .   ? -23.210 1.173   -4.813  0.61 38.13 ? 208 HOH A O   1 
HETATM 1115 O  O   . HOH D 4 .   ? 1.184   -11.257 6.105   0.89 30.13 ? 209 HOH A O   1 
HETATM 1116 O  O   . HOH D 4 .   ? 6.886   -12.580 5.366   0.78 33.70 ? 210 HOH A O   1 
HETATM 1117 O  O   . HOH D 4 .   ? 0.999   -5.166  9.288   0.99 15.65 ? 211 HOH A O   1 
HETATM 1118 O  O   . HOH D 4 .   ? -9.736  -2.103  15.263  1.00 23.96 ? 212 HOH A O   1 
HETATM 1119 O  O   . HOH D 4 .   ? -8.235  -1.734  14.049  0.84 29.68 ? 213 HOH A O   1 
HETATM 1120 O  O   . HOH D 4 .   ? 9.262   4.593   15.259  0.99 16.59 ? 214 HOH A O   1 
HETATM 1121 O  O   . HOH D 4 .   ? 4.504   -4.292  -9.055  0.96 18.58 ? 215 HOH A O   1 
HETATM 1122 O  O   . HOH D 4 .   ? -6.633  -8.632  5.562   1.00 13.45 ? 216 HOH A O   1 
HETATM 1123 O  O   . HOH D 4 .   ? -15.305 -1.341  -14.845 0.97 16.84 ? 217 HOH A O   1 
HETATM 1124 O  O   . HOH D 4 .   ? 12.634  -10.630 -0.912  0.88 22.99 ? 218 HOH A O   1 
HETATM 1125 O  O   . HOH D 4 .   ? 12.332  -10.011 -3.339  0.89 27.12 ? 219 HOH A O   1 
HETATM 1126 O  O   . HOH D 4 .   ? 0.361   -10.041 4.297   1.00 17.94 ? 220 HOH A O   1 
HETATM 1127 O  O   . HOH D 4 .   ? 4.902   -12.877 -5.306  0.69 35.01 ? 221 HOH A O   1 
HETATM 1128 O  O   . HOH D 4 .   ? -13.030 -5.866  4.169   1.00 23.48 ? 222 HOH A O   1 
HETATM 1129 O  O   . HOH D 4 .   ? -10.736 -10.277 2.959   0.82 24.57 ? 223 HOH A O   1 
HETATM 1130 O  O   . HOH D 4 .   ? -7.021  1.619   9.009   0.56 35.82 ? 224 HOH A O   1 
HETATM 1131 O  O   . HOH D 4 .   ? -5.721  -2.488  13.788  0.82 31.32 ? 225 HOH A O   1 
HETATM 1132 O  O   . HOH D 4 .   ? -0.574  -19.011 2.511   0.93 24.94 ? 226 HOH A O   1 
HETATM 1133 O  O   . HOH D 4 .   ? -14.914 -2.664  3.805   0.74 27.25 ? 227 HOH A O   1 
HETATM 1134 O  O   . HOH D 4 .   ? 0.733   -17.586 3.912   0.68 34.44 ? 228 HOH A O   1 
HETATM 1135 O  O   . HOH D 4 .   ? -13.313 -7.643  1.754   0.98 25.53 ? 229 HOH A O   1 
HETATM 1136 O  O   . HOH D 4 .   ? -2.106  16.837  6.537   0.81 35.81 ? 230 HOH A O   1 
HETATM 1137 O  O   . HOH D 4 .   ? -1.715  -5.306  10.382  0.83 24.32 ? 231 HOH A O   1 
HETATM 1138 O  O   . HOH D 4 .   ? 18.836  -1.355  -5.260  0.80 32.83 ? 232 HOH A O   1 
HETATM 1139 O  O   . HOH D 4 .   ? -4.243  -0.363  12.270  0.90 24.21 ? 233 HOH A O   1 
HETATM 1140 O  O   . HOH D 4 .   ? -5.955  -14.496 2.890   0.99 18.12 ? 234 HOH A O   1 
HETATM 1141 O  O   . HOH D 4 .   ? 1.247   -7.813  9.913   0.87 29.53 ? 235 HOH A O   1 
HETATM 1142 O  O   . HOH D 4 .   ? -13.914 6.438   2.913   0.65 31.08 ? 236 HOH A O   1 
HETATM 1143 O  O   . HOH D 4 .   ? -14.519 -1.027  1.605   0.72 31.93 ? 237 HOH A O   1 
HETATM 1144 O  O   . HOH D 4 .   ? 5.865   -10.388 7.566   0.84 29.12 ? 238 HOH A O   1 
HETATM 1145 O  O   . HOH D 4 .   ? -9.049  11.930  4.630   0.99 29.17 ? 239 HOH A O   1 
HETATM 1146 O  O   . HOH D 4 .   ? -1.028  3.186   -11.653 0.76 32.99 ? 240 HOH A O   1 
HETATM 1147 O  O   . HOH D 4 .   ? -6.344  -13.656 -12.385 0.87 33.12 ? 241 HOH A O   1 
HETATM 1148 O  O   . HOH D 4 .   ? -0.787  14.257  3.353   0.86 25.05 ? 242 HOH A O   1 
HETATM 1149 O  O   . HOH D 4 .   ? -6.765  10.697  3.838   0.99 19.72 ? 243 HOH A O   1 
HETATM 1150 O  O   . HOH D 4 .   ? -6.988  -14.322 -5.713  0.80 25.78 ? 244 HOH A O   1 
HETATM 1151 O  O   . HOH D 4 .   ? -9.148  -13.507 -11.929 0.60 34.11 ? 245 HOH A O   1 
HETATM 1152 O  O   . HOH D 4 .   ? 3.247   16.549  1.816   0.74 30.22 ? 246 HOH A O   1 
HETATM 1153 O  O   . HOH D 4 .   ? -18.642 -5.359  -1.960  0.65 28.48 ? 247 HOH A O   1 
HETATM 1154 O  O   . HOH D 4 .   ? 5.696   -11.666 1.210   0.91 20.36 ? 248 HOH A O   1 
HETATM 1155 O  O   . HOH D 4 .   ? -3.155  -10.789 -14.877 0.77 34.72 ? 249 HOH A O   1 
HETATM 1156 O  O   . HOH D 4 .   ? 15.225  -13.004 -1.783  0.87 30.72 ? 250 HOH A O   1 
HETATM 1157 O  O   . HOH D 4 .   ? 6.906   2.405   -9.406  0.93 23.68 ? 251 HOH A O   1 
HETATM 1158 O  O   . HOH D 4 .   ? 7.910   16.311  0.148   0.70 40.37 ? 252 HOH A O   1 
HETATM 1159 O  O   . HOH D 4 .   ? 8.674   16.103  2.252   0.82 34.31 ? 253 HOH A O   1 
HETATM 1160 O  O   . HOH D 4 .   ? 8.413   6.976   -11.708 0.67 33.69 ? 254 HOH A O   1 
HETATM 1161 O  O   . HOH D 4 .   ? -3.535  7.233   -6.042  1.00 23.38 ? 255 HOH A O   1 
HETATM 1162 O  O   . HOH D 4 .   ? -14.174 -6.250  -10.396 0.99 27.24 ? 256 HOH A O   1 
HETATM 1163 O  O   . HOH D 4 .   ? 9.697   9.822   -6.190  0.59 31.81 ? 257 HOH A O   1 
HETATM 1164 O  O   . HOH D 4 .   ? 3.751   -5.768  -10.924 0.67 26.35 ? 258 HOH A O   1 
HETATM 1165 O  O   . HOH D 4 .   ? 0.080   1.131   -12.189 1.00 22.82 ? 259 HOH A O   1 
HETATM 1166 O  O   . HOH D 4 .   ? -3.517  -1.881  -12.329 1.00 25.19 ? 260 HOH A O   1 
HETATM 1167 O  O   . HOH D 4 .   ? -15.127 -8.084  -14.574 0.95 25.24 ? 261 HOH A O   1 
HETATM 1168 O  O   . HOH D 4 .   ? -2.359  0.146   -12.887 0.59 34.55 ? 262 HOH A O   1 
HETATM 1169 O  O   . HOH D 4 .   ? -15.566 10.611  -3.719  0.51 39.41 ? 263 HOH A O   1 
HETATM 1170 O  O   . HOH D 4 .   ? -8.903  10.948  -4.497  0.70 22.06 ? 264 HOH A O   1 
HETATM 1171 O  O   . HOH D 4 .   ? -18.054 7.694   -7.187  0.90 35.33 ? 265 HOH A O   1 
HETATM 1172 O  O   . HOH D 4 .   ? -12.154 9.756   -6.324  0.94 27.64 ? 266 HOH A O   1 
HETATM 1173 O  O   . HOH D 4 .   ? 2.710   -15.908 -0.585  0.87 24.33 ? 267 HOH A O   1 
HETATM 1174 O  O   . HOH D 4 .   ? -4.202  -13.079 -13.019 0.74 32.62 ? 268 HOH A O   1 
HETATM 1175 O  O   . HOH D 4 .   ? 0.516   16.769  9.313   0.75 22.81 ? 269 HOH A O   1 
HETATM 1176 O  O   . HOH D 4 .   ? 1.554   -14.947 -5.450  0.67 38.09 ? 270 HOH A O   1 
HETATM 1177 O  O   . HOH D 4 .   ? 2.068   11.359  -2.533  0.75 33.46 ? 271 HOH A O   1 
HETATM 1178 O  O   . HOH D 4 .   ? 1.635   19.395  10.457  0.72 36.44 ? 272 HOH A O   1 
HETATM 1179 O  O   . HOH D 4 .   ? -15.731 -8.429  1.904   0.54 32.66 ? 273 HOH A O   1 
HETATM 1180 O  O   . HOH D 4 .   ? 13.766  8.456   15.622  0.77 29.81 ? 274 HOH A O   1 
HETATM 1181 O  O   . HOH D 4 .   ? 1.024   -9.814  -7.445  0.99 17.76 ? 275 HOH A O   1 
HETATM 1182 O  O   . HOH D 4 .   ? -9.757  10.584  12.088  0.91 20.24 ? 276 HOH A O   1 
HETATM 1183 O  O   . HOH D 4 .   ? -4.304  12.872  16.076  0.99 27.28 ? 277 HOH A O   1 
HETATM 1184 O  O   . HOH D 4 .   ? 9.723   18.418  -4.338  0.87 37.31 ? 278 HOH A O   1 
HETATM 1185 O  O   . HOH D 4 .   ? 14.132  0.863   10.175  0.71 22.20 ? 279 HOH A O   1 
HETATM 1186 O  O   . HOH D 4 .   ? -17.083 3.534   -10.652 0.74 20.69 ? 280 HOH A O   1 
HETATM 1187 O  O   . HOH D 4 .   ? -11.329 7.272   3.172   0.87 29.47 ? 281 HOH A O   1 
HETATM 1188 O  O   . HOH D 4 .   ? 0.436   -14.718 4.823   0.82 23.72 ? 282 HOH A O   1 
HETATM 1189 O  O   . HOH D 4 .   ? 9.185   -10.040 -8.714  0.70 37.90 ? 283 HOH A O   1 
HETATM 1190 O  O   . HOH D 4 .   ? 11.347  8.934   8.466   0.94 26.71 ? 284 HOH A O   1 
HETATM 1191 O  O   . HOH D 4 .   ? 0.832   13.273  15.502  0.99 16.83 ? 285 HOH A O   1 
HETATM 1192 O  O   . HOH D 4 .   ? 16.958  -7.401  5.641   0.84 27.79 ? 286 HOH A O   1 
HETATM 1193 O  O   . HOH D 4 .   ? -15.865 -0.296  8.741   0.59 30.54 ? 287 HOH A O   1 
HETATM 1194 O  O   . HOH D 4 .   ? 1.641   -11.691 -12.558 0.69 37.06 ? 288 HOH A O   1 
HETATM 1195 O  O   . HOH D 4 .   ? 11.503  16.020  -1.538  0.95 36.23 ? 289 HOH A O   1 
HETATM 1196 O  O   . HOH D 4 .   ? -9.672  7.769   -8.602  0.93 27.11 ? 290 HOH A O   1 
HETATM 1197 O  O   . HOH D 4 .   ? 0.761   16.480  5.148   0.74 34.40 ? 291 HOH A O   1 
HETATM 1198 O  O   . HOH D 4 .   ? -4.660  17.119  6.212   0.99 31.24 ? 292 HOH A O   1 
HETATM 1199 O  O   . HOH D 4 .   ? -17.699 -3.766  7.000   0.78 35.37 ? 293 HOH A O   1 
HETATM 1200 O  O   . HOH D 4 .   ? 19.928  2.459   -2.812  0.68 21.54 ? 294 HOH A O   1 
HETATM 1201 O  O   . HOH D 4 .   ? 15.421  10.392  1.370   0.94 28.87 ? 295 HOH A O   1 
HETATM 1202 O  O   . HOH D 4 .   ? 15.112  12.209  -2.871  0.76 38.45 ? 296 HOH A O   1 
HETATM 1203 O  O   . HOH D 4 .   ? -2.095  -16.237 -6.305  0.68 35.00 ? 297 HOH A O   1 
HETATM 1204 O  O   . HOH D 4 .   ? -14.753 3.077   -9.013  1.00 22.49 ? 298 HOH A O   1 
HETATM 1205 O  O   . HOH D 4 .   ? -22.514 -1.413  0.681   0.55 38.52 ? 299 HOH A O   1 
HETATM 1206 O  O   . HOH D 4 .   ? 14.398  -4.816  -14.292 0.89 28.92 ? 300 HOH A O   1 
HETATM 1207 O  O   . HOH D 4 .   ? 9.420   -14.833 -0.033  0.64 33.65 ? 301 HOH A O   1 
HETATM 1208 O  O   . HOH D 4 .   ? -11.872 12.744  2.930   0.64 26.92 ? 302 HOH A O   1 
HETATM 1209 O  O   . HOH D 4 .   ? -1.834  10.969  -1.182  0.82 27.89 ? 303 HOH A O   1 
HETATM 1210 O  O   . HOH D 4 .   ? 0.107   12.766  -0.822  0.68 24.23 ? 304 HOH A O   1 
HETATM 1211 O  O   . HOH D 4 .   ? 0.337   9.365   -2.430  0.93 32.11 ? 305 HOH A O   1 
HETATM 1212 O  O   . HOH D 4 .   ? 0.444   6.380   -7.192  0.76 27.66 ? 306 HOH A O   1 
HETATM 1213 O  O   . HOH D 4 .   ? -12.542 10.066  -3.751  0.79 34.78 ? 307 HOH A O   1 
HETATM 1214 O  O   . HOH D 4 .   ? -2.478  2.161   13.451  0.82 24.13 ? 308 HOH A O   1 
HETATM 1215 O  O   . HOH D 4 .   ? -4.785  1.246   9.680   0.51 35.99 ? 309 HOH A O   1 
HETATM 1216 O  O   . HOH D 4 .   ? 2.473   -9.687  7.758   0.80 38.20 ? 310 HOH A O   1 
HETATM 1217 O  O   . HOH D 4 .   ? 15.621  6.693   11.388  0.87 35.82 ? 311 HOH A O   1 
HETATM 1218 O  O   . HOH D 4 .   ? -15.313 -5.323  4.849   0.67 28.24 ? 312 HOH A O   1 
HETATM 1219 O  O   . HOH D 4 .   ? -7.290  12.512  11.956  0.72 36.61 ? 313 HOH A O   1 
HETATM 1220 O  O   . HOH D 4 .   ? 18.637  -4.907  -6.584  0.73 33.22 ? 314 HOH A O   1 
HETATM 1221 O  O   . HOH D 4 .   ? 19.561  -7.100  -6.315  1.00 33.64 ? 315 HOH A O   1 
HETATM 1222 O  O   . HOH D 4 .   ? 1.089   -12.045 -6.720  0.77 34.73 ? 316 HOH A O   1 
HETATM 1223 O  O   . HOH D 4 .   ? -14.820 -10.856 -4.132  0.65 25.71 ? 317 HOH A O   1 
HETATM 1224 O  O   . HOH D 4 .   ? -18.944 -2.022  1.252   0.86 38.62 ? 318 HOH A O   1 
HETATM 1225 O  O   . HOH D 4 .   ? 10.193  21.591  -4.494  0.65 37.09 ? 319 HOH A O   1 
HETATM 1226 O  O   . HOH D 4 .   ? -7.855  9.131   -7.022  0.67 26.62 ? 320 HOH A O   1 
HETATM 1227 O  O   . HOH D 4 .   ? -3.982  1.429   -12.147 0.71 36.99 ? 321 HOH A O   1 
HETATM 1228 O  O   . HOH D 4 .   ? -0.823  8.307   -5.404  0.55 30.13 ? 322 HOH A O   1 
HETATM 1229 O  O   . HOH D 4 .   ? -21.052 0.665   0.153   0.52 33.66 ? 323 HOH A O   1 
HETATM 1230 O  O   . HOH D 4 .   ? -0.326  -13.577 -7.199  0.68 32.80 ? 324 HOH A O   1 
HETATM 1231 O  O   . HOH D 4 .   ? -17.211 -6.992  3.772   0.75 34.43 ? 325 HOH A O   1 
HETATM 1232 O  O   . HOH D 4 .   ? -19.790 -8.139  4.629   0.67 35.09 ? 326 HOH A O   1 
HETATM 1233 O  O   . HOH D 4 .   ? -9.523  -14.049 0.342   0.69 27.86 ? 327 HOH A O   1 
HETATM 1234 O  O   . HOH D 4 .   ? -9.692  -12.915 2.075   0.68 25.38 ? 328 HOH A O   1 
HETATM 1235 O  O   . HOH D 4 .   ? -1.523  -15.052 -8.049  0.69 38.15 ? 329 HOH A O   1 
HETATM 1236 O  O   . HOH D 4 .   ? -3.185  -16.367 -2.741  0.70 33.29 ? 330 HOH A O   1 
HETATM 1237 O  O   . HOH D 4 .   ? 10.762  -3.297  -11.655 0.72 31.39 ? 331 HOH A O   1 
HETATM 1238 O  O   . HOH D 4 .   ? 18.012  -1.061  -10.414 0.61 38.98 ? 332 HOH A O   1 
HETATM 1239 O  O   . HOH D 4 .   ? 11.708  -6.474  6.736   0.69 28.60 ? 333 HOH A O   1 
HETATM 1240 O  O   . HOH D 4 .   ? 14.413  -1.842  7.067   0.70 28.52 ? 334 HOH A O   1 
HETATM 1241 O  O   . HOH D 4 .   ? 21.039  0.043   2.250   0.62 39.10 ? 335 HOH A O   1 
HETATM 1242 O  O   . HOH D 4 .   ? 7.871   -10.958 -6.667  0.64 31.29 ? 336 HOH A O   1 
HETATM 1243 O  O   . HOH D 4 .   ? 4.891   -15.194 -2.975  0.71 35.63 ? 337 HOH A O   1 
HETATM 1244 O  O   . HOH D 4 .   ? -17.130 10.392  1.174   0.62 33.91 ? 338 HOH A O   1 
HETATM 1245 O  O   . HOH D 4 .   ? -0.779  -14.381 7.180   0.83 36.71 ? 339 HOH A O   1 
HETATM 1246 O  O   . HOH D 4 .   ? 18.253  11.850  4.064   0.65 35.52 ? 340 HOH A O   1 
HETATM 1247 O  O   . HOH D 4 .   ? -6.486  -4.483  17.355  0.54 27.67 ? 341 HOH A O   1 
HETATM 1248 O  O   . HOH D 4 .   ? 19.371  -7.567  -4.000  0.57 33.09 ? 342 HOH A O   1 
HETATM 1249 O  O   . HOH D 4 .   ? 2.810   -4.230  11.482  0.59 30.75 ? 343 HOH A O   1 
HETATM 1250 O  O   . HOH D 4 .   ? 15.785  4.273   11.978  0.61 37.92 ? 344 HOH A O   1 
HETATM 1251 O  O   . HOH D 4 .   ? 20.909  3.279   3.732   0.52 36.26 ? 345 HOH A O   1 
HETATM 1252 O  O   . HOH D 4 .   ? 20.706  -8.096  -2.106  0.74 30.01 ? 346 HOH A O   1 
HETATM 1253 O  O   . HOH D 4 .   ? -4.366  -15.876 -5.178  0.68 25.95 ? 347 HOH A O   1 
HETATM 1254 O  O   . HOH D 4 .   ? 6.349   -13.675 2.490   0.79 33.32 ? 348 HOH A O   1 
HETATM 1255 O  O   . HOH D 4 .   ? 16.264  9.164   -8.311  0.60 31.88 ? 349 HOH A O   1 
HETATM 1256 O  O   . HOH D 4 .   ? 19.276  6.671   -1.693  0.61 32.06 ? 350 HOH A O   1 
HETATM 1257 O  O   . HOH D 4 .   ? -1.580  0.438   14.831  0.56 38.22 ? 351 HOH A O   1 
HETATM 1258 O  O   . HOH D 4 .   ? 3.864   11.173  -3.670  0.71 25.37 ? 352 HOH A O   1 
HETATM 1259 O  O   . HOH D 4 .   ? 11.633  13.577  -4.020  0.70 37.61 ? 353 HOH A O   1 
HETATM 1260 O  O   . HOH D 4 .   ? -15.764 -3.764  -10.778 0.68 28.15 ? 354 HOH A O   1 
HETATM 1261 O  O   . HOH D 4 .   ? 14.677  6.345   6.535   0.64 37.56 ? 355 HOH A O   1 
HETATM 1262 O  O   . HOH D 4 .   ? -7.060  -6.104  -15.995 0.20 30.00 ? 356 HOH A O   1 
# 
